data_7BJN
# 
_entry.id   7BJN 
# 
_audit_conform.dict_name       mmcif_pdbx.dic 
_audit_conform.dict_version    5.391 
_audit_conform.dict_location   http://mmcif.pdb.org/dictionaries/ascii/mmcif_pdbx.dic 
# 
loop_
_database_2.database_id 
_database_2.database_code 
_database_2.pdbx_database_accession 
_database_2.pdbx_DOI 
PDB   7BJN         pdb_00007bjn 10.2210/pdb7bjn/pdb 
WWPDB D_1292113503 ?            ?                   
# 
loop_
_pdbx_audit_revision_history.ordinal 
_pdbx_audit_revision_history.data_content_type 
_pdbx_audit_revision_history.major_revision 
_pdbx_audit_revision_history.minor_revision 
_pdbx_audit_revision_history.revision_date 
1 'Structure model' 1 0 2021-05-26 
2 'Structure model' 1 1 2021-06-30 
3 'Structure model' 1 2 2021-07-14 
4 'Structure model' 1 3 2024-05-01 
# 
_pdbx_audit_revision_details.ordinal             1 
_pdbx_audit_revision_details.revision_ordinal    1 
_pdbx_audit_revision_details.data_content_type   'Structure model' 
_pdbx_audit_revision_details.provider            repository 
_pdbx_audit_revision_details.type                'Initial release' 
_pdbx_audit_revision_details.description         ? 
_pdbx_audit_revision_details.details             ? 
# 
loop_
_pdbx_audit_revision_group.ordinal 
_pdbx_audit_revision_group.revision_ordinal 
_pdbx_audit_revision_group.data_content_type 
_pdbx_audit_revision_group.group 
1 2 'Structure model' 'Database references'    
2 3 'Structure model' 'Database references'    
3 4 'Structure model' 'Data collection'        
4 4 'Structure model' 'Database references'    
5 4 'Structure model' 'Refinement description' 
# 
loop_
_pdbx_audit_revision_category.ordinal 
_pdbx_audit_revision_category.revision_ordinal 
_pdbx_audit_revision_category.data_content_type 
_pdbx_audit_revision_category.category 
1 2 'Structure model' citation                      
2 2 'Structure model' citation_author               
3 3 'Structure model' citation                      
4 3 'Structure model' citation_author               
5 4 'Structure model' chem_comp_atom                
6 4 'Structure model' chem_comp_bond                
7 4 'Structure model' database_2                    
8 4 'Structure model' pdbx_initial_refinement_model 
# 
loop_
_pdbx_audit_revision_item.ordinal 
_pdbx_audit_revision_item.revision_ordinal 
_pdbx_audit_revision_item.data_content_type 
_pdbx_audit_revision_item.item 
1  2 'Structure model' '_citation.country'                   
2  2 'Structure model' '_citation.journal_abbrev'            
3  2 'Structure model' '_citation.journal_id_ASTM'           
4  2 'Structure model' '_citation.journal_id_CSD'            
5  2 'Structure model' '_citation.journal_id_ISSN'           
6  2 'Structure model' '_citation.pdbx_database_id_DOI'      
7  2 'Structure model' '_citation.pdbx_database_id_PubMed'   
8  2 'Structure model' '_citation.title'                     
9  2 'Structure model' '_citation.year'                      
10 2 'Structure model' '_citation_author.identifier_ORCID'   
11 2 'Structure model' '_citation_author.name'               
12 3 'Structure model' '_citation.journal_volume'            
13 3 'Structure model' '_citation.page_first'                
14 3 'Structure model' '_citation.page_last'                 
15 3 'Structure model' '_citation_author.identifier_ORCID'   
16 4 'Structure model' '_database_2.pdbx_DOI'                
17 4 'Structure model' '_database_2.pdbx_database_accession' 
# 
_pdbx_database_status.status_code                     REL 
_pdbx_database_status.status_code_sf                  REL 
_pdbx_database_status.status_code_mr                  ? 
_pdbx_database_status.entry_id                        7BJN 
_pdbx_database_status.recvd_initial_deposition_date   2021-01-14 
_pdbx_database_status.SG_entry                        N 
_pdbx_database_status.deposit_site                    PDBE 
_pdbx_database_status.process_site                    PDBE 
_pdbx_database_status.status_code_cs                  ? 
_pdbx_database_status.status_code_nmr_data            ? 
_pdbx_database_status.methods_development_category    ? 
_pdbx_database_status.pdb_format_compatible           Y 
# 
loop_
_audit_author.name 
_audit_author.pdbx_ordinal 
_audit_author.identifier_ORCID 
'Dimitrova-Paternoga, L.' 1 0000-0001-5673-6373 
'Jagtap, P.K.A.'          2 0000-0002-9457-4130 
'Ephrussi, A.'            3 0000-0002-5061-4620 
'Hennig, J.'              4 0000-0001-5214-7002 
# 
_citation.abstract                  ? 
_citation.abstract_id_CAS           ? 
_citation.book_id_ISBN              ? 
_citation.book_publisher            ? 
_citation.book_publisher_city       ? 
_citation.book_title                ? 
_citation.coordinate_linkage        ? 
_citation.country                   US 
_citation.database_id_Medline       ? 
_citation.details                   ? 
_citation.id                        primary 
_citation.journal_abbrev            'Genes Dev.' 
_citation.journal_id_ASTM           GEDEEP 
_citation.journal_id_CSD            2056 
_citation.journal_id_ISSN           0890-9369 
_citation.journal_full              ? 
_citation.journal_issue             ? 
_citation.journal_volume            35 
_citation.language                  ? 
_citation.page_first                976 
_citation.page_last                 991 
_citation.title                     'Molecular basis of mRNA transport by a kinesin-1-atypical tropomyosin complex.' 
_citation.year                      2021 
_citation.database_id_CSD           ? 
_citation.pdbx_database_id_DOI      10.1101/gad.348443.121 
_citation.pdbx_database_id_PubMed   34140355 
_citation.pdbx_database_id_patent   ? 
_citation.unpublished_flag          ? 
# 
loop_
_citation_author.citation_id 
_citation_author.name 
_citation_author.ordinal 
_citation_author.identifier_ORCID 
primary 'Dimitrova-Paternoga, L.' 1  ? 
primary 'Jagtap, P.K.A.'          2  ? 
primary 'Cyrklaff, A.'            3  ? 
primary 'Lapouge, K.'             4  ? 
primary 'Sehr, P.'                5  ? 
primary 'Perez, K.'               6  ? 
primary 'Heber, S.'               7  ? 
primary 'Low, C.'                 8  ? 
primary 'Hennig, J.'              9  ? 
primary 'Ephrussi, A.'            10 ? 
# 
loop_
_entity.id 
_entity.type 
_entity.src_method 
_entity.pdbx_description 
_entity.formula_weight 
_entity.pdbx_number_of_molecules 
_entity.pdbx_ec 
_entity.pdbx_mutation 
_entity.pdbx_fragment 
_entity.details 
1 polymer man SD21996p 7649.507 2  ? ? ? ? 
2 water   nat water    18.015   14 ? ? ? ? 
# 
_entity_name_com.entity_id   1 
_entity_name_com.name        'Tropomyosin 1,isoform H' 
# 
_entity_poly.entity_id                      1 
_entity_poly.type                           'polypeptide(L)' 
_entity_poly.nstd_linkage                   no 
_entity_poly.nstd_monomer                   no 
_entity_poly.pdbx_seq_one_letter_code       SMELHNIMNTQLKRAESEVAALNRRIQLLEEDLERSEERLGSATAKLSEASQAADESERARKILENR 
_entity_poly.pdbx_seq_one_letter_code_can   SMELHNIMNTQLKRAESEVAALNRRIQLLEEDLERSEERLGSATAKLSEASQAADESERARKILENR 
_entity_poly.pdbx_strand_id                 A,B 
_entity_poly.pdbx_target_identifier         ? 
# 
_pdbx_entity_nonpoly.entity_id   2 
_pdbx_entity_nonpoly.name        water 
_pdbx_entity_nonpoly.comp_id     HOH 
# 
loop_
_entity_poly_seq.entity_id 
_entity_poly_seq.num 
_entity_poly_seq.mon_id 
_entity_poly_seq.hetero 
1 1  SER n 
1 2  MET n 
1 3  GLU n 
1 4  LEU n 
1 5  HIS n 
1 6  ASN n 
1 7  ILE n 
1 8  MET n 
1 9  ASN n 
1 10 THR n 
1 11 GLN n 
1 12 LEU n 
1 13 LYS n 
1 14 ARG n 
1 15 ALA n 
1 16 GLU n 
1 17 SER n 
1 18 GLU n 
1 19 VAL n 
1 20 ALA n 
1 21 ALA n 
1 22 LEU n 
1 23 ASN n 
1 24 ARG n 
1 25 ARG n 
1 26 ILE n 
1 27 GLN n 
1 28 LEU n 
1 29 LEU n 
1 30 GLU n 
1 31 GLU n 
1 32 ASP n 
1 33 LEU n 
1 34 GLU n 
1 35 ARG n 
1 36 SER n 
1 37 GLU n 
1 38 GLU n 
1 39 ARG n 
1 40 LEU n 
1 41 GLY n 
1 42 SER n 
1 43 ALA n 
1 44 THR n 
1 45 ALA n 
1 46 LYS n 
1 47 LEU n 
1 48 SER n 
1 49 GLU n 
1 50 ALA n 
1 51 SER n 
1 52 GLN n 
1 53 ALA n 
1 54 ALA n 
1 55 ASP n 
1 56 GLU n 
1 57 SER n 
1 58 GLU n 
1 59 ARG n 
1 60 ALA n 
1 61 ARG n 
1 62 LYS n 
1 63 ILE n 
1 64 LEU n 
1 65 GLU n 
1 66 ASN n 
1 67 ARG n 
# 
_entity_src_gen.entity_id                          1 
_entity_src_gen.pdbx_src_id                        1 
_entity_src_gen.pdbx_alt_source_flag               sample 
_entity_src_gen.pdbx_seq_type                      'Biological sequence' 
_entity_src_gen.pdbx_beg_seq_num                   1 
_entity_src_gen.pdbx_end_seq_num                   67 
_entity_src_gen.gene_src_common_name               'Fruit fly' 
_entity_src_gen.gene_src_genus                     ? 
_entity_src_gen.pdbx_gene_src_gene                 
;Tm1, 10, 1305, 2299, BcDNA:GH09289, BcDNA:LD37158, BcDNA:SD21996, chr3R:11122272..11122408, cTM, cTm, cTmII, Dm Tm1, Dm TmH33, Dm TmH34, Dmel\CG4898, DmTm1, l(3)02299, l(3)S130510, l(3)s2958, mTmII, PmI, region 3, TM, Tm, TM1, tm1, TmH, TmH-33, TmH-34, TmH33, TmH34, TMII, TmII, tmII, Tmr33, Tmr34, TnH, TnH-33, TnH-34, tropomyosin, CG4898, Dmel_CG4898
;
_entity_src_gen.gene_src_species                   ? 
_entity_src_gen.gene_src_strain                    ? 
_entity_src_gen.gene_src_tissue                    ? 
_entity_src_gen.gene_src_tissue_fraction           ? 
_entity_src_gen.gene_src_details                   ? 
_entity_src_gen.pdbx_gene_src_fragment             ? 
_entity_src_gen.pdbx_gene_src_scientific_name      'Drosophila melanogaster' 
_entity_src_gen.pdbx_gene_src_ncbi_taxonomy_id     7227 
_entity_src_gen.pdbx_gene_src_variant              ? 
_entity_src_gen.pdbx_gene_src_cell_line            ? 
_entity_src_gen.pdbx_gene_src_atcc                 ? 
_entity_src_gen.pdbx_gene_src_organ                ? 
_entity_src_gen.pdbx_gene_src_organelle            ? 
_entity_src_gen.pdbx_gene_src_cell                 ? 
_entity_src_gen.pdbx_gene_src_cellular_location    ? 
_entity_src_gen.host_org_common_name               ? 
_entity_src_gen.pdbx_host_org_scientific_name      'Escherichia coli' 
_entity_src_gen.pdbx_host_org_ncbi_taxonomy_id     562 
_entity_src_gen.host_org_genus                     ? 
_entity_src_gen.pdbx_host_org_gene                 ? 
_entity_src_gen.pdbx_host_org_organ                ? 
_entity_src_gen.host_org_species                   ? 
_entity_src_gen.pdbx_host_org_tissue               ? 
_entity_src_gen.pdbx_host_org_tissue_fraction      ? 
_entity_src_gen.pdbx_host_org_strain               ? 
_entity_src_gen.pdbx_host_org_variant              ? 
_entity_src_gen.pdbx_host_org_cell_line            ? 
_entity_src_gen.pdbx_host_org_atcc                 ? 
_entity_src_gen.pdbx_host_org_culture_collection   ? 
_entity_src_gen.pdbx_host_org_cell                 ? 
_entity_src_gen.pdbx_host_org_organelle            ? 
_entity_src_gen.pdbx_host_org_cellular_location    ? 
_entity_src_gen.pdbx_host_org_vector_type          ? 
_entity_src_gen.pdbx_host_org_vector               ? 
_entity_src_gen.host_org_details                   ? 
_entity_src_gen.expression_system_id               ? 
_entity_src_gen.plasmid_name                       ? 
_entity_src_gen.plasmid_details                    ? 
_entity_src_gen.pdbx_description                   ? 
# 
loop_
_chem_comp.id 
_chem_comp.type 
_chem_comp.mon_nstd_flag 
_chem_comp.name 
_chem_comp.pdbx_synonyms 
_chem_comp.formula 
_chem_comp.formula_weight 
ALA 'L-peptide linking' y ALANINE         ? 'C3 H7 N O2'     89.093  
ARG 'L-peptide linking' y ARGININE        ? 'C6 H15 N4 O2 1' 175.209 
ASN 'L-peptide linking' y ASPARAGINE      ? 'C4 H8 N2 O3'    132.118 
ASP 'L-peptide linking' y 'ASPARTIC ACID' ? 'C4 H7 N O4'     133.103 
GLN 'L-peptide linking' y GLUTAMINE       ? 'C5 H10 N2 O3'   146.144 
GLU 'L-peptide linking' y 'GLUTAMIC ACID' ? 'C5 H9 N O4'     147.129 
GLY 'peptide linking'   y GLYCINE         ? 'C2 H5 N O2'     75.067  
HIS 'L-peptide linking' y HISTIDINE       ? 'C6 H10 N3 O2 1' 156.162 
HOH non-polymer         . WATER           ? 'H2 O'           18.015  
ILE 'L-peptide linking' y ISOLEUCINE      ? 'C6 H13 N O2'    131.173 
LEU 'L-peptide linking' y LEUCINE         ? 'C6 H13 N O2'    131.173 
LYS 'L-peptide linking' y LYSINE          ? 'C6 H15 N2 O2 1' 147.195 
MET 'L-peptide linking' y METHIONINE      ? 'C5 H11 N O2 S'  149.211 
SER 'L-peptide linking' y SERINE          ? 'C3 H7 N O3'     105.093 
THR 'L-peptide linking' y THREONINE       ? 'C4 H9 N O3'     119.119 
VAL 'L-peptide linking' y VALINE          ? 'C5 H11 N O2'    117.146 
# 
loop_
_pdbx_poly_seq_scheme.asym_id 
_pdbx_poly_seq_scheme.entity_id 
_pdbx_poly_seq_scheme.seq_id 
_pdbx_poly_seq_scheme.mon_id 
_pdbx_poly_seq_scheme.ndb_seq_num 
_pdbx_poly_seq_scheme.pdb_seq_num 
_pdbx_poly_seq_scheme.auth_seq_num 
_pdbx_poly_seq_scheme.pdb_mon_id 
_pdbx_poly_seq_scheme.auth_mon_id 
_pdbx_poly_seq_scheme.pdb_strand_id 
_pdbx_poly_seq_scheme.pdb_ins_code 
_pdbx_poly_seq_scheme.hetero 
A 1 1  SER 1  268 ?   ?   ?   A . n 
A 1 2  MET 2  269 ?   ?   ?   A . n 
A 1 3  GLU 3  270 ?   ?   ?   A . n 
A 1 4  LEU 4  271 ?   ?   ?   A . n 
A 1 5  HIS 5  272 272 HIS HIS A . n 
A 1 6  ASN 6  273 273 ASN ASN A . n 
A 1 7  ILE 7  274 274 ILE ILE A . n 
A 1 8  MET 8  275 275 MET MET A . n 
A 1 9  ASN 9  276 276 ASN ASN A . n 
A 1 10 THR 10 277 277 THR THR A . n 
A 1 11 GLN 11 278 278 GLN GLN A . n 
A 1 12 LEU 12 279 279 LEU LEU A . n 
A 1 13 LYS 13 280 280 LYS LYS A . n 
A 1 14 ARG 14 281 281 ARG ARG A . n 
A 1 15 ALA 15 282 282 ALA ALA A . n 
A 1 16 GLU 16 283 283 GLU GLU A . n 
A 1 17 SER 17 284 284 SER SER A . n 
A 1 18 GLU 18 285 285 GLU GLU A . n 
A 1 19 VAL 19 286 286 VAL VAL A . n 
A 1 20 ALA 20 287 287 ALA ALA A . n 
A 1 21 ALA 21 288 288 ALA ALA A . n 
A 1 22 LEU 22 289 289 LEU LEU A . n 
A 1 23 ASN 23 290 290 ASN ASN A . n 
A 1 24 ARG 24 291 291 ARG ARG A . n 
A 1 25 ARG 25 292 292 ARG ARG A . n 
A 1 26 ILE 26 293 293 ILE ILE A . n 
A 1 27 GLN 27 294 294 GLN GLN A . n 
A 1 28 LEU 28 295 295 LEU LEU A . n 
A 1 29 LEU 29 296 296 LEU LEU A . n 
A 1 30 GLU 30 297 297 GLU GLU A . n 
A 1 31 GLU 31 298 298 GLU GLU A . n 
A 1 32 ASP 32 299 299 ASP ASP A . n 
A 1 33 LEU 33 300 300 LEU LEU A . n 
A 1 34 GLU 34 301 301 GLU GLU A . n 
A 1 35 ARG 35 302 302 ARG ARG A . n 
A 1 36 SER 36 303 303 SER SER A . n 
A 1 37 GLU 37 304 304 GLU GLU A . n 
A 1 38 GLU 38 305 305 GLU GLU A . n 
A 1 39 ARG 39 306 306 ARG ARG A . n 
A 1 40 LEU 40 307 307 LEU LEU A . n 
A 1 41 GLY 41 308 308 GLY GLY A . n 
A 1 42 SER 42 309 309 SER SER A . n 
A 1 43 ALA 43 310 310 ALA ALA A . n 
A 1 44 THR 44 311 311 THR THR A . n 
A 1 45 ALA 45 312 312 ALA ALA A . n 
A 1 46 LYS 46 313 313 LYS LYS A . n 
A 1 47 LEU 47 314 314 LEU LEU A . n 
A 1 48 SER 48 315 315 SER SER A . n 
A 1 49 GLU 49 316 316 GLU GLU A . n 
A 1 50 ALA 50 317 317 ALA ALA A . n 
A 1 51 SER 51 318 318 SER SER A . n 
A 1 52 GLN 52 319 319 GLN GLN A . n 
A 1 53 ALA 53 320 320 ALA ALA A . n 
A 1 54 ALA 54 321 321 ALA ALA A . n 
A 1 55 ASP 55 322 322 ASP ASP A . n 
A 1 56 GLU 56 323 323 GLU GLU A . n 
A 1 57 SER 57 324 324 SER SER A . n 
A 1 58 GLU 58 325 325 GLU GLU A . n 
A 1 59 ARG 59 326 326 ARG ARG A . n 
A 1 60 ALA 60 327 327 ALA ALA A . n 
A 1 61 ARG 61 328 328 ARG ARG A . n 
A 1 62 LYS 62 329 329 LYS LYS A . n 
A 1 63 ILE 63 330 330 ILE ILE A . n 
A 1 64 LEU 64 331 ?   ?   ?   A . n 
A 1 65 GLU 65 332 ?   ?   ?   A . n 
A 1 66 ASN 66 333 ?   ?   ?   A . n 
A 1 67 ARG 67 334 ?   ?   ?   A . n 
B 1 1  SER 1  268 ?   ?   ?   B . n 
B 1 2  MET 2  269 ?   ?   ?   B . n 
B 1 3  GLU 3  270 ?   ?   ?   B . n 
B 1 4  LEU 4  271 ?   ?   ?   B . n 
B 1 5  HIS 5  272 ?   ?   ?   B . n 
B 1 6  ASN 6  273 ?   ?   ?   B . n 
B 1 7  ILE 7  274 ?   ?   ?   B . n 
B 1 8  MET 8  275 ?   ?   ?   B . n 
B 1 9  ASN 9  276 ?   ?   ?   B . n 
B 1 10 THR 10 277 277 THR THR B . n 
B 1 11 GLN 11 278 278 GLN GLN B . n 
B 1 12 LEU 12 279 279 LEU LEU B . n 
B 1 13 LYS 13 280 280 LYS LYS B . n 
B 1 14 ARG 14 281 281 ARG ARG B . n 
B 1 15 ALA 15 282 282 ALA ALA B . n 
B 1 16 GLU 16 283 283 GLU GLU B . n 
B 1 17 SER 17 284 284 SER SER B . n 
B 1 18 GLU 18 285 285 GLU GLU B . n 
B 1 19 VAL 19 286 286 VAL VAL B . n 
B 1 20 ALA 20 287 287 ALA ALA B . n 
B 1 21 ALA 21 288 288 ALA ALA B . n 
B 1 22 LEU 22 289 289 LEU LEU B . n 
B 1 23 ASN 23 290 290 ASN ASN B . n 
B 1 24 ARG 24 291 291 ARG ARG B . n 
B 1 25 ARG 25 292 292 ARG ARG B . n 
B 1 26 ILE 26 293 293 ILE ILE B . n 
B 1 27 GLN 27 294 294 GLN GLN B . n 
B 1 28 LEU 28 295 295 LEU LEU B . n 
B 1 29 LEU 29 296 296 LEU LEU B . n 
B 1 30 GLU 30 297 297 GLU GLU B . n 
B 1 31 GLU 31 298 298 GLU GLU B . n 
B 1 32 ASP 32 299 299 ASP ASP B . n 
B 1 33 LEU 33 300 300 LEU LEU B . n 
B 1 34 GLU 34 301 301 GLU GLU B . n 
B 1 35 ARG 35 302 302 ARG ARG B . n 
B 1 36 SER 36 303 303 SER SER B . n 
B 1 37 GLU 37 304 304 GLU GLU B . n 
B 1 38 GLU 38 305 305 GLU GLU B . n 
B 1 39 ARG 39 306 306 ARG ARG B . n 
B 1 40 LEU 40 307 307 LEU LEU B . n 
B 1 41 GLY 41 308 308 GLY GLY B . n 
B 1 42 SER 42 309 309 SER SER B . n 
B 1 43 ALA 43 310 310 ALA ALA B . n 
B 1 44 THR 44 311 311 THR THR B . n 
B 1 45 ALA 45 312 312 ALA ALA B . n 
B 1 46 LYS 46 313 313 LYS LYS B . n 
B 1 47 LEU 47 314 314 LEU LEU B . n 
B 1 48 SER 48 315 315 SER SER B . n 
B 1 49 GLU 49 316 316 GLU GLU B . n 
B 1 50 ALA 50 317 317 ALA ALA B . n 
B 1 51 SER 51 318 318 SER SER B . n 
B 1 52 GLN 52 319 319 GLN GLN B . n 
B 1 53 ALA 53 320 ?   ?   ?   B . n 
B 1 54 ALA 54 321 ?   ?   ?   B . n 
B 1 55 ASP 55 322 ?   ?   ?   B . n 
B 1 56 GLU 56 323 ?   ?   ?   B . n 
B 1 57 SER 57 324 ?   ?   ?   B . n 
B 1 58 GLU 58 325 ?   ?   ?   B . n 
B 1 59 ARG 59 326 ?   ?   ?   B . n 
B 1 60 ALA 60 327 ?   ?   ?   B . n 
B 1 61 ARG 61 328 ?   ?   ?   B . n 
B 1 62 LYS 62 329 ?   ?   ?   B . n 
B 1 63 ILE 63 330 ?   ?   ?   B . n 
B 1 64 LEU 64 331 ?   ?   ?   B . n 
B 1 65 GLU 65 332 ?   ?   ?   B . n 
B 1 66 ASN 66 333 ?   ?   ?   B . n 
B 1 67 ARG 67 334 ?   ?   ?   B . n 
# 
loop_
_pdbx_nonpoly_scheme.asym_id 
_pdbx_nonpoly_scheme.entity_id 
_pdbx_nonpoly_scheme.mon_id 
_pdbx_nonpoly_scheme.ndb_seq_num 
_pdbx_nonpoly_scheme.pdb_seq_num 
_pdbx_nonpoly_scheme.auth_seq_num 
_pdbx_nonpoly_scheme.pdb_mon_id 
_pdbx_nonpoly_scheme.auth_mon_id 
_pdbx_nonpoly_scheme.pdb_strand_id 
_pdbx_nonpoly_scheme.pdb_ins_code 
C 2 HOH 1  401 7  HOH HOH A . 
C 2 HOH 2  402 8  HOH HOH A . 
C 2 HOH 3  403 2  HOH HOH A . 
C 2 HOH 4  404 14 HOH HOH A . 
C 2 HOH 5  405 4  HOH HOH A . 
C 2 HOH 6  406 12 HOH HOH A . 
C 2 HOH 7  407 6  HOH HOH A . 
C 2 HOH 8  408 1  HOH HOH A . 
C 2 HOH 9  409 10 HOH HOH A . 
C 2 HOH 10 410 9  HOH HOH A . 
D 2 HOH 1  401 11 HOH HOH B . 
D 2 HOH 2  402 5  HOH HOH B . 
D 2 HOH 3  403 3  HOH HOH B . 
D 2 HOH 4  404 13 HOH HOH B . 
# 
loop_
_pdbx_unobs_or_zero_occ_atoms.id 
_pdbx_unobs_or_zero_occ_atoms.PDB_model_num 
_pdbx_unobs_or_zero_occ_atoms.polymer_flag 
_pdbx_unobs_or_zero_occ_atoms.occupancy_flag 
_pdbx_unobs_or_zero_occ_atoms.auth_asym_id 
_pdbx_unobs_or_zero_occ_atoms.auth_comp_id 
_pdbx_unobs_or_zero_occ_atoms.auth_seq_id 
_pdbx_unobs_or_zero_occ_atoms.PDB_ins_code 
_pdbx_unobs_or_zero_occ_atoms.auth_atom_id 
_pdbx_unobs_or_zero_occ_atoms.label_alt_id 
_pdbx_unobs_or_zero_occ_atoms.label_asym_id 
_pdbx_unobs_or_zero_occ_atoms.label_comp_id 
_pdbx_unobs_or_zero_occ_atoms.label_seq_id 
_pdbx_unobs_or_zero_occ_atoms.label_atom_id 
1  1 Y 1 A GLN 278 ? CD  ? A GLN 11 CD  
2  1 Y 1 A GLN 278 ? OE1 ? A GLN 11 OE1 
3  1 Y 1 A GLN 278 ? NE2 ? A GLN 11 NE2 
4  1 Y 1 A LYS 280 ? CE  ? A LYS 13 CE  
5  1 Y 1 A LYS 280 ? NZ  ? A LYS 13 NZ  
6  1 Y 1 A ARG 281 ? CG  ? A ARG 14 CG  
7  1 Y 1 A ARG 281 ? CD  ? A ARG 14 CD  
8  1 Y 1 A ARG 281 ? NE  ? A ARG 14 NE  
9  1 Y 1 A ARG 281 ? CZ  ? A ARG 14 CZ  
10 1 Y 1 A ARG 281 ? NH1 ? A ARG 14 NH1 
11 1 Y 1 A ARG 281 ? NH2 ? A ARG 14 NH2 
12 1 Y 1 A LYS 313 ? CE  ? A LYS 46 CE  
13 1 Y 1 A LYS 313 ? NZ  ? A LYS 46 NZ  
14 1 Y 1 A GLU 316 ? CD  ? A GLU 49 CD  
15 1 Y 1 A ARG 326 ? CZ  ? A ARG 59 CZ  
16 1 Y 1 A ARG 326 ? NH1 ? A ARG 59 NH1 
17 1 Y 1 A ARG 326 ? NH2 ? A ARG 59 NH2 
18 1 Y 1 B LYS 280 ? CG  ? B LYS 13 CG  
19 1 Y 1 B LYS 280 ? CD  ? B LYS 13 CD  
20 1 Y 1 B LYS 280 ? CE  ? B LYS 13 CE  
21 1 Y 1 B LYS 280 ? NZ  ? B LYS 13 NZ  
22 1 Y 1 B ARG 281 ? CG  ? B ARG 14 CG  
23 1 Y 1 B ARG 281 ? CD  ? B ARG 14 CD  
24 1 Y 1 B ARG 281 ? NE  ? B ARG 14 NE  
25 1 Y 1 B ARG 281 ? CZ  ? B ARG 14 CZ  
26 1 Y 1 B ARG 281 ? NH1 ? B ARG 14 NH1 
27 1 Y 1 B ARG 281 ? NH2 ? B ARG 14 NH2 
# 
loop_
_software.citation_id 
_software.classification 
_software.compiler_name 
_software.compiler_version 
_software.contact_author 
_software.contact_author_email 
_software.date 
_software.description 
_software.dependencies 
_software.hardware 
_software.language 
_software.location 
_software.mods 
_software.name 
_software.os 
_software.os_version 
_software.type 
_software.version 
_software.pdbx_ordinal 
? 'data reduction'  ? ? ? ? ? ? ? ? ? ? ? XDS         ? ? ? .           1 
? 'data scaling'    ? ? ? ? ? ? ? ? ? ? ? XSCALE      ? ? ? .           2 
? refinement        ? ? ? ? ? ? ? ? ? ? ? PHENIX      ? ? ? 1.17.1_3660 3 
? 'data extraction' ? ? ? ? ? ? ? ? ? ? ? PDB_EXTRACT ? ? ? 3.25        4 
? phasing           ? ? ? ? ? ? ? ? ? ? ? AMPLE       ? ? ? .           5 
# 
_cell.angle_alpha                  90.000 
_cell.angle_alpha_esd              ? 
_cell.angle_beta                   90.000 
_cell.angle_beta_esd               ? 
_cell.angle_gamma                  120.000 
_cell.angle_gamma_esd              ? 
_cell.entry_id                     7BJN 
_cell.details                      ? 
_cell.formula_units_Z              ? 
_cell.length_a                     127.880 
_cell.length_a_esd                 ? 
_cell.length_b                     127.880 
_cell.length_b_esd                 ? 
_cell.length_c                     34.170 
_cell.length_c_esd                 ? 
_cell.volume                       ? 
_cell.volume_esd                   ? 
_cell.Z_PDB                        18 
_cell.reciprocal_angle_alpha       ? 
_cell.reciprocal_angle_beta        ? 
_cell.reciprocal_angle_gamma       ? 
_cell.reciprocal_angle_alpha_esd   ? 
_cell.reciprocal_angle_beta_esd    ? 
_cell.reciprocal_angle_gamma_esd   ? 
_cell.reciprocal_length_a          ? 
_cell.reciprocal_length_b          ? 
_cell.reciprocal_length_c          ? 
_cell.reciprocal_length_a_esd      ? 
_cell.reciprocal_length_b_esd      ? 
_cell.reciprocal_length_c_esd      ? 
_cell.pdbx_unique_axis             ? 
# 
_symmetry.entry_id                         7BJN 
_symmetry.cell_setting                     ? 
_symmetry.Int_Tables_number                146 
_symmetry.space_group_name_Hall            ? 
_symmetry.space_group_name_H-M             'H 3' 
_symmetry.pdbx_full_space_group_name_H-M   ? 
# 
_exptl.absorpt_coefficient_mu     ? 
_exptl.absorpt_correction_T_max   ? 
_exptl.absorpt_correction_T_min   ? 
_exptl.absorpt_correction_type    ? 
_exptl.absorpt_process_details    ? 
_exptl.entry_id                   7BJN 
_exptl.crystals_number            1 
_exptl.details                    ? 
_exptl.method                     'X-RAY DIFFRACTION' 
_exptl.method_details             ? 
# 
_exptl_crystal.colour                      ? 
_exptl_crystal.density_diffrn              ? 
_exptl_crystal.density_Matthews            4.67 
_exptl_crystal.density_method              ? 
_exptl_crystal.density_percent_sol         73.67 
_exptl_crystal.description                 ? 
_exptl_crystal.F_000                       ? 
_exptl_crystal.id                          1 
_exptl_crystal.preparation                 ? 
_exptl_crystal.size_max                    ? 
_exptl_crystal.size_mid                    ? 
_exptl_crystal.size_min                    ? 
_exptl_crystal.size_rad                    ? 
_exptl_crystal.colour_lustre               ? 
_exptl_crystal.colour_modifier             ? 
_exptl_crystal.colour_primary              ? 
_exptl_crystal.density_meas                ? 
_exptl_crystal.density_meas_esd            ? 
_exptl_crystal.density_meas_gt             ? 
_exptl_crystal.density_meas_lt             ? 
_exptl_crystal.density_meas_temp           ? 
_exptl_crystal.density_meas_temp_esd       ? 
_exptl_crystal.density_meas_temp_gt        ? 
_exptl_crystal.density_meas_temp_lt        ? 
_exptl_crystal.pdbx_crystal_image_url      ? 
_exptl_crystal.pdbx_crystal_image_format   ? 
_exptl_crystal.pdbx_mosaicity              ? 
_exptl_crystal.pdbx_mosaicity_esd          ? 
# 
_exptl_crystal_grow.apparatus       ? 
_exptl_crystal_grow.atmosphere      ? 
_exptl_crystal_grow.crystal_id      1 
_exptl_crystal_grow.details         ? 
_exptl_crystal_grow.method          'VAPOR DIFFUSION, HANGING DROP' 
_exptl_crystal_grow.method_ref      ? 
_exptl_crystal_grow.pH              4.6 
_exptl_crystal_grow.pressure        ? 
_exptl_crystal_grow.pressure_esd    ? 
_exptl_crystal_grow.seeding         ? 
_exptl_crystal_grow.seeding_ref     ? 
_exptl_crystal_grow.temp            293 
_exptl_crystal_grow.temp_details    ? 
_exptl_crystal_grow.temp_esd        ? 
_exptl_crystal_grow.time            ? 
_exptl_crystal_grow.pdbx_details    '0.1 M NH4Ac pH 4.6, 15% (w/v) PEG 4000' 
_exptl_crystal_grow.pdbx_pH_range   ? 
# 
_diffrn.ambient_environment              ? 
_diffrn.ambient_temp                     100 
_diffrn.ambient_temp_details             ? 
_diffrn.ambient_temp_esd                 ? 
_diffrn.crystal_id                       1 
_diffrn.crystal_support                  ? 
_diffrn.crystal_treatment                ? 
_diffrn.details                          ? 
_diffrn.id                               1 
_diffrn.ambient_pressure                 ? 
_diffrn.ambient_pressure_esd             ? 
_diffrn.ambient_pressure_gt              ? 
_diffrn.ambient_pressure_lt              ? 
_diffrn.ambient_temp_gt                  ? 
_diffrn.ambient_temp_lt                  ? 
_diffrn.pdbx_serial_crystal_experiment   N 
# 
_diffrn_detector.details                      ? 
_diffrn_detector.detector                     PIXEL 
_diffrn_detector.diffrn_id                    1 
_diffrn_detector.type                         'DECTRIS PILATUS3 6M' 
_diffrn_detector.area_resol_mean              ? 
_diffrn_detector.dtime                        ? 
_diffrn_detector.pdbx_frames_total            ? 
_diffrn_detector.pdbx_collection_time_total   ? 
_diffrn_detector.pdbx_collection_date         2018-08-31 
_diffrn_detector.pdbx_frequency               ? 
# 
_diffrn_radiation.collimation                      ? 
_diffrn_radiation.diffrn_id                        1 
_diffrn_radiation.filter_edge                      ? 
_diffrn_radiation.inhomogeneity                    ? 
_diffrn_radiation.monochromator                    ? 
_diffrn_radiation.polarisn_norm                    ? 
_diffrn_radiation.polarisn_ratio                   ? 
_diffrn_radiation.probe                            ? 
_diffrn_radiation.type                             ? 
_diffrn_radiation.xray_symbol                      ? 
_diffrn_radiation.wavelength_id                    1 
_diffrn_radiation.pdbx_monochromatic_or_laue_m_l   M 
_diffrn_radiation.pdbx_wavelength_list             ? 
_diffrn_radiation.pdbx_wavelength                  ? 
_diffrn_radiation.pdbx_diffrn_protocol             'SINGLE WAVELENGTH' 
_diffrn_radiation.pdbx_analyzer                    ? 
_diffrn_radiation.pdbx_scattering_type             x-ray 
# 
_diffrn_radiation_wavelength.id           1 
_diffrn_radiation_wavelength.wavelength   1.0723 
_diffrn_radiation_wavelength.wt           1.0 
# 
_diffrn_source.current                     ? 
_diffrn_source.details                     ? 
_diffrn_source.diffrn_id                   1 
_diffrn_source.power                       ? 
_diffrn_source.size                        ? 
_diffrn_source.source                      SYNCHROTRON 
_diffrn_source.target                      ? 
_diffrn_source.type                        'ESRF BEAMLINE ID29' 
_diffrn_source.voltage                     ? 
_diffrn_source.take-off_angle              ? 
_diffrn_source.pdbx_wavelength_list        1.0723 
_diffrn_source.pdbx_wavelength             ? 
_diffrn_source.pdbx_synchrotron_beamline   ID29 
_diffrn_source.pdbx_synchrotron_site       ESRF 
# 
_reflns.B_iso_Wilson_estimate                          50.978 
_reflns.entry_id                                       7BJN 
_reflns.data_reduction_details                         ? 
_reflns.data_reduction_method                          ? 
_reflns.d_resolution_high                              2.300 
_reflns.d_resolution_low                               63.940 
_reflns.details                                        ? 
_reflns.limit_h_max                                    ? 
_reflns.limit_h_min                                    ? 
_reflns.limit_k_max                                    ? 
_reflns.limit_k_min                                    ? 
_reflns.limit_l_max                                    ? 
_reflns.limit_l_min                                    ? 
_reflns.number_all                                     ? 
_reflns.number_obs                                     9264 
_reflns.observed_criterion                             ? 
_reflns.observed_criterion_F_max                       ? 
_reflns.observed_criterion_F_min                       ? 
_reflns.observed_criterion_I_max                       ? 
_reflns.observed_criterion_I_min                       ? 
_reflns.observed_criterion_sigma_F                     ? 
_reflns.observed_criterion_sigma_I                     ? 
_reflns.percent_possible_obs                           99.800 
_reflns.R_free_details                                 ? 
_reflns.Rmerge_F_all                                   ? 
_reflns.Rmerge_F_obs                                   ? 
_reflns.Friedel_coverage                               ? 
_reflns.number_gt                                      ? 
_reflns.threshold_expression                           ? 
_reflns.pdbx_redundancy                                5.227 
_reflns.pdbx_Rmerge_I_obs                              0.093 
_reflns.pdbx_Rmerge_I_all                              ? 
_reflns.pdbx_Rsym_value                                ? 
_reflns.pdbx_netI_over_av_sigmaI                       ? 
_reflns.pdbx_netI_over_sigmaI                          10.450 
_reflns.pdbx_res_netI_over_av_sigmaI_2                 ? 
_reflns.pdbx_res_netI_over_sigmaI_2                    ? 
_reflns.pdbx_chi_squared                               1.022 
_reflns.pdbx_scaling_rejects                           ? 
_reflns.pdbx_d_res_high_opt                            ? 
_reflns.pdbx_d_res_low_opt                             ? 
_reflns.pdbx_d_res_opt_method                          ? 
_reflns.phase_calculation_details                      ? 
_reflns.pdbx_Rrim_I_all                                0.103 
_reflns.pdbx_Rpim_I_all                                ? 
_reflns.pdbx_d_opt                                     ? 
_reflns.pdbx_number_measured_all                       48426 
_reflns.pdbx_diffrn_id                                 1 
_reflns.pdbx_ordinal                                   1 
_reflns.pdbx_CC_half                                   0.998 
_reflns.pdbx_CC_star                                   ? 
_reflns.pdbx_R_split                                   ? 
_reflns.pdbx_aniso_diffraction_limit_axis_1_ortho[1]   ? 
_reflns.pdbx_aniso_diffraction_limit_axis_1_ortho[2]   ? 
_reflns.pdbx_aniso_diffraction_limit_axis_1_ortho[3]   ? 
_reflns.pdbx_aniso_diffraction_limit_axis_2_ortho[1]   ? 
_reflns.pdbx_aniso_diffraction_limit_axis_2_ortho[2]   ? 
_reflns.pdbx_aniso_diffraction_limit_axis_2_ortho[3]   ? 
_reflns.pdbx_aniso_diffraction_limit_axis_3_ortho[1]   ? 
_reflns.pdbx_aniso_diffraction_limit_axis_3_ortho[2]   ? 
_reflns.pdbx_aniso_diffraction_limit_axis_3_ortho[3]   ? 
_reflns.pdbx_aniso_diffraction_limit_1                 ? 
_reflns.pdbx_aniso_diffraction_limit_2                 ? 
_reflns.pdbx_aniso_diffraction_limit_3                 ? 
_reflns.pdbx_aniso_B_tensor_eigenvector_1_ortho[1]     ? 
_reflns.pdbx_aniso_B_tensor_eigenvector_1_ortho[2]     ? 
_reflns.pdbx_aniso_B_tensor_eigenvector_1_ortho[3]     ? 
_reflns.pdbx_aniso_B_tensor_eigenvector_2_ortho[1]     ? 
_reflns.pdbx_aniso_B_tensor_eigenvector_2_ortho[2]     ? 
_reflns.pdbx_aniso_B_tensor_eigenvector_2_ortho[3]     ? 
_reflns.pdbx_aniso_B_tensor_eigenvector_3_ortho[1]     ? 
_reflns.pdbx_aniso_B_tensor_eigenvector_3_ortho[2]     ? 
_reflns.pdbx_aniso_B_tensor_eigenvector_3_ortho[3]     ? 
_reflns.pdbx_aniso_B_tensor_eigenvalue_1               ? 
_reflns.pdbx_aniso_B_tensor_eigenvalue_2               ? 
_reflns.pdbx_aniso_B_tensor_eigenvalue_3               ? 
_reflns.pdbx_orthogonalization_convention              ? 
_reflns.pdbx_percent_possible_ellipsoidal              ? 
_reflns.pdbx_percent_possible_spherical                ? 
_reflns.pdbx_percent_possible_ellipsoidal_anomalous    ? 
_reflns.pdbx_percent_possible_spherical_anomalous      ? 
_reflns.pdbx_redundancy_anomalous                      ? 
_reflns.pdbx_CC_half_anomalous                         ? 
_reflns.pdbx_absDiff_over_sigma_anomalous              ? 
_reflns.pdbx_percent_possible_anomalous                ? 
_reflns.pdbx_observed_signal_threshold                 ? 
_reflns.pdbx_signal_type                               ? 
_reflns.pdbx_signal_details                            ? 
_reflns.pdbx_signal_software_id                        ? 
# 
loop_
_reflns_shell.d_res_high 
_reflns_shell.d_res_low 
_reflns_shell.meanI_over_sigI_all 
_reflns_shell.meanI_over_sigI_obs 
_reflns_shell.number_measured_all 
_reflns_shell.number_measured_obs 
_reflns_shell.number_possible 
_reflns_shell.number_unique_all 
_reflns_shell.number_unique_obs 
_reflns_shell.percent_possible_all 
_reflns_shell.percent_possible_obs 
_reflns_shell.Rmerge_F_all 
_reflns_shell.Rmerge_F_obs 
_reflns_shell.Rmerge_I_all 
_reflns_shell.Rmerge_I_obs 
_reflns_shell.meanI_over_sigI_gt 
_reflns_shell.meanI_over_uI_all 
_reflns_shell.meanI_over_uI_gt 
_reflns_shell.number_measured_gt 
_reflns_shell.number_unique_gt 
_reflns_shell.percent_possible_gt 
_reflns_shell.Rmerge_F_gt 
_reflns_shell.Rmerge_I_gt 
_reflns_shell.pdbx_redundancy 
_reflns_shell.pdbx_Rsym_value 
_reflns_shell.pdbx_chi_squared 
_reflns_shell.pdbx_netI_over_sigmaI_all 
_reflns_shell.pdbx_netI_over_sigmaI_obs 
_reflns_shell.pdbx_Rrim_I_all 
_reflns_shell.pdbx_Rpim_I_all 
_reflns_shell.pdbx_rejects 
_reflns_shell.pdbx_ordinal 
_reflns_shell.pdbx_diffrn_id 
_reflns_shell.pdbx_CC_half 
_reflns_shell.pdbx_CC_star 
_reflns_shell.pdbx_R_split 
_reflns_shell.pdbx_percent_possible_ellipsoidal 
_reflns_shell.pdbx_percent_possible_spherical 
_reflns_shell.pdbx_percent_possible_ellipsoidal_anomalous 
_reflns_shell.pdbx_percent_possible_spherical_anomalous 
_reflns_shell.pdbx_redundancy_anomalous 
_reflns_shell.pdbx_CC_half_anomalous 
_reflns_shell.pdbx_absDiff_over_sigma_anomalous 
_reflns_shell.pdbx_percent_possible_anomalous 
2.300  2.360  ? 1.330  ? 3364 676 ? 664 98.200  ? ? ? ? 0.984 ? ? ? ? ? ? ? ? 5.066 ? ? ? ? 1.097 ? ? 1  1 0.559 ? ? ? ? ? ? ? ? ? 
? 
2.360  2.420  ? 1.920  ? 3693 688 ? 688 100.000 ? ? ? ? 0.765 ? ? ? ? ? ? ? ? 5.368 ? ? ? ? 0.848 ? ? 2  1 0.761 ? ? ? ? ? ? ? ? ? 
? 
2.420  2.490  ? 2.300  ? 3454 652 ? 652 100.000 ? ? ? ? 0.633 ? ? ? ? ? ? ? ? 5.298 ? ? ? ? 0.704 ? ? 3  1 0.790 ? ? ? ? ? ? ? ? ? 
? 
2.490  2.570  ? 2.710  ? 3283 632 ? 631 99.800  ? ? ? ? 0.520 ? ? ? ? ? ? ? ? 5.203 ? ? ? ? 0.578 ? ? 4  1 0.850 ? ? ? ? ? ? ? ? ? 
? 
2.570  2.650  ? 3.400  ? 3070 605 ? 604 99.800  ? ? ? ? 0.410 ? ? ? ? ? ? ? ? 5.083 ? ? ? ? 0.458 ? ? 5  1 0.884 ? ? ? ? ? ? ? ? ? 
? 
2.650  2.750  ? 3.890  ? 2926 598 ? 597 99.800  ? ? ? ? 0.346 ? ? ? ? ? ? ? ? 4.901 ? ? ? ? 0.388 ? ? 6  1 0.939 ? ? ? ? ? ? ? ? ? 
? 
2.750  2.850  ? 5.770  ? 3042 578 ? 578 100.000 ? ? ? ? 0.256 ? ? ? ? ? ? ? ? 5.263 ? ? ? ? 0.285 ? ? 7  1 0.946 ? ? ? ? ? ? ? ? ? 
? 
2.850  2.970  ? 6.840  ? 2929 542 ? 542 100.000 ? ? ? ? 0.207 ? ? ? ? ? ? ? ? 5.404 ? ? ? ? 0.229 ? ? 8  1 0.973 ? ? ? ? ? ? ? ? ? 
? 
2.970  3.100  ? 9.300  ? 2971 554 ? 554 100.000 ? ? ? ? 0.158 ? ? ? ? ? ? ? ? 5.363 ? ? ? ? 0.175 ? ? 9  1 0.981 ? ? ? ? ? ? ? ? ? 
? 
3.100  3.250  ? 11.220 ? 2470 464 ? 463 99.800  ? ? ? ? 0.123 ? ? ? ? ? ? ? ? 5.335 ? ? ? ? 0.137 ? ? 10 1 0.990 ? ? ? ? ? ? ? ? ? 
? 
3.250  3.430  ? 14.220 ? 2569 498 ? 495 99.400  ? ? ? ? 0.098 ? ? ? ? ? ? ? ? 5.190 ? ? ? ? 0.110 ? ? 11 1 0.993 ? ? ? ? ? ? ? ? ? 
? 
3.430  3.630  ? 16.170 ? 2171 447 ? 447 100.000 ? ? ? ? 0.079 ? ? ? ? ? ? ? ? 4.857 ? ? ? ? 0.089 ? ? 12 1 0.994 ? ? ? ? ? ? ? ? ? 
? 
3.630  3.880  ? 20.770 ? 2417 437 ? 437 100.000 ? ? ? ? 0.068 ? ? ? ? ? ? ? ? 5.531 ? ? ? ? 0.075 ? ? 13 1 0.996 ? ? ? ? ? ? ? ? ? 
? 
3.880  4.200  ? 22.590 ? 2137 390 ? 390 100.000 ? ? ? ? 0.059 ? ? ? ? ? ? ? ? 5.479 ? ? ? ? 0.065 ? ? 14 1 0.997 ? ? ? ? ? ? ? ? ? 
? 
4.200  4.600  ? 24.350 ? 1895 358 ? 358 100.000 ? ? ? ? 0.057 ? ? ? ? ? ? ? ? 5.293 ? ? ? ? 0.064 ? ? 15 1 0.997 ? ? ? ? ? ? ? ? ? 
? 
4.600  5.140  ? 23.540 ? 1671 338 ? 338 100.000 ? ? ? ? 0.054 ? ? ? ? ? ? ? ? 4.944 ? ? ? ? 0.060 ? ? 16 1 0.997 ? ? ? ? ? ? ? ? ? 
? 
5.140  5.930  ? 18.990 ? 1517 287 ? 286 99.700  ? ? ? ? 0.072 ? ? ? ? ? ? ? ? 5.304 ? ? ? ? 0.080 ? ? 17 1 0.996 ? ? ? ? ? ? ? ? ? 
? 
5.930  7.270  ? 22.310 ? 1342 249 ? 248 99.600  ? ? ? ? 0.061 ? ? ? ? ? ? ? ? 5.411 ? ? ? ? 0.068 ? ? 18 1 0.997 ? ? ? ? ? ? ? ? ? 
? 
7.270  10.280 ? 31.550 ? 922  186 ? 186 100.000 ? ? ? ? 0.036 ? ? ? ? ? ? ? ? 4.957 ? ? ? ? 0.040 ? ? 19 1 0.998 ? ? ? ? ? ? ? ? ? 
? 
10.280 63.940 ? 37.350 ? 583  107 ? 106 99.100  ? ? ? ? 0.033 ? ? ? ? ? ? ? ? 5.500 ? ? ? ? 0.037 ? ? 20 1 0.999 ? ? ? ? ? ? ? ? ? 
? 
# 
_refine.aniso_B[1][1]                            ? 
_refine.aniso_B[1][2]                            ? 
_refine.aniso_B[1][3]                            ? 
_refine.aniso_B[2][2]                            ? 
_refine.aniso_B[2][3]                            ? 
_refine.aniso_B[3][3]                            ? 
_refine.B_iso_max                                150.100 
_refine.B_iso_mean                               78.4922 
_refine.B_iso_min                                33.850 
_refine.correlation_coeff_Fo_to_Fc               ? 
_refine.correlation_coeff_Fo_to_Fc_free          ? 
_refine.details                                  ? 
_refine.diff_density_max                         ? 
_refine.diff_density_max_esd                     ? 
_refine.diff_density_min                         ? 
_refine.diff_density_min_esd                     ? 
_refine.diff_density_rms                         ? 
_refine.diff_density_rms_esd                     ? 
_refine.entry_id                                 7BJN 
_refine.pdbx_refine_id                           'X-RAY DIFFRACTION' 
_refine.ls_abs_structure_details                 ? 
_refine.ls_abs_structure_Flack                   ? 
_refine.ls_abs_structure_Flack_esd               ? 
_refine.ls_abs_structure_Rogers                  ? 
_refine.ls_abs_structure_Rogers_esd              ? 
_refine.ls_d_res_high                            2.3000 
_refine.ls_d_res_low                             63.9400 
_refine.ls_extinction_coef                       ? 
_refine.ls_extinction_coef_esd                   ? 
_refine.ls_extinction_expression                 ? 
_refine.ls_extinction_method                     ? 
_refine.ls_goodness_of_fit_all                   ? 
_refine.ls_goodness_of_fit_all_esd               ? 
_refine.ls_goodness_of_fit_obs                   ? 
_refine.ls_goodness_of_fit_obs_esd               ? 
_refine.ls_hydrogen_treatment                    ? 
_refine.ls_matrix_type                           ? 
_refine.ls_number_constraints                    ? 
_refine.ls_number_parameters                     ? 
_refine.ls_number_reflns_all                     ? 
_refine.ls_number_reflns_obs                     9259 
_refine.ls_number_reflns_R_free                  464 
_refine.ls_number_reflns_R_work                  8795 
_refine.ls_number_restraints                     ? 
_refine.ls_percent_reflns_obs                    99.7100 
_refine.ls_percent_reflns_R_free                 5.0100 
_refine.ls_R_factor_all                          ? 
_refine.ls_R_factor_obs                          0.2357 
_refine.ls_R_factor_R_free                       0.2695 
_refine.ls_R_factor_R_free_error                 ? 
_refine.ls_R_factor_R_free_error_details         ? 
_refine.ls_R_factor_R_work                       0.2340 
_refine.ls_R_Fsqd_factor_obs                     ? 
_refine.ls_R_I_factor_obs                        ? 
_refine.ls_redundancy_reflns_all                 ? 
_refine.ls_redundancy_reflns_obs                 ? 
_refine.ls_restrained_S_all                      ? 
_refine.ls_restrained_S_obs                      ? 
_refine.ls_shift_over_esd_max                    ? 
_refine.ls_shift_over_esd_mean                   ? 
_refine.ls_structure_factor_coef                 ? 
_refine.ls_weighting_details                     ? 
_refine.ls_weighting_scheme                      ? 
_refine.ls_wR_factor_all                         ? 
_refine.ls_wR_factor_obs                         ? 
_refine.ls_wR_factor_R_free                      ? 
_refine.ls_wR_factor_R_work                      ? 
_refine.occupancy_max                            ? 
_refine.occupancy_min                            ? 
_refine.solvent_model_details                    'FLAT BULK SOLVENT MODEL' 
_refine.solvent_model_param_bsol                 ? 
_refine.solvent_model_param_ksol                 ? 
_refine.pdbx_R_complete                          ? 
_refine.ls_R_factor_gt                           ? 
_refine.ls_goodness_of_fit_gt                    ? 
_refine.ls_goodness_of_fit_ref                   ? 
_refine.ls_shift_over_su_max                     ? 
_refine.ls_shift_over_su_max_lt                  ? 
_refine.ls_shift_over_su_mean                    ? 
_refine.ls_shift_over_su_mean_lt                 ? 
_refine.pdbx_ls_sigma_I                          ? 
_refine.pdbx_ls_sigma_F                          1.930 
_refine.pdbx_ls_sigma_Fsqd                       ? 
_refine.pdbx_data_cutoff_high_absF               ? 
_refine.pdbx_data_cutoff_high_rms_absF           ? 
_refine.pdbx_data_cutoff_low_absF                ? 
_refine.pdbx_isotropic_thermal_model             ? 
_refine.pdbx_ls_cross_valid_method               THROUGHOUT 
_refine.pdbx_method_to_determine_struct          'MOLECULAR REPLACEMENT' 
_refine.pdbx_starting_model                      'poly Ala helix' 
_refine.pdbx_stereochemistry_target_values       ML 
_refine.pdbx_R_Free_selection_details            ? 
_refine.pdbx_stereochem_target_val_spec_case     ? 
_refine.pdbx_overall_ESU_R                       ? 
_refine.pdbx_overall_ESU_R_Free                  ? 
_refine.pdbx_solvent_vdw_probe_radii             1.1100 
_refine.pdbx_solvent_ion_probe_radii             ? 
_refine.pdbx_solvent_shrinkage_radii             0.9000 
_refine.pdbx_real_space_R                        ? 
_refine.pdbx_density_correlation                 ? 
_refine.pdbx_pd_number_of_powder_patterns        ? 
_refine.pdbx_pd_number_of_points                 ? 
_refine.pdbx_pd_meas_number_of_points            ? 
_refine.pdbx_pd_proc_ls_prof_R_factor            ? 
_refine.pdbx_pd_proc_ls_prof_wR_factor           ? 
_refine.pdbx_pd_Marquardt_correlation_coeff      ? 
_refine.pdbx_pd_Fsqrd_R_factor                   ? 
_refine.pdbx_pd_ls_matrix_band_width             ? 
_refine.pdbx_overall_phase_error                 33.3900 
_refine.pdbx_overall_SU_R_free_Cruickshank_DPI   ? 
_refine.pdbx_overall_SU_R_free_Blow_DPI          ? 
_refine.pdbx_overall_SU_R_Blow_DPI               ? 
_refine.pdbx_TLS_residual_ADP_flag               ? 
_refine.pdbx_diffrn_id                           1 
_refine.overall_SU_B                             ? 
_refine.overall_SU_ML                            0.2500 
_refine.overall_SU_R_Cruickshank_DPI             ? 
_refine.overall_SU_R_free                        ? 
_refine.overall_FOM_free_R_set                   ? 
_refine.overall_FOM_work_R_set                   ? 
_refine.pdbx_average_fsc_overall                 ? 
_refine.pdbx_average_fsc_work                    ? 
_refine.pdbx_average_fsc_free                    ? 
# 
_refine_hist.pdbx_refine_id                   'X-RAY DIFFRACTION' 
_refine_hist.cycle_id                         final 
_refine_hist.details                          ? 
_refine_hist.d_res_high                       2.3000 
_refine_hist.d_res_low                        63.9400 
_refine_hist.number_atoms_solvent             14 
_refine_hist.number_atoms_total               789 
_refine_hist.number_reflns_all                ? 
_refine_hist.number_reflns_obs                ? 
_refine_hist.number_reflns_R_free             ? 
_refine_hist.number_reflns_R_work             ? 
_refine_hist.R_factor_all                     ? 
_refine_hist.R_factor_obs                     ? 
_refine_hist.R_factor_R_free                  ? 
_refine_hist.R_factor_R_work                  ? 
_refine_hist.pdbx_number_residues_total       102 
_refine_hist.pdbx_B_iso_mean_ligand           ? 
_refine_hist.pdbx_B_iso_mean_solvent          62.06 
_refine_hist.pdbx_number_atoms_protein        775 
_refine_hist.pdbx_number_atoms_nucleic_acid   0 
_refine_hist.pdbx_number_atoms_ligand         0 
_refine_hist.pdbx_number_atoms_lipid          ? 
_refine_hist.pdbx_number_atoms_carb           ? 
_refine_hist.pdbx_pseudo_atom_details         ? 
# 
loop_
_refine_ls_shell.pdbx_refine_id 
_refine_ls_shell.d_res_high 
_refine_ls_shell.d_res_low 
_refine_ls_shell.number_reflns_all 
_refine_ls_shell.number_reflns_obs 
_refine_ls_shell.number_reflns_R_free 
_refine_ls_shell.number_reflns_R_work 
_refine_ls_shell.percent_reflns_obs 
_refine_ls_shell.percent_reflns_R_free 
_refine_ls_shell.R_factor_all 
_refine_ls_shell.R_factor_obs 
_refine_ls_shell.R_factor_R_free 
_refine_ls_shell.R_factor_R_free_error 
_refine_ls_shell.R_factor_R_work 
_refine_ls_shell.redundancy_reflns_all 
_refine_ls_shell.redundancy_reflns_obs 
_refine_ls_shell.wR_factor_all 
_refine_ls_shell.wR_factor_obs 
_refine_ls_shell.wR_factor_R_free 
_refine_ls_shell.wR_factor_R_work 
_refine_ls_shell.pdbx_R_complete 
_refine_ls_shell.pdbx_total_number_of_bins_used 
_refine_ls_shell.pdbx_phase_error 
_refine_ls_shell.pdbx_fsc_work 
_refine_ls_shell.pdbx_fsc_free 
'X-RAY DIFFRACTION' 2.3000 2.6300  3070 . 154 2916 99.0000  . . . 0.3135 0.0000 0.2668 . . . . . . . 3 . . . 
'X-RAY DIFFRACTION' 2.6300 3.3100  3101 . 155 2946 100.0000 . . . 0.3408 0.0000 0.2727 . . . . . . . 3 . . . 
'X-RAY DIFFRACTION' 3.3200 63.9400 3088 . 155 2933 100.0000 . . . 0.2352 0.0000 0.2130 . . . . . . . 3 . . . 
# 
_struct.entry_id                     7BJN 
_struct.title                        'Crystal structure of atypical Tm1 (Tm1-I/C), residues 270-334' 
_struct.pdbx_model_details           ? 
_struct.pdbx_formula_weight          ? 
_struct.pdbx_formula_weight_method   ? 
_struct.pdbx_model_type_details      ? 
_struct.pdbx_CASP_flag               N 
# 
_struct_keywords.entry_id        7BJN 
_struct_keywords.text            'coiled-coil, mRNA transport, interaction with Khc, Drosophila oocyte, TRANSPORT PROTEIN' 
_struct_keywords.pdbx_keywords   'TRANSPORT PROTEIN' 
# 
loop_
_struct_asym.id 
_struct_asym.pdbx_blank_PDB_chainid_flag 
_struct_asym.pdbx_modified 
_struct_asym.entity_id 
_struct_asym.details 
A N N 1 ? 
B N N 1 ? 
C N N 2 ? 
D N N 2 ? 
# 
_struct_ref.id                         1 
_struct_ref.db_name                    UNP 
_struct_ref.db_code                    Q8IG84_DROME 
_struct_ref.pdbx_db_accession          Q8IG84 
_struct_ref.pdbx_db_isoform            ? 
_struct_ref.entity_id                  1 
_struct_ref.pdbx_seq_one_letter_code   ELHNIMNTQLKRAESEVAALNRRIQLLEEDLERSEERLGSATAKLSEASQAADESERARKILENR 
_struct_ref.pdbx_align_begin           507 
# 
loop_
_struct_ref_seq.align_id 
_struct_ref_seq.ref_id 
_struct_ref_seq.pdbx_PDB_id_code 
_struct_ref_seq.pdbx_strand_id 
_struct_ref_seq.seq_align_beg 
_struct_ref_seq.pdbx_seq_align_beg_ins_code 
_struct_ref_seq.seq_align_end 
_struct_ref_seq.pdbx_seq_align_end_ins_code 
_struct_ref_seq.pdbx_db_accession 
_struct_ref_seq.db_align_beg 
_struct_ref_seq.pdbx_db_align_beg_ins_code 
_struct_ref_seq.db_align_end 
_struct_ref_seq.pdbx_db_align_end_ins_code 
_struct_ref_seq.pdbx_auth_seq_align_beg 
_struct_ref_seq.pdbx_auth_seq_align_end 
1 1 7BJN A 3 ? 67 ? Q8IG84 507 ? 571 ? 270 334 
2 1 7BJN B 3 ? 67 ? Q8IG84 507 ? 571 ? 270 334 
# 
loop_
_struct_ref_seq_dif.align_id 
_struct_ref_seq_dif.pdbx_pdb_id_code 
_struct_ref_seq_dif.mon_id 
_struct_ref_seq_dif.pdbx_pdb_strand_id 
_struct_ref_seq_dif.seq_num 
_struct_ref_seq_dif.pdbx_pdb_ins_code 
_struct_ref_seq_dif.pdbx_seq_db_name 
_struct_ref_seq_dif.pdbx_seq_db_accession_code 
_struct_ref_seq_dif.db_mon_id 
_struct_ref_seq_dif.pdbx_seq_db_seq_num 
_struct_ref_seq_dif.details 
_struct_ref_seq_dif.pdbx_auth_seq_num 
_struct_ref_seq_dif.pdbx_ordinal 
1 7BJN SER A 1 ? UNP Q8IG84 ? ? 'expression tag' 268 1 
1 7BJN MET A 2 ? UNP Q8IG84 ? ? 'expression tag' 269 2 
2 7BJN SER B 1 ? UNP Q8IG84 ? ? 'expression tag' 268 3 
2 7BJN MET B 2 ? UNP Q8IG84 ? ? 'expression tag' 269 4 
# 
_pdbx_struct_assembly.id                   1 
_pdbx_struct_assembly.details              author_and_software_defined_assembly 
_pdbx_struct_assembly.method_details       PISA 
_pdbx_struct_assembly.oligomeric_details   dimeric 
_pdbx_struct_assembly.oligomeric_count     2 
# 
loop_
_pdbx_struct_assembly_prop.biol_id 
_pdbx_struct_assembly_prop.type 
_pdbx_struct_assembly_prop.value 
_pdbx_struct_assembly_prop.details 
1 'ABSA (A^2)' 2020 ? 
1 MORE         -20  ? 
1 'SSA (A^2)'  7970 ? 
# 
_pdbx_struct_assembly_gen.assembly_id       1 
_pdbx_struct_assembly_gen.oper_expression   1 
_pdbx_struct_assembly_gen.asym_id_list      A,B,C,D 
# 
_pdbx_struct_assembly_auth_evidence.id                     1 
_pdbx_struct_assembly_auth_evidence.assembly_id            1 
_pdbx_struct_assembly_auth_evidence.experimental_support   'gel filtration' 
_pdbx_struct_assembly_auth_evidence.details                ? 
# 
_pdbx_struct_oper_list.id                   1 
_pdbx_struct_oper_list.type                 'identity operation' 
_pdbx_struct_oper_list.name                 1_555 
_pdbx_struct_oper_list.symmetry_operation   x,y,z 
_pdbx_struct_oper_list.matrix[1][1]         1.0000000000 
_pdbx_struct_oper_list.matrix[1][2]         0.0000000000 
_pdbx_struct_oper_list.matrix[1][3]         0.0000000000 
_pdbx_struct_oper_list.vector[1]            0.0000000000 
_pdbx_struct_oper_list.matrix[2][1]         0.0000000000 
_pdbx_struct_oper_list.matrix[2][2]         1.0000000000 
_pdbx_struct_oper_list.matrix[2][3]         0.0000000000 
_pdbx_struct_oper_list.vector[2]            0.0000000000 
_pdbx_struct_oper_list.matrix[3][1]         0.0000000000 
_pdbx_struct_oper_list.matrix[3][2]         0.0000000000 
_pdbx_struct_oper_list.matrix[3][3]         1.0000000000 
_pdbx_struct_oper_list.vector[3]            0.0000000000 
# 
loop_
_struct_conf.conf_type_id 
_struct_conf.id 
_struct_conf.pdbx_PDB_helix_id 
_struct_conf.beg_label_comp_id 
_struct_conf.beg_label_asym_id 
_struct_conf.beg_label_seq_id 
_struct_conf.pdbx_beg_PDB_ins_code 
_struct_conf.end_label_comp_id 
_struct_conf.end_label_asym_id 
_struct_conf.end_label_seq_id 
_struct_conf.pdbx_end_PDB_ins_code 
_struct_conf.beg_auth_comp_id 
_struct_conf.beg_auth_asym_id 
_struct_conf.beg_auth_seq_id 
_struct_conf.end_auth_comp_id 
_struct_conf.end_auth_asym_id 
_struct_conf.end_auth_seq_id 
_struct_conf.pdbx_PDB_helix_class 
_struct_conf.details 
_struct_conf.pdbx_PDB_helix_length 
HELX_P HELX_P1 AA1 MET A 8  ? ARG A 61 ? MET A 275 ARG A 328 1 ? 54 
HELX_P HELX_P2 AA2 GLN B 11 ? ALA B 50 ? GLN B 278 ALA B 317 1 ? 40 
# 
_struct_conf_type.id          HELX_P 
_struct_conf_type.criteria    ? 
_struct_conf_type.reference   ? 
# 
loop_
_pdbx_unobs_or_zero_occ_residues.id 
_pdbx_unobs_or_zero_occ_residues.PDB_model_num 
_pdbx_unobs_or_zero_occ_residues.polymer_flag 
_pdbx_unobs_or_zero_occ_residues.occupancy_flag 
_pdbx_unobs_or_zero_occ_residues.auth_asym_id 
_pdbx_unobs_or_zero_occ_residues.auth_comp_id 
_pdbx_unobs_or_zero_occ_residues.auth_seq_id 
_pdbx_unobs_or_zero_occ_residues.PDB_ins_code 
_pdbx_unobs_or_zero_occ_residues.label_asym_id 
_pdbx_unobs_or_zero_occ_residues.label_comp_id 
_pdbx_unobs_or_zero_occ_residues.label_seq_id 
1  1 Y 1 A SER 268 ? A SER 1  
2  1 Y 1 A MET 269 ? A MET 2  
3  1 Y 1 A GLU 270 ? A GLU 3  
4  1 Y 1 A LEU 271 ? A LEU 4  
5  1 Y 1 A LEU 331 ? A LEU 64 
6  1 Y 1 A GLU 332 ? A GLU 65 
7  1 Y 1 A ASN 333 ? A ASN 66 
8  1 Y 1 A ARG 334 ? A ARG 67 
9  1 Y 1 B SER 268 ? B SER 1  
10 1 Y 1 B MET 269 ? B MET 2  
11 1 Y 1 B GLU 270 ? B GLU 3  
12 1 Y 1 B LEU 271 ? B LEU 4  
13 1 Y 1 B HIS 272 ? B HIS 5  
14 1 Y 1 B ASN 273 ? B ASN 6  
15 1 Y 1 B ILE 274 ? B ILE 7  
16 1 Y 1 B MET 275 ? B MET 8  
17 1 Y 1 B ASN 276 ? B ASN 9  
18 1 Y 1 B ALA 320 ? B ALA 53 
19 1 Y 1 B ALA 321 ? B ALA 54 
20 1 Y 1 B ASP 322 ? B ASP 55 
21 1 Y 1 B GLU 323 ? B GLU 56 
22 1 Y 1 B SER 324 ? B SER 57 
23 1 Y 1 B GLU 325 ? B GLU 58 
24 1 Y 1 B ARG 326 ? B ARG 59 
25 1 Y 1 B ALA 327 ? B ALA 60 
26 1 Y 1 B ARG 328 ? B ARG 61 
27 1 Y 1 B LYS 329 ? B LYS 62 
28 1 Y 1 B ILE 330 ? B ILE 63 
29 1 Y 1 B LEU 331 ? B LEU 64 
30 1 Y 1 B GLU 332 ? B GLU 65 
31 1 Y 1 B ASN 333 ? B ASN 66 
32 1 Y 1 B ARG 334 ? B ARG 67 
# 
loop_
_chem_comp_atom.comp_id 
_chem_comp_atom.atom_id 
_chem_comp_atom.type_symbol 
_chem_comp_atom.pdbx_aromatic_flag 
_chem_comp_atom.pdbx_stereo_config 
_chem_comp_atom.pdbx_ordinal 
ALA N    N N N 1   
ALA CA   C N S 2   
ALA C    C N N 3   
ALA O    O N N 4   
ALA CB   C N N 5   
ALA OXT  O N N 6   
ALA H    H N N 7   
ALA H2   H N N 8   
ALA HA   H N N 9   
ALA HB1  H N N 10  
ALA HB2  H N N 11  
ALA HB3  H N N 12  
ALA HXT  H N N 13  
ARG N    N N N 14  
ARG CA   C N S 15  
ARG C    C N N 16  
ARG O    O N N 17  
ARG CB   C N N 18  
ARG CG   C N N 19  
ARG CD   C N N 20  
ARG NE   N N N 21  
ARG CZ   C N N 22  
ARG NH1  N N N 23  
ARG NH2  N N N 24  
ARG OXT  O N N 25  
ARG H    H N N 26  
ARG H2   H N N 27  
ARG HA   H N N 28  
ARG HB2  H N N 29  
ARG HB3  H N N 30  
ARG HG2  H N N 31  
ARG HG3  H N N 32  
ARG HD2  H N N 33  
ARG HD3  H N N 34  
ARG HE   H N N 35  
ARG HH11 H N N 36  
ARG HH12 H N N 37  
ARG HH21 H N N 38  
ARG HH22 H N N 39  
ARG HXT  H N N 40  
ASN N    N N N 41  
ASN CA   C N S 42  
ASN C    C N N 43  
ASN O    O N N 44  
ASN CB   C N N 45  
ASN CG   C N N 46  
ASN OD1  O N N 47  
ASN ND2  N N N 48  
ASN OXT  O N N 49  
ASN H    H N N 50  
ASN H2   H N N 51  
ASN HA   H N N 52  
ASN HB2  H N N 53  
ASN HB3  H N N 54  
ASN HD21 H N N 55  
ASN HD22 H N N 56  
ASN HXT  H N N 57  
ASP N    N N N 58  
ASP CA   C N S 59  
ASP C    C N N 60  
ASP O    O N N 61  
ASP CB   C N N 62  
ASP CG   C N N 63  
ASP OD1  O N N 64  
ASP OD2  O N N 65  
ASP OXT  O N N 66  
ASP H    H N N 67  
ASP H2   H N N 68  
ASP HA   H N N 69  
ASP HB2  H N N 70  
ASP HB3  H N N 71  
ASP HD2  H N N 72  
ASP HXT  H N N 73  
GLN N    N N N 74  
GLN CA   C N S 75  
GLN C    C N N 76  
GLN O    O N N 77  
GLN CB   C N N 78  
GLN CG   C N N 79  
GLN CD   C N N 80  
GLN OE1  O N N 81  
GLN NE2  N N N 82  
GLN OXT  O N N 83  
GLN H    H N N 84  
GLN H2   H N N 85  
GLN HA   H N N 86  
GLN HB2  H N N 87  
GLN HB3  H N N 88  
GLN HG2  H N N 89  
GLN HG3  H N N 90  
GLN HE21 H N N 91  
GLN HE22 H N N 92  
GLN HXT  H N N 93  
GLU N    N N N 94  
GLU CA   C N S 95  
GLU C    C N N 96  
GLU O    O N N 97  
GLU CB   C N N 98  
GLU CG   C N N 99  
GLU CD   C N N 100 
GLU OE1  O N N 101 
GLU OE2  O N N 102 
GLU OXT  O N N 103 
GLU H    H N N 104 
GLU H2   H N N 105 
GLU HA   H N N 106 
GLU HB2  H N N 107 
GLU HB3  H N N 108 
GLU HG2  H N N 109 
GLU HG3  H N N 110 
GLU HE2  H N N 111 
GLU HXT  H N N 112 
GLY N    N N N 113 
GLY CA   C N N 114 
GLY C    C N N 115 
GLY O    O N N 116 
GLY OXT  O N N 117 
GLY H    H N N 118 
GLY H2   H N N 119 
GLY HA2  H N N 120 
GLY HA3  H N N 121 
GLY HXT  H N N 122 
HIS N    N N N 123 
HIS CA   C N S 124 
HIS C    C N N 125 
HIS O    O N N 126 
HIS CB   C N N 127 
HIS CG   C Y N 128 
HIS ND1  N Y N 129 
HIS CD2  C Y N 130 
HIS CE1  C Y N 131 
HIS NE2  N Y N 132 
HIS OXT  O N N 133 
HIS H    H N N 134 
HIS H2   H N N 135 
HIS HA   H N N 136 
HIS HB2  H N N 137 
HIS HB3  H N N 138 
HIS HD1  H N N 139 
HIS HD2  H N N 140 
HIS HE1  H N N 141 
HIS HE2  H N N 142 
HIS HXT  H N N 143 
HOH O    O N N 144 
HOH H1   H N N 145 
HOH H2   H N N 146 
ILE N    N N N 147 
ILE CA   C N S 148 
ILE C    C N N 149 
ILE O    O N N 150 
ILE CB   C N S 151 
ILE CG1  C N N 152 
ILE CG2  C N N 153 
ILE CD1  C N N 154 
ILE OXT  O N N 155 
ILE H    H N N 156 
ILE H2   H N N 157 
ILE HA   H N N 158 
ILE HB   H N N 159 
ILE HG12 H N N 160 
ILE HG13 H N N 161 
ILE HG21 H N N 162 
ILE HG22 H N N 163 
ILE HG23 H N N 164 
ILE HD11 H N N 165 
ILE HD12 H N N 166 
ILE HD13 H N N 167 
ILE HXT  H N N 168 
LEU N    N N N 169 
LEU CA   C N S 170 
LEU C    C N N 171 
LEU O    O N N 172 
LEU CB   C N N 173 
LEU CG   C N N 174 
LEU CD1  C N N 175 
LEU CD2  C N N 176 
LEU OXT  O N N 177 
LEU H    H N N 178 
LEU H2   H N N 179 
LEU HA   H N N 180 
LEU HB2  H N N 181 
LEU HB3  H N N 182 
LEU HG   H N N 183 
LEU HD11 H N N 184 
LEU HD12 H N N 185 
LEU HD13 H N N 186 
LEU HD21 H N N 187 
LEU HD22 H N N 188 
LEU HD23 H N N 189 
LEU HXT  H N N 190 
LYS N    N N N 191 
LYS CA   C N S 192 
LYS C    C N N 193 
LYS O    O N N 194 
LYS CB   C N N 195 
LYS CG   C N N 196 
LYS CD   C N N 197 
LYS CE   C N N 198 
LYS NZ   N N N 199 
LYS OXT  O N N 200 
LYS H    H N N 201 
LYS H2   H N N 202 
LYS HA   H N N 203 
LYS HB2  H N N 204 
LYS HB3  H N N 205 
LYS HG2  H N N 206 
LYS HG3  H N N 207 
LYS HD2  H N N 208 
LYS HD3  H N N 209 
LYS HE2  H N N 210 
LYS HE3  H N N 211 
LYS HZ1  H N N 212 
LYS HZ2  H N N 213 
LYS HZ3  H N N 214 
LYS HXT  H N N 215 
MET N    N N N 216 
MET CA   C N S 217 
MET C    C N N 218 
MET O    O N N 219 
MET CB   C N N 220 
MET CG   C N N 221 
MET SD   S N N 222 
MET CE   C N N 223 
MET OXT  O N N 224 
MET H    H N N 225 
MET H2   H N N 226 
MET HA   H N N 227 
MET HB2  H N N 228 
MET HB3  H N N 229 
MET HG2  H N N 230 
MET HG3  H N N 231 
MET HE1  H N N 232 
MET HE2  H N N 233 
MET HE3  H N N 234 
MET HXT  H N N 235 
SER N    N N N 236 
SER CA   C N S 237 
SER C    C N N 238 
SER O    O N N 239 
SER CB   C N N 240 
SER OG   O N N 241 
SER OXT  O N N 242 
SER H    H N N 243 
SER H2   H N N 244 
SER HA   H N N 245 
SER HB2  H N N 246 
SER HB3  H N N 247 
SER HG   H N N 248 
SER HXT  H N N 249 
THR N    N N N 250 
THR CA   C N S 251 
THR C    C N N 252 
THR O    O N N 253 
THR CB   C N R 254 
THR OG1  O N N 255 
THR CG2  C N N 256 
THR OXT  O N N 257 
THR H    H N N 258 
THR H2   H N N 259 
THR HA   H N N 260 
THR HB   H N N 261 
THR HG1  H N N 262 
THR HG21 H N N 263 
THR HG22 H N N 264 
THR HG23 H N N 265 
THR HXT  H N N 266 
VAL N    N N N 267 
VAL CA   C N S 268 
VAL C    C N N 269 
VAL O    O N N 270 
VAL CB   C N N 271 
VAL CG1  C N N 272 
VAL CG2  C N N 273 
VAL OXT  O N N 274 
VAL H    H N N 275 
VAL H2   H N N 276 
VAL HA   H N N 277 
VAL HB   H N N 278 
VAL HG11 H N N 279 
VAL HG12 H N N 280 
VAL HG13 H N N 281 
VAL HG21 H N N 282 
VAL HG22 H N N 283 
VAL HG23 H N N 284 
VAL HXT  H N N 285 
# 
loop_
_chem_comp_bond.comp_id 
_chem_comp_bond.atom_id_1 
_chem_comp_bond.atom_id_2 
_chem_comp_bond.value_order 
_chem_comp_bond.pdbx_aromatic_flag 
_chem_comp_bond.pdbx_stereo_config 
_chem_comp_bond.pdbx_ordinal 
ALA N   CA   sing N N 1   
ALA N   H    sing N N 2   
ALA N   H2   sing N N 3   
ALA CA  C    sing N N 4   
ALA CA  CB   sing N N 5   
ALA CA  HA   sing N N 6   
ALA C   O    doub N N 7   
ALA C   OXT  sing N N 8   
ALA CB  HB1  sing N N 9   
ALA CB  HB2  sing N N 10  
ALA CB  HB3  sing N N 11  
ALA OXT HXT  sing N N 12  
ARG N   CA   sing N N 13  
ARG N   H    sing N N 14  
ARG N   H2   sing N N 15  
ARG CA  C    sing N N 16  
ARG CA  CB   sing N N 17  
ARG CA  HA   sing N N 18  
ARG C   O    doub N N 19  
ARG C   OXT  sing N N 20  
ARG CB  CG   sing N N 21  
ARG CB  HB2  sing N N 22  
ARG CB  HB3  sing N N 23  
ARG CG  CD   sing N N 24  
ARG CG  HG2  sing N N 25  
ARG CG  HG3  sing N N 26  
ARG CD  NE   sing N N 27  
ARG CD  HD2  sing N N 28  
ARG CD  HD3  sing N N 29  
ARG NE  CZ   sing N N 30  
ARG NE  HE   sing N N 31  
ARG CZ  NH1  sing N N 32  
ARG CZ  NH2  doub N N 33  
ARG NH1 HH11 sing N N 34  
ARG NH1 HH12 sing N N 35  
ARG NH2 HH21 sing N N 36  
ARG NH2 HH22 sing N N 37  
ARG OXT HXT  sing N N 38  
ASN N   CA   sing N N 39  
ASN N   H    sing N N 40  
ASN N   H2   sing N N 41  
ASN CA  C    sing N N 42  
ASN CA  CB   sing N N 43  
ASN CA  HA   sing N N 44  
ASN C   O    doub N N 45  
ASN C   OXT  sing N N 46  
ASN CB  CG   sing N N 47  
ASN CB  HB2  sing N N 48  
ASN CB  HB3  sing N N 49  
ASN CG  OD1  doub N N 50  
ASN CG  ND2  sing N N 51  
ASN ND2 HD21 sing N N 52  
ASN ND2 HD22 sing N N 53  
ASN OXT HXT  sing N N 54  
ASP N   CA   sing N N 55  
ASP N   H    sing N N 56  
ASP N   H2   sing N N 57  
ASP CA  C    sing N N 58  
ASP CA  CB   sing N N 59  
ASP CA  HA   sing N N 60  
ASP C   O    doub N N 61  
ASP C   OXT  sing N N 62  
ASP CB  CG   sing N N 63  
ASP CB  HB2  sing N N 64  
ASP CB  HB3  sing N N 65  
ASP CG  OD1  doub N N 66  
ASP CG  OD2  sing N N 67  
ASP OD2 HD2  sing N N 68  
ASP OXT HXT  sing N N 69  
GLN N   CA   sing N N 70  
GLN N   H    sing N N 71  
GLN N   H2   sing N N 72  
GLN CA  C    sing N N 73  
GLN CA  CB   sing N N 74  
GLN CA  HA   sing N N 75  
GLN C   O    doub N N 76  
GLN C   OXT  sing N N 77  
GLN CB  CG   sing N N 78  
GLN CB  HB2  sing N N 79  
GLN CB  HB3  sing N N 80  
GLN CG  CD   sing N N 81  
GLN CG  HG2  sing N N 82  
GLN CG  HG3  sing N N 83  
GLN CD  OE1  doub N N 84  
GLN CD  NE2  sing N N 85  
GLN NE2 HE21 sing N N 86  
GLN NE2 HE22 sing N N 87  
GLN OXT HXT  sing N N 88  
GLU N   CA   sing N N 89  
GLU N   H    sing N N 90  
GLU N   H2   sing N N 91  
GLU CA  C    sing N N 92  
GLU CA  CB   sing N N 93  
GLU CA  HA   sing N N 94  
GLU C   O    doub N N 95  
GLU C   OXT  sing N N 96  
GLU CB  CG   sing N N 97  
GLU CB  HB2  sing N N 98  
GLU CB  HB3  sing N N 99  
GLU CG  CD   sing N N 100 
GLU CG  HG2  sing N N 101 
GLU CG  HG3  sing N N 102 
GLU CD  OE1  doub N N 103 
GLU CD  OE2  sing N N 104 
GLU OE2 HE2  sing N N 105 
GLU OXT HXT  sing N N 106 
GLY N   CA   sing N N 107 
GLY N   H    sing N N 108 
GLY N   H2   sing N N 109 
GLY CA  C    sing N N 110 
GLY CA  HA2  sing N N 111 
GLY CA  HA3  sing N N 112 
GLY C   O    doub N N 113 
GLY C   OXT  sing N N 114 
GLY OXT HXT  sing N N 115 
HIS N   CA   sing N N 116 
HIS N   H    sing N N 117 
HIS N   H2   sing N N 118 
HIS CA  C    sing N N 119 
HIS CA  CB   sing N N 120 
HIS CA  HA   sing N N 121 
HIS C   O    doub N N 122 
HIS C   OXT  sing N N 123 
HIS CB  CG   sing N N 124 
HIS CB  HB2  sing N N 125 
HIS CB  HB3  sing N N 126 
HIS CG  ND1  sing Y N 127 
HIS CG  CD2  doub Y N 128 
HIS ND1 CE1  doub Y N 129 
HIS ND1 HD1  sing N N 130 
HIS CD2 NE2  sing Y N 131 
HIS CD2 HD2  sing N N 132 
HIS CE1 NE2  sing Y N 133 
HIS CE1 HE1  sing N N 134 
HIS NE2 HE2  sing N N 135 
HIS OXT HXT  sing N N 136 
HOH O   H1   sing N N 137 
HOH O   H2   sing N N 138 
ILE N   CA   sing N N 139 
ILE N   H    sing N N 140 
ILE N   H2   sing N N 141 
ILE CA  C    sing N N 142 
ILE CA  CB   sing N N 143 
ILE CA  HA   sing N N 144 
ILE C   O    doub N N 145 
ILE C   OXT  sing N N 146 
ILE CB  CG1  sing N N 147 
ILE CB  CG2  sing N N 148 
ILE CB  HB   sing N N 149 
ILE CG1 CD1  sing N N 150 
ILE CG1 HG12 sing N N 151 
ILE CG1 HG13 sing N N 152 
ILE CG2 HG21 sing N N 153 
ILE CG2 HG22 sing N N 154 
ILE CG2 HG23 sing N N 155 
ILE CD1 HD11 sing N N 156 
ILE CD1 HD12 sing N N 157 
ILE CD1 HD13 sing N N 158 
ILE OXT HXT  sing N N 159 
LEU N   CA   sing N N 160 
LEU N   H    sing N N 161 
LEU N   H2   sing N N 162 
LEU CA  C    sing N N 163 
LEU CA  CB   sing N N 164 
LEU CA  HA   sing N N 165 
LEU C   O    doub N N 166 
LEU C   OXT  sing N N 167 
LEU CB  CG   sing N N 168 
LEU CB  HB2  sing N N 169 
LEU CB  HB3  sing N N 170 
LEU CG  CD1  sing N N 171 
LEU CG  CD2  sing N N 172 
LEU CG  HG   sing N N 173 
LEU CD1 HD11 sing N N 174 
LEU CD1 HD12 sing N N 175 
LEU CD1 HD13 sing N N 176 
LEU CD2 HD21 sing N N 177 
LEU CD2 HD22 sing N N 178 
LEU CD2 HD23 sing N N 179 
LEU OXT HXT  sing N N 180 
LYS N   CA   sing N N 181 
LYS N   H    sing N N 182 
LYS N   H2   sing N N 183 
LYS CA  C    sing N N 184 
LYS CA  CB   sing N N 185 
LYS CA  HA   sing N N 186 
LYS C   O    doub N N 187 
LYS C   OXT  sing N N 188 
LYS CB  CG   sing N N 189 
LYS CB  HB2  sing N N 190 
LYS CB  HB3  sing N N 191 
LYS CG  CD   sing N N 192 
LYS CG  HG2  sing N N 193 
LYS CG  HG3  sing N N 194 
LYS CD  CE   sing N N 195 
LYS CD  HD2  sing N N 196 
LYS CD  HD3  sing N N 197 
LYS CE  NZ   sing N N 198 
LYS CE  HE2  sing N N 199 
LYS CE  HE3  sing N N 200 
LYS NZ  HZ1  sing N N 201 
LYS NZ  HZ2  sing N N 202 
LYS NZ  HZ3  sing N N 203 
LYS OXT HXT  sing N N 204 
MET N   CA   sing N N 205 
MET N   H    sing N N 206 
MET N   H2   sing N N 207 
MET CA  C    sing N N 208 
MET CA  CB   sing N N 209 
MET CA  HA   sing N N 210 
MET C   O    doub N N 211 
MET C   OXT  sing N N 212 
MET CB  CG   sing N N 213 
MET CB  HB2  sing N N 214 
MET CB  HB3  sing N N 215 
MET CG  SD   sing N N 216 
MET CG  HG2  sing N N 217 
MET CG  HG3  sing N N 218 
MET SD  CE   sing N N 219 
MET CE  HE1  sing N N 220 
MET CE  HE2  sing N N 221 
MET CE  HE3  sing N N 222 
MET OXT HXT  sing N N 223 
SER N   CA   sing N N 224 
SER N   H    sing N N 225 
SER N   H2   sing N N 226 
SER CA  C    sing N N 227 
SER CA  CB   sing N N 228 
SER CA  HA   sing N N 229 
SER C   O    doub N N 230 
SER C   OXT  sing N N 231 
SER CB  OG   sing N N 232 
SER CB  HB2  sing N N 233 
SER CB  HB3  sing N N 234 
SER OG  HG   sing N N 235 
SER OXT HXT  sing N N 236 
THR N   CA   sing N N 237 
THR N   H    sing N N 238 
THR N   H2   sing N N 239 
THR CA  C    sing N N 240 
THR CA  CB   sing N N 241 
THR CA  HA   sing N N 242 
THR C   O    doub N N 243 
THR C   OXT  sing N N 244 
THR CB  OG1  sing N N 245 
THR CB  CG2  sing N N 246 
THR CB  HB   sing N N 247 
THR OG1 HG1  sing N N 248 
THR CG2 HG21 sing N N 249 
THR CG2 HG22 sing N N 250 
THR CG2 HG23 sing N N 251 
THR OXT HXT  sing N N 252 
VAL N   CA   sing N N 253 
VAL N   H    sing N N 254 
VAL N   H2   sing N N 255 
VAL CA  C    sing N N 256 
VAL CA  CB   sing N N 257 
VAL CA  HA   sing N N 258 
VAL C   O    doub N N 259 
VAL C   OXT  sing N N 260 
VAL CB  CG1  sing N N 261 
VAL CB  CG2  sing N N 262 
VAL CB  HB   sing N N 263 
VAL CG1 HG11 sing N N 264 
VAL CG1 HG12 sing N N 265 
VAL CG1 HG13 sing N N 266 
VAL CG2 HG21 sing N N 267 
VAL CG2 HG22 sing N N 268 
VAL CG2 HG23 sing N N 269 
VAL OXT HXT  sing N N 270 
# 
_pdbx_audit_support.funding_organization   'German Research Foundation (DFG)' 
_pdbx_audit_support.country                Germany 
_pdbx_audit_support.grant_number           'SPP 1935' 
_pdbx_audit_support.ordinal                1 
# 
_pdbx_initial_refinement_model.accession_code   ? 
_pdbx_initial_refinement_model.id               1 
_pdbx_initial_refinement_model.entity_id_list   ? 
_pdbx_initial_refinement_model.type             other 
_pdbx_initial_refinement_model.source_name      ? 
_pdbx_initial_refinement_model.details          'poly Ala helix' 
# 
_atom_sites.entry_id                    7BJN 
_atom_sites.Cartn_transf_matrix[1][1]   ? 
_atom_sites.Cartn_transf_matrix[1][2]   ? 
_atom_sites.Cartn_transf_matrix[1][3]   ? 
_atom_sites.Cartn_transf_matrix[2][1]   ? 
_atom_sites.Cartn_transf_matrix[2][2]   ? 
_atom_sites.Cartn_transf_matrix[2][3]   ? 
_atom_sites.Cartn_transf_matrix[3][1]   ? 
_atom_sites.Cartn_transf_matrix[3][2]   ? 
_atom_sites.Cartn_transf_matrix[3][3]   ? 
_atom_sites.Cartn_transf_vector[1]      ? 
_atom_sites.Cartn_transf_vector[2]      ? 
_atom_sites.Cartn_transf_vector[3]      ? 
_atom_sites.fract_transf_matrix[1][1]   -0.00629543 
_atom_sites.fract_transf_matrix[1][2]   -0.00603897 
_atom_sites.fract_transf_matrix[1][3]   0.00233155 
_atom_sites.fract_transf_matrix[2][1]   -0.00259229 
_atom_sites.fract_transf_matrix[2][2]   -0.00632636 
_atom_sites.fract_transf_matrix[2][3]   -0.00589899 
_atom_sites.fract_transf_matrix[3][1]   0.02087665 
_atom_sites.fract_transf_matrix[3][2]   -0.01789550 
_atom_sites.fract_transf_matrix[3][3]   0.01001782 
_atom_sites.fract_transf_vector[1]      -0.003593 
_atom_sites.fract_transf_vector[2]      0.320813 
_atom_sites.fract_transf_vector[3]      0.168975 
_atom_sites.solution_primary            ? 
_atom_sites.solution_secondary          ? 
_atom_sites.solution_hydrogens          ? 
_atom_sites.special_details             ? 
# 
loop_
_atom_type.symbol 
C 
N 
O 
S 
# 
loop_
_atom_site.group_PDB 
_atom_site.id 
_atom_site.type_symbol 
_atom_site.label_atom_id 
_atom_site.label_alt_id 
_atom_site.label_comp_id 
_atom_site.label_asym_id 
_atom_site.label_entity_id 
_atom_site.label_seq_id 
_atom_site.pdbx_PDB_ins_code 
_atom_site.Cartn_x 
_atom_site.Cartn_y 
_atom_site.Cartn_z 
_atom_site.occupancy 
_atom_site.B_iso_or_equiv 
_atom_site.pdbx_formal_charge 
_atom_site.auth_seq_id 
_atom_site.auth_comp_id 
_atom_site.auth_asym_id 
_atom_site.auth_atom_id 
_atom_site.pdbx_PDB_model_num 
ATOM   1   N N   . HIS A 1 5  ? 22.393  -15.655 -34.540 1.00 138.70 ? 272 HIS A N   1 
ATOM   2   C CA  . HIS A 1 5  ? 22.203  -14.273 -34.968 1.00 147.77 ? 272 HIS A CA  1 
ATOM   3   C C   . HIS A 1 5  ? 20.987  -13.656 -34.286 1.00 150.10 ? 272 HIS A C   1 
ATOM   4   O O   . HIS A 1 5  ? 20.156  -13.017 -34.932 1.00 148.91 ? 272 HIS A O   1 
ATOM   5   C CB  . HIS A 1 5  ? 22.052  -14.200 -36.488 1.00 149.29 ? 272 HIS A CB  1 
ATOM   6   C CG  . HIS A 1 5  ? 22.367  -12.853 -37.061 1.00 149.00 ? 272 HIS A CG  1 
ATOM   7   N ND1 . HIS A 1 5  ? 23.444  -12.101 -36.645 1.00 141.77 ? 272 HIS A ND1 1 
ATOM   8   C CD2 . HIS A 1 5  ? 21.748  -12.124 -38.020 1.00 142.44 ? 272 HIS A CD2 1 
ATOM   9   C CE1 . HIS A 1 5  ? 23.475  -10.967 -37.321 1.00 140.39 ? 272 HIS A CE1 1 
ATOM   10  N NE2 . HIS A 1 5  ? 22.455  -10.955 -38.161 1.00 138.77 ? 272 HIS A NE2 1 
ATOM   11  N N   . ASN A 1 6  ? 20.890  -13.851 -32.971 1.00 146.42 ? 273 ASN A N   1 
ATOM   12  C CA  . ASN A 1 6  ? 19.771  -13.347 -32.185 1.00 147.76 ? 273 ASN A CA  1 
ATOM   13  C C   . ASN A 1 6  ? 20.198  -12.310 -31.155 1.00 140.93 ? 273 ASN A C   1 
ATOM   14  O O   . ASN A 1 6  ? 19.407  -11.973 -30.267 1.00 136.31 ? 273 ASN A O   1 
ATOM   15  C CB  . ASN A 1 6  ? 19.049  -14.507 -31.490 1.00 144.22 ? 273 ASN A CB  1 
ATOM   16  C CG  . ASN A 1 6  ? 17.578  -14.225 -31.258 1.00 139.09 ? 273 ASN A CG  1 
ATOM   17  O OD1 . ASN A 1 6  ? 16.809  -14.053 -32.204 1.00 137.67 ? 273 ASN A OD1 1 
ATOM   18  N ND2 . ASN A 1 6  ? 17.177  -14.179 -29.992 1.00 130.91 ? 273 ASN A ND2 1 
ATOM   19  N N   . ILE A 1 7  ? 21.422  -11.783 -31.254 1.00 141.89 ? 274 ILE A N   1 
ATOM   20  C CA  . ILE A 1 7  ? 21.915  -10.844 -30.254 1.00 142.38 ? 274 ILE A CA  1 
ATOM   21  C C   . ILE A 1 7  ? 21.136  -9.534  -30.269 1.00 139.75 ? 274 ILE A C   1 
ATOM   22  O O   . ILE A 1 7  ? 21.159  -8.793  -29.278 1.00 135.50 ? 274 ILE A O   1 
ATOM   23  C CB  . ILE A 1 7  ? 23.422  -10.592 -30.450 1.00 140.05 ? 274 ILE A CB  1 
ATOM   24  C CG1 . ILE A 1 7  ? 24.063  -10.127 -29.140 1.00 138.80 ? 274 ILE A CG1 1 
ATOM   25  C CG2 . ILE A 1 7  ? 23.662  -9.576  -31.560 1.00 132.23 ? 274 ILE A CG2 1 
ATOM   26  C CD1 . ILE A 1 7  ? 25.565  -10.299 -29.097 1.00 120.71 ? 274 ILE A CD1 1 
ATOM   27  N N   . MET A 1 8  ? 20.440  -9.225  -31.365 1.00 134.78 ? 275 MET A N   1 
ATOM   28  C CA  . MET A 1 8  ? 19.575  -8.051  -31.380 1.00 125.57 ? 275 MET A CA  1 
ATOM   29  C C   . MET A 1 8  ? 18.244  -8.327  -30.695 1.00 128.16 ? 275 MET A C   1 
ATOM   30  O O   . MET A 1 8  ? 17.655  -7.415  -30.103 1.00 128.99 ? 275 MET A O   1 
ATOM   31  C CB  . MET A 1 8  ? 19.342  -7.582  -32.817 1.00 130.76 ? 275 MET A CB  1 
ATOM   32  C CG  . MET A 1 8  ? 18.762  -6.179  -32.927 1.00 126.36 ? 275 MET A CG  1 
ATOM   33  S SD  . MET A 1 8  ? 16.960  -6.164  -33.026 1.00 129.04 ? 275 MET A SD  1 
ATOM   34  C CE  . MET A 1 8  ? 16.634  -4.403  -33.038 1.00 100.02 ? 275 MET A CE  1 
ATOM   35  N N   . ASN A 1 9  ? 17.760  -9.568  -30.759 1.00 128.19 ? 276 ASN A N   1 
ATOM   36  C CA  . ASN A 1 9  ? 16.503  -9.923  -30.113 1.00 128.78 ? 276 ASN A CA  1 
ATOM   37  C C   . ASN A 1 9  ? 16.650  -10.132 -28.613 1.00 125.02 ? 276 ASN A C   1 
ATOM   38  O O   . ASN A 1 9  ? 15.660  -10.001 -27.885 1.00 118.43 ? 276 ASN A O   1 
ATOM   39  C CB  . ASN A 1 9  ? 15.917  -11.182 -30.756 1.00 130.37 ? 276 ASN A CB  1 
ATOM   40  C CG  . ASN A 1 9  ? 15.136  -10.881 -32.020 1.00 126.94 ? 276 ASN A CG  1 
ATOM   41  O OD1 . ASN A 1 9  ? 15.103  -9.743  -32.487 1.00 123.87 ? 276 ASN A OD1 1 
ATOM   42  N ND2 . ASN A 1 9  ? 14.501  -11.904 -32.582 1.00 118.85 ? 276 ASN A ND2 1 
ATOM   43  N N   . THR A 1 10 ? 17.854  -10.458 -28.134 1.00 123.01 ? 277 THR A N   1 
ATOM   44  C CA  . THR A 1 10 ? 18.075  -10.558 -26.695 1.00 118.97 ? 277 THR A CA  1 
ATOM   45  C C   . THR A 1 10 ? 17.934  -9.211  -26.000 1.00 120.70 ? 277 THR A C   1 
ATOM   46  O O   . THR A 1 10 ? 17.676  -9.175  -24.793 1.00 121.39 ? 277 THR A O   1 
ATOM   47  C CB  . THR A 1 10 ? 19.457  -11.146 -26.401 1.00 116.45 ? 277 THR A CB  1 
ATOM   48  O OG1 . THR A 1 10 ? 20.472  -10.223 -26.814 1.00 118.56 ? 277 THR A OG1 1 
ATOM   49  C CG2 . THR A 1 10 ? 19.645  -12.469 -27.129 1.00 117.65 ? 277 THR A CG2 1 
ATOM   50  N N   . GLN A 1 11 ? 18.101  -8.108  -26.732 1.00 120.88 ? 278 GLN A N   1 
ATOM   51  C CA  . GLN A 1 11 ? 17.880  -6.791  -26.147 1.00 117.74 ? 278 GLN A CA  1 
ATOM   52  C C   . GLN A 1 11 ? 16.399  -6.556  -25.877 1.00 112.64 ? 278 GLN A C   1 
ATOM   53  O O   . GLN A 1 11 ? 16.016  -6.147  -24.775 1.00 115.92 ? 278 GLN A O   1 
ATOM   54  C CB  . GLN A 1 11 ? 18.439  -5.707  -27.070 1.00 114.62 ? 278 GLN A CB  1 
ATOM   55  C CG  . GLN A 1 11 ? 17.897  -4.316  -26.791 1.00 120.77 ? 278 GLN A CG  1 
ATOM   56  N N   . LEU A 1 12 ? 15.550  -6.810  -26.875 1.00 112.42 ? 279 LEU A N   1 
ATOM   57  C CA  . LEU A 1 12 ? 14.113  -6.661  -26.684 1.00 109.71 ? 279 LEU A CA  1 
ATOM   58  C C   . LEU A 1 12 ? 13.531  -7.763  -25.809 1.00 113.13 ? 279 LEU A C   1 
ATOM   59  O O   . LEU A 1 12 ? 12.435  -7.592  -25.267 1.00 115.12 ? 279 LEU A O   1 
ATOM   60  C CB  . LEU A 1 12 ? 13.400  -6.634  -28.037 1.00 101.15 ? 279 LEU A CB  1 
ATOM   61  C CG  . LEU A 1 12 ? 12.858  -5.271  -28.475 1.00 101.01 ? 279 LEU A CG  1 
ATOM   62  C CD1 . LEU A 1 12 ? 13.998  -4.311  -28.781 1.00 102.80 ? 279 LEU A CD1 1 
ATOM   63  C CD2 . LEU A 1 12 ? 11.936  -5.415  -29.676 1.00 104.47 ? 279 LEU A CD2 1 
ATOM   64  N N   . LYS A 1 13 ? 14.236  -8.888  -25.663 1.00 109.95 ? 280 LYS A N   1 
ATOM   65  C CA  . LYS A 1 13 ? 13.776  -9.941  -24.764 1.00 111.12 ? 280 LYS A CA  1 
ATOM   66  C C   . LYS A 1 13 ? 14.126  -9.639  -23.313 1.00 105.97 ? 280 LYS A C   1 
ATOM   67  O O   . LYS A 1 13 ? 13.365  -10.002 -22.409 1.00 97.39  ? 280 LYS A O   1 
ATOM   68  C CB  . LYS A 1 13 ? 14.371  -11.287 -25.180 1.00 107.53 ? 280 LYS A CB  1 
ATOM   69  C CG  . LYS A 1 13 ? 13.356  -12.261 -25.758 1.00 109.11 ? 280 LYS A CG  1 
ATOM   70  C CD  . LYS A 1 13 ? 12.606  -11.648 -26.929 1.00 108.25 ? 280 LYS A CD  1 
ATOM   71  N N   . ARG A 1 14 ? 15.264  -8.984  -23.072 1.00 104.73 ? 281 ARG A N   1 
ATOM   72  C CA  . ARG A 1 14 ? 15.609  -8.587  -21.711 1.00 96.17  ? 281 ARG A CA  1 
ATOM   73  C C   . ARG A 1 14 ? 14.755  -7.413  -21.250 1.00 99.82  ? 281 ARG A C   1 
ATOM   74  O O   . ARG A 1 14 ? 14.382  -7.332  -20.074 1.00 89.43  ? 281 ARG A O   1 
ATOM   75  C CB  . ARG A 1 14 ? 17.095  -8.238  -21.627 1.00 98.75  ? 281 ARG A CB  1 
ATOM   76  N N   . ALA A 1 15 ? 14.436  -6.491  -22.163 1.00 100.54 ? 282 ALA A N   1 
ATOM   77  C CA  . ALA A 1 15 ? 13.559  -5.380  -21.814 1.00 99.31  ? 282 ALA A CA  1 
ATOM   78  C C   . ALA A 1 15 ? 12.125  -5.847  -21.600 1.00 92.68  ? 282 ALA A C   1 
ATOM   79  O O   . ALA A 1 15 ? 11.391  -5.246  -20.805 1.00 86.83  ? 282 ALA A O   1 
ATOM   80  C CB  . ALA A 1 15 ? 13.612  -4.305  -22.899 1.00 76.99  ? 282 ALA A CB  1 
ATOM   81  N N   . GLU A 1 16 ? 11.709  -6.908  -22.295 1.00 90.54  ? 283 GLU A N   1 
ATOM   82  C CA  . GLU A 1 16 ? 10.370  -7.451  -22.085 1.00 87.83  ? 283 GLU A CA  1 
ATOM   83  C C   . GLU A 1 16 ? 10.246  -8.092  -20.708 1.00 84.70  ? 283 GLU A C   1 
ATOM   84  O O   . GLU A 1 16 ? 9.204   -7.971  -20.053 1.00 77.45  ? 283 GLU A O   1 
ATOM   85  C CB  . GLU A 1 16 ? 10.037  -8.465  -23.179 1.00 95.07  ? 283 GLU A CB  1 
ATOM   86  C CG  . GLU A 1 16 ? 9.300   -7.879  -24.372 1.00 101.68 ? 283 GLU A CG  1 
ATOM   87  C CD  . GLU A 1 16 ? 9.136   -8.877  -25.502 1.00 117.89 ? 283 GLU A CD  1 
ATOM   88  O OE1 . GLU A 1 16 ? 10.028  -9.734  -25.675 1.00 117.95 ? 283 GLU A OE1 1 
ATOM   89  O OE2 . GLU A 1 16 ? 8.115   -8.806  -26.218 1.00 123.06 ? 283 GLU A OE2 1 
ATOM   90  N N   . SER A 1 17 ? 11.299  -8.776  -20.252 1.00 84.45  ? 284 SER A N   1 
ATOM   91  C CA  . SER A 1 17 ? 11.258  -9.400  -18.934 1.00 83.96  ? 284 SER A CA  1 
ATOM   92  C C   . SER A 1 17 ? 11.330  -8.364  -17.820 1.00 76.64  ? 284 SER A C   1 
ATOM   93  O O   . SER A 1 17 ? 10.791  -8.591  -16.731 1.00 71.14  ? 284 SER A O   1 
ATOM   94  C CB  . SER A 1 17 ? 12.394  -10.414 -18.796 1.00 77.91  ? 284 SER A CB  1 
ATOM   95  O OG  . SER A 1 17 ? 11.958  -11.714 -19.151 1.00 97.08  ? 284 SER A OG  1 
ATOM   96  N N   . GLU A 1 18 ? 11.993  -7.231  -18.066 1.00 65.14  ? 285 GLU A N   1 
ATOM   97  C CA  . GLU A 1 18 ? 11.975  -6.146  -17.092 1.00 74.04  ? 285 GLU A CA  1 
ATOM   98  C C   . GLU A 1 18 ? 10.579  -5.549  -16.969 1.00 64.65  ? 285 GLU A C   1 
ATOM   99  O O   . GLU A 1 18 ? 10.149  -5.176  -15.872 1.00 68.80  ? 285 GLU A O   1 
ATOM   100 C CB  . GLU A 1 18 ? 12.990  -5.071  -17.481 1.00 74.27  ? 285 GLU A CB  1 
ATOM   101 C CG  . GLU A 1 18 ? 12.970  -3.840  -16.587 1.00 74.57  ? 285 GLU A CG  1 
ATOM   102 C CD  . GLU A 1 18 ? 13.576  -2.621  -17.256 1.00 96.65  ? 285 GLU A CD  1 
ATOM   103 O OE1 . GLU A 1 18 ? 14.354  -1.903  -16.593 1.00 95.24  ? 285 GLU A OE1 1 
ATOM   104 O OE2 . GLU A 1 18 ? 13.274  -2.381  -18.444 1.00 103.19 ? 285 GLU A OE2 1 
ATOM   105 N N   . VAL A 1 19 ? 9.855   -5.457  -18.087 1.00 66.93  ? 286 VAL A N   1 
ATOM   106 C CA  . VAL A 1 19 ? 8.475   -4.989  -18.046 1.00 72.10  ? 286 VAL A CA  1 
ATOM   107 C C   . VAL A 1 19 ? 7.589   -6.006  -17.337 1.00 73.05  ? 286 VAL A C   1 
ATOM   108 O O   . VAL A 1 19 ? 6.711   -5.642  -16.545 1.00 62.31  ? 286 VAL A O   1 
ATOM   109 C CB  . VAL A 1 19 ? 7.975   -4.690  -19.471 1.00 63.07  ? 286 VAL A CB  1 
ATOM   110 C CG1 . VAL A 1 19 ? 6.462   -4.531  -19.493 1.00 74.53  ? 286 VAL A CG1 1 
ATOM   111 C CG2 . VAL A 1 19 ? 8.656   -3.445  -20.022 1.00 76.81  ? 286 VAL A CG2 1 
ATOM   112 N N   . ALA A 1 20 ? 7.812   -7.297  -17.600 1.00 61.80  ? 287 ALA A N   1 
ATOM   113 C CA  . ALA A 1 20 ? 7.018   -8.332  -16.945 1.00 63.88  ? 287 ALA A CA  1 
ATOM   114 C C   . ALA A 1 20 ? 7.309   -8.393  -15.452 1.00 59.25  ? 287 ALA A C   1 
ATOM   115 O O   . ALA A 1 20 ? 6.402   -8.629  -14.646 1.00 62.67  ? 287 ALA A O   1 
ATOM   116 C CB  . ALA A 1 20 ? 7.281   -9.688  -17.601 1.00 62.54  ? 287 ALA A CB  1 
ATOM   117 N N   . ALA A 1 21 ? 8.569   -8.185  -15.062 1.00 59.96  ? 288 ALA A N   1 
ATOM   118 C CA  . ALA A 1 21 ? 8.905   -8.160  -13.644 1.00 54.74  ? 288 ALA A CA  1 
ATOM   119 C C   . ALA A 1 21 ? 8.347   -6.920  -12.959 1.00 57.43  ? 288 ALA A C   1 
ATOM   120 O O   . ALA A 1 21 ? 7.988   -6.974  -11.777 1.00 58.52  ? 288 ALA A O   1 
ATOM   121 C CB  . ALA A 1 21 ? 10.421  -8.234  -13.458 1.00 51.02  ? 288 ALA A CB  1 
ATOM   122 N N   . LEU A 1 22 ? 8.266   -5.798  -13.679 1.00 59.39  ? 289 LEU A N   1 
ATOM   123 C CA  . LEU A 1 22 ? 7.671   -4.597  -13.105 1.00 56.62  ? 289 LEU A CA  1 
ATOM   124 C C   . LEU A 1 22 ? 6.162   -4.748  -12.960 1.00 57.61  ? 289 LEU A C   1 
ATOM   125 O O   . LEU A 1 22 ? 5.579   -4.284  -11.973 1.00 58.28  ? 289 LEU A O   1 
ATOM   126 C CB  . LEU A 1 22 ? 8.012   -3.380  -13.965 1.00 52.60  ? 289 LEU A CB  1 
ATOM   127 C CG  . LEU A 1 22 ? 9.330   -2.679  -13.626 1.00 72.90  ? 289 LEU A CG  1 
ATOM   128 C CD1 . LEU A 1 22 ? 9.645   -1.597  -14.647 1.00 67.25  ? 289 LEU A CD1 1 
ATOM   129 C CD2 . LEU A 1 22 ? 9.284   -2.097  -12.221 1.00 64.83  ? 289 LEU A CD2 1 
ATOM   130 N N   . ASN A 1 23 ? 5.513   -5.396  -13.931 1.00 51.78  ? 290 ASN A N   1 
ATOM   131 C CA  . ASN A 1 23 ? 4.083   -5.664  -13.816 1.00 53.67  ? 290 ASN A CA  1 
ATOM   132 C C   . ASN A 1 23 ? 3.795   -6.616  -12.662 1.00 61.11  ? 290 ASN A C   1 
ATOM   133 O O   . ASN A 1 23 ? 2.784   -6.466  -11.964 1.00 47.39  ? 290 ASN A O   1 
ATOM   134 C CB  . ASN A 1 23 ? 3.546   -6.238  -15.127 1.00 56.29  ? 290 ASN A CB  1 
ATOM   135 C CG  . ASN A 1 23 ? 3.358   -5.179  -16.194 1.00 54.50  ? 290 ASN A CG  1 
ATOM   136 O OD1 . ASN A 1 23 ? 2.700   -4.164  -15.969 1.00 64.76  ? 290 ASN A OD1 1 
ATOM   137 N ND2 . ASN A 1 23 ? 3.935   -5.414  -17.367 1.00 55.10  ? 290 ASN A ND2 1 
ATOM   138 N N   . ARG A 1 24 ? 4.669   -7.602  -12.451 1.00 54.82  ? 291 ARG A N   1 
ATOM   139 C CA  . ARG A 1 24 ? 4.486   -8.533  -11.343 1.00 52.47  ? 291 ARG A CA  1 
ATOM   140 C C   . ARG A 1 24 ? 4.671   -7.835  -10.002 1.00 45.83  ? 291 ARG A C   1 
ATOM   141 O O   . ARG A 1 24 ? 3.911   -8.082  -9.058  1.00 48.51  ? 291 ARG A O   1 
ATOM   142 C CB  . ARG A 1 24 ? 5.458   -9.704  -11.482 1.00 56.14  ? 291 ARG A CB  1 
ATOM   143 C CG  . ARG A 1 24 ? 5.379   -10.724 -10.358 1.00 47.52  ? 291 ARG A CG  1 
ATOM   144 C CD  . ARG A 1 24 ? 3.966   -11.257 -10.187 1.00 54.93  ? 291 ARG A CD  1 
ATOM   145 N NE  . ARG A 1 24 ? 3.921   -12.382 -9.257  1.00 59.07  ? 291 ARG A NE  1 
ATOM   146 C CZ  . ARG A 1 24 ? 2.839   -12.754 -8.585  1.00 55.72  ? 291 ARG A CZ  1 
ATOM   147 N NH1 . ARG A 1 24 ? 1.702   -12.086 -8.734  1.00 54.68  ? 291 ARG A NH1 1 
ATOM   148 N NH2 . ARG A 1 24 ? 2.891   -13.791 -7.760  1.00 65.14  ? 291 ARG A NH2 1 
ATOM   149 N N   . ARG A 1 25 ? 5.672   -6.957  -9.901  1.00 49.80  ? 292 ARG A N   1 
ATOM   150 C CA  . ARG A 1 25 ? 5.886   -6.217  -8.662  1.00 47.30  ? 292 ARG A CA  1 
ATOM   151 C C   . ARG A 1 25 ? 4.725   -5.272  -8.376  1.00 47.12  ? 292 ARG A C   1 
ATOM   152 O O   . ARG A 1 25 ? 4.299   -5.134  -7.223  1.00 42.31  ? 292 ARG A O   1 
ATOM   153 C CB  . ARG A 1 25 ? 7.201   -5.442  -8.735  1.00 45.15  ? 292 ARG A CB  1 
ATOM   154 C CG  . ARG A 1 25 ? 7.502   -4.619  -7.495  1.00 44.78  ? 292 ARG A CG  1 
ATOM   155 C CD  . ARG A 1 25 ? 8.610   -3.612  -7.752  1.00 49.83  ? 292 ARG A CD  1 
ATOM   156 N NE  . ARG A 1 25 ? 9.020   -2.938  -6.523  1.00 51.54  ? 292 ARG A NE  1 
ATOM   157 C CZ  . ARG A 1 25 ? 10.006  -3.355  -5.736  1.00 58.22  ? 292 ARG A CZ  1 
ATOM   158 N NH1 . ARG A 1 25 ? 10.690  -4.448  -6.049  1.00 45.62  ? 292 ARG A NH1 1 
ATOM   159 N NH2 . ARG A 1 25 ? 10.309  -2.680  -4.636  1.00 42.94  ? 292 ARG A NH2 1 
ATOM   160 N N   . ILE A 1 26 ? 4.201   -4.614  -9.413  1.00 52.93  ? 293 ILE A N   1 
ATOM   161 C CA  . ILE A 1 26 ? 3.059   -3.723  -9.233  1.00 43.28  ? 293 ILE A CA  1 
ATOM   162 C C   . ILE A 1 26 ? 1.845   -4.507  -8.750  1.00 45.34  ? 293 ILE A C   1 
ATOM   163 O O   . ILE A 1 26 ? 1.108   -4.060  -7.864  1.00 48.95  ? 293 ILE A O   1 
ATOM   164 C CB  . ILE A 1 26 ? 2.768   -2.965  -10.542 1.00 49.73  ? 293 ILE A CB  1 
ATOM   165 C CG1 . ILE A 1 26 ? 3.793   -1.848  -10.744 1.00 47.95  ? 293 ILE A CG1 1 
ATOM   166 C CG2 . ILE A 1 26 ? 1.351   -2.407  -10.546 1.00 33.85  ? 293 ILE A CG2 1 
ATOM   167 C CD1 . ILE A 1 26 ? 3.706   -1.176  -12.094 1.00 54.61  ? 293 ILE A CD1 1 
ATOM   168 N N   . GLN A 1 27 ? 1.630   -5.698  -9.315  1.00 50.23  ? 294 GLN A N   1 
ATOM   169 C CA  . GLN A 1 27 ? 0.507   -6.530  -8.890  1.00 40.75  ? 294 GLN A CA  1 
ATOM   170 C C   . GLN A 1 27 ? 0.662   -6.962  -7.436  1.00 48.89  ? 294 GLN A C   1 
ATOM   171 O O   . GLN A 1 27 ? -0.319  -6.997  -6.683  1.00 53.67  ? 294 GLN A O   1 
ATOM   172 C CB  . GLN A 1 27 ? 0.386   -7.748  -9.807  1.00 44.38  ? 294 GLN A CB  1 
ATOM   173 C CG  . GLN A 1 27 ? -0.645  -8.771  -9.361  1.00 45.81  ? 294 GLN A CG  1 
ATOM   174 C CD  . GLN A 1 27 ? -0.506  -10.093 -10.092 1.00 64.39  ? 294 GLN A CD  1 
ATOM   175 O OE1 . GLN A 1 27 ? 0.588   -10.475 -10.508 1.00 57.52  ? 294 GLN A OE1 1 
ATOM   176 N NE2 . GLN A 1 27 ? -1.620  -10.799 -10.254 1.00 69.33  ? 294 GLN A NE2 1 
ATOM   177 N N   . LEU A 1 28 ? 1.888   -7.287  -7.020  1.00 54.85  ? 295 LEU A N   1 
ATOM   178 C CA  . LEU A 1 28 ? 2.116   -7.698  -5.638  1.00 47.39  ? 295 LEU A CA  1 
ATOM   179 C C   . LEU A 1 28 ? 1.903   -6.538  -4.673  1.00 41.31  ? 295 LEU A C   1 
ATOM   180 O O   . LEU A 1 28 ? 1.355   -6.726  -3.580  1.00 47.86  ? 295 LEU A O   1 
ATOM   181 C CB  . LEU A 1 28 ? 3.527   -8.267  -5.485  1.00 48.40  ? 295 LEU A CB  1 
ATOM   182 C CG  . LEU A 1 28 ? 3.803   -9.611  -6.159  1.00 58.94  ? 295 LEU A CG  1 
ATOM   183 C CD1 . LEU A 1 28 ? 5.283   -9.955  -6.083  1.00 60.45  ? 295 LEU A CD1 1 
ATOM   184 C CD2 . LEU A 1 28 ? 2.961   -10.710 -5.532  1.00 50.41  ? 295 LEU A CD2 1 
ATOM   185 N N   . LEU A 1 29 ? 2.333   -5.333  -5.056  1.00 49.31  ? 296 LEU A N   1 
ATOM   186 C CA  . LEU A 1 29 ? 2.146   -4.172  -4.193  1.00 43.92  ? 296 LEU A CA  1 
ATOM   187 C C   . LEU A 1 29 ? 0.671   -3.818  -4.051  1.00 49.20  ? 296 LEU A C   1 
ATOM   188 O O   . LEU A 1 29 ? 0.222   -3.429  -2.966  1.00 46.16  ? 296 LEU A O   1 
ATOM   189 C CB  . LEU A 1 29 ? 2.931   -2.979  -4.740  1.00 45.74  ? 296 LEU A CB  1 
ATOM   190 C CG  . LEU A 1 29 ? 4.457   -3.088  -4.713  1.00 45.63  ? 296 LEU A CG  1 
ATOM   191 C CD1 . LEU A 1 29 ? 5.083   -2.050  -5.631  1.00 41.53  ? 296 LEU A CD1 1 
ATOM   192 C CD2 . LEU A 1 29 ? 4.981   -2.939  -3.294  1.00 41.71  ? 296 LEU A CD2 1 
ATOM   193 N N   . GLU A 1 30 ? -0.098  -3.948  -5.135  1.00 44.14  ? 297 GLU A N   1 
ATOM   194 C CA  . GLU A 1 30 ? -1.518  -3.619  -5.077  1.00 48.83  ? 297 GLU A CA  1 
ATOM   195 C C   . GLU A 1 30 ? -2.294  -4.612  -4.221  1.00 45.85  ? 297 GLU A C   1 
ATOM   196 O O   . GLU A 1 30 ? -3.268  -4.230  -3.562  1.00 44.29  ? 297 GLU A O   1 
ATOM   197 C CB  . GLU A 1 30 ? -2.101  -3.562  -6.490  1.00 47.42  ? 297 GLU A CB  1 
ATOM   198 C CG  . GLU A 1 30 ? -1.629  -2.367  -7.303  1.00 51.03  ? 297 GLU A CG  1 
ATOM   199 C CD  . GLU A 1 30 ? -2.143  -2.389  -8.730  1.00 64.82  ? 297 GLU A CD  1 
ATOM   200 O OE1 . GLU A 1 30 ? -2.446  -3.489  -9.238  1.00 57.22  ? 297 GLU A OE1 1 
ATOM   201 O OE2 . GLU A 1 30 ? -2.242  -1.305  -9.343  1.00 62.04  ? 297 GLU A OE2 1 
ATOM   202 N N   . GLU A 1 31 ? -1.883  -5.884  -4.217  1.00 39.06  ? 298 GLU A N   1 
ATOM   203 C CA  . GLU A 1 31 ? -2.538  -6.863  -3.355  1.00 43.89  ? 298 GLU A CA  1 
ATOM   204 C C   . GLU A 1 31 ? -2.219  -6.602  -1.889  1.00 39.09  ? 298 GLU A C   1 
ATOM   205 O O   . GLU A 1 31 ? -3.091  -6.741  -1.023  1.00 51.29  ? 298 GLU A O   1 
ATOM   206 C CB  . GLU A 1 31 ? -2.119  -8.279  -3.753  1.00 43.00  ? 298 GLU A CB  1 
ATOM   207 C CG  . GLU A 1 31 ? -2.621  -8.711  -5.120  1.00 43.92  ? 298 GLU A CG  1 
ATOM   208 C CD  . GLU A 1 31 ? -1.939  -9.968  -5.622  1.00 62.19  ? 298 GLU A CD  1 
ATOM   209 O OE1 . GLU A 1 31 ? -0.857  -10.308 -5.098  1.00 56.37  ? 298 GLU A OE1 1 
ATOM   210 O OE2 . GLU A 1 31 ? -2.482  -10.616 -6.540  1.00 72.30  ? 298 GLU A OE2 1 
ATOM   211 N N   . ASP A 1 32 ? -0.972  -6.229  -1.591  1.00 43.37  ? 299 ASP A N   1 
ATOM   212 C CA  . ASP A 1 32 ? -0.619  -5.857  -0.225  1.00 44.47  ? 299 ASP A CA  1 
ATOM   213 C C   . ASP A 1 32 ? -1.344  -4.586  0.197   1.00 43.05  ? 299 ASP A C   1 
ATOM   214 O O   . ASP A 1 32 ? -1.789  -4.469  1.345   1.00 40.39  ? 299 ASP A O   1 
ATOM   215 C CB  . ASP A 1 32 ? 0.895   -5.686  -0.106  1.00 48.76  ? 299 ASP A CB  1 
ATOM   216 C CG  . ASP A 1 32 ? 1.368   -5.629  1.335   1.00 50.85  ? 299 ASP A CG  1 
ATOM   217 O OD1 . ASP A 1 32 ? 0.541   -5.831  2.248   1.00 53.09  ? 299 ASP A OD1 1 
ATOM   218 O OD2 . ASP A 1 32 ? 2.573   -5.382  1.554   1.00 51.95  ? 299 ASP A OD2 1 
ATOM   219 N N   . LEU A 1 33 ? -1.477  -3.624  -0.719  1.00 48.36  ? 300 LEU A N   1 
ATOM   220 C CA  . LEU A 1 33 ? -2.213  -2.402  -0.411  1.00 44.81  ? 300 LEU A CA  1 
ATOM   221 C C   . LEU A 1 33 ? -3.688  -2.692  -0.171  1.00 38.29  ? 300 LEU A C   1 
ATOM   222 O O   . LEU A 1 33 ? -4.301  -2.116  0.736   1.00 41.43  ? 300 LEU A O   1 
ATOM   223 C CB  . LEU A 1 33 ? -2.046  -1.390  -1.544  1.00 41.52  ? 300 LEU A CB  1 
ATOM   224 C CG  . LEU A 1 33 ? -0.861  -0.432  -1.436  1.00 58.95  ? 300 LEU A CG  1 
ATOM   225 C CD1 . LEU A 1 33 ? -0.570  0.211   -2.784  1.00 57.23  ? 300 LEU A CD1 1 
ATOM   226 C CD2 . LEU A 1 33 ? -1.129  0.627   -0.378  1.00 48.11  ? 300 LEU A CD2 1 
ATOM   227 N N   . GLU A 1 34 ? -4.275  -3.585  -0.972  1.00 45.18  ? 301 GLU A N   1 
ATOM   228 C CA  . GLU A 1 34 ? -5.685  -3.918  -0.806  1.00 44.12  ? 301 GLU A CA  1 
ATOM   229 C C   . GLU A 1 34 ? -5.945  -4.559  0.552   1.00 44.48  ? 301 GLU A C   1 
ATOM   230 O O   . GLU A 1 34 ? -6.919  -4.218  1.232   1.00 48.49  ? 301 GLU A O   1 
ATOM   231 C CB  . GLU A 1 34 ? -6.137  -4.843  -1.935  1.00 50.81  ? 301 GLU A CB  1 
ATOM   232 C CG  . GLU A 1 34 ? -7.543  -5.392  -1.770  1.00 60.37  ? 301 GLU A CG  1 
ATOM   233 C CD  . GLU A 1 34 ? -8.610  -4.361  -2.078  1.00 69.61  ? 301 GLU A CD  1 
ATOM   234 O OE1 . GLU A 1 34 ? -8.279  -3.330  -2.698  1.00 65.62  ? 301 GLU A OE1 1 
ATOM   235 O OE2 . GLU A 1 34 ? -9.779  -4.585  -1.701  1.00 75.64  ? 301 GLU A OE2 1 
ATOM   236 N N   . ARG A 1 35 ? -5.079  -5.486  0.966   1.00 54.16  ? 302 ARG A N   1 
ATOM   237 C CA  . ARG A 1 35 ? -5.258  -6.136  2.259   1.00 48.47  ? 302 ARG A CA  1 
ATOM   238 C C   . ARG A 1 35 ? -4.981  -5.172  3.405   1.00 46.59  ? 302 ARG A C   1 
ATOM   239 O O   . ARG A 1 35 ? -5.646  -5.230  4.447   1.00 55.18  ? 302 ARG A O   1 
ATOM   240 C CB  . ARG A 1 35 ? -4.352  -7.362  2.354   1.00 51.90  ? 302 ARG A CB  1 
ATOM   241 C CG  . ARG A 1 35 ? -4.624  -8.255  3.551   1.00 66.91  ? 302 ARG A CG  1 
ATOM   242 C CD  . ARG A 1 35 ? -3.902  -9.587  3.410   1.00 63.63  ? 302 ARG A CD  1 
ATOM   243 N NE  . ARG A 1 35 ? -2.674  -9.463  2.629   1.00 64.90  ? 302 ARG A NE  1 
ATOM   244 C CZ  . ARG A 1 35 ? -2.502  -9.981  1.417   1.00 58.55  ? 302 ARG A CZ  1 
ATOM   245 N NH1 . ARG A 1 35 ? -3.481  -10.664 0.841   1.00 61.62  ? 302 ARG A NH1 1 
ATOM   246 N NH2 . ARG A 1 35 ? -1.349  -9.817  0.782   1.00 58.20  ? 302 ARG A NH2 1 
ATOM   247 N N   . SER A 1 36 ? -4.005  -4.278  3.233   1.00 48.64  ? 303 SER A N   1 
ATOM   248 C CA  . SER A 1 36 ? -3.718  -3.292  4.269   1.00 41.96  ? 303 SER A CA  1 
ATOM   249 C C   . SER A 1 36 ? -4.854  -2.290  4.422   1.00 49.65  ? 303 SER A C   1 
ATOM   250 O O   . SER A 1 36 ? -5.116  -1.817  5.534   1.00 49.74  ? 303 SER A O   1 
ATOM   251 C CB  . SER A 1 36 ? -2.409  -2.567  3.958   1.00 48.37  ? 303 SER A CB  1 
ATOM   252 O OG  . SER A 1 36 ? -1.355  -3.489  3.747   1.00 50.23  ? 303 SER A OG  1 
ATOM   253 N N   . GLU A 1 37 ? -5.537  -1.954  3.325   1.00 47.11  ? 304 GLU A N   1 
ATOM   254 C CA  . GLU A 1 37 ? -6.676  -1.046  3.415   1.00 45.11  ? 304 GLU A CA  1 
ATOM   255 C C   . GLU A 1 37 ? -7.871  -1.713  4.083   1.00 45.22  ? 304 GLU A C   1 
ATOM   256 O O   . GLU A 1 37 ? -8.633  -1.046  4.792   1.00 47.03  ? 304 GLU A O   1 
ATOM   257 C CB  . GLU A 1 37 ? -7.059  -0.538  2.025   1.00 34.52  ? 304 GLU A CB  1 
ATOM   258 C CG  . GLU A 1 37 ? -6.079  0.464   1.434   1.00 41.76  ? 304 GLU A CG  1 
ATOM   259 C CD  . GLU A 1 37 ? -6.263  1.865   1.987   1.00 60.41  ? 304 GLU A CD  1 
ATOM   260 O OE1 . GLU A 1 37 ? -7.218  2.085   2.760   1.00 61.41  ? 304 GLU A OE1 1 
ATOM   261 O OE2 . GLU A 1 37 ? -5.449  2.749   1.644   1.00 59.32  ? 304 GLU A OE2 1 
ATOM   262 N N   . GLU A 1 38 ? -8.056  -3.018  3.865   1.00 46.20  ? 305 GLU A N   1 
ATOM   263 C CA  . GLU A 1 38 ? -9.120  -3.738  4.556   1.00 41.76  ? 305 GLU A CA  1 
ATOM   264 C C   . GLU A 1 38 ? -8.870  -3.770  6.057   1.00 53.14  ? 305 GLU A C   1 
ATOM   265 O O   . GLU A 1 38 ? -9.792  -3.560  6.854   1.00 57.69  ? 305 GLU A O   1 
ATOM   266 C CB  . GLU A 1 38 ? -9.241  -5.159  4.006   1.00 52.05  ? 305 GLU A CB  1 
ATOM   267 C CG  . GLU A 1 38 ? -9.780  -5.243  2.587   1.00 62.72  ? 305 GLU A CG  1 
ATOM   268 C CD  . GLU A 1 38 ? -11.297 -5.242  2.534   1.00 73.08  ? 305 GLU A CD  1 
ATOM   269 O OE1 . GLU A 1 38 ? -11.934 -5.011  3.584   1.00 71.79  ? 305 GLU A OE1 1 
ATOM   270 O OE2 . GLU A 1 38 ? -11.853 -5.476  1.441   1.00 57.01  ? 305 GLU A OE2 1 
ATOM   271 N N   . ARG A 1 39 ? -7.625  -4.032  6.463   1.00 48.58  ? 306 ARG A N   1 
ATOM   272 C CA  . ARG A 1 39 ? -7.299  -4.033  7.883   1.00 57.71  ? 306 ARG A CA  1 
ATOM   273 C C   . ARG A 1 39 ? -7.340  -2.628  8.470   1.00 56.91  ? 306 ARG A C   1 
ATOM   274 O O   . ARG A 1 39 ? -7.623  -2.465  9.662   1.00 59.51  ? 306 ARG A O   1 
ATOM   275 C CB  . ARG A 1 39 ? -5.925  -4.668  8.103   1.00 44.94  ? 306 ARG A CB  1 
ATOM   276 C CG  . ARG A 1 39 ? -5.848  -6.131  7.689   1.00 55.79  ? 306 ARG A CG  1 
ATOM   277 C CD  . ARG A 1 39 ? -4.409  -6.614  7.608   1.00 57.66  ? 306 ARG A CD  1 
ATOM   278 N NE  . ARG A 1 39 ? -3.701  -6.430  8.872   1.00 58.27  ? 306 ARG A NE  1 
ATOM   279 C CZ  . ARG A 1 39 ? -2.390  -6.238  8.972   1.00 79.43  ? 306 ARG A CZ  1 
ATOM   280 N NH1 . ARG A 1 39 ? -1.638  -6.205  7.880   1.00 69.81  ? 306 ARG A NH1 1 
ATOM   281 N NH2 . ARG A 1 39 ? -1.829  -6.080  10.163  1.00 72.84  ? 306 ARG A NH2 1 
ATOM   282 N N   . LEU A 1 40 ? -7.065  -1.604  7.656   1.00 57.61  ? 307 LEU A N   1 
ATOM   283 C CA  . LEU A 1 40 ? -7.145  -0.232  8.148   1.00 49.43  ? 307 LEU A CA  1 
ATOM   284 C C   . LEU A 1 40 ? -8.590  0.176   8.399   1.00 56.67  ? 307 LEU A C   1 
ATOM   285 O O   . LEU A 1 40 ? -8.881  0.884   9.372   1.00 54.55  ? 307 LEU A O   1 
ATOM   286 C CB  . LEU A 1 40 ? -6.479  0.726   7.161   1.00 50.35  ? 307 LEU A CB  1 
ATOM   287 C CG  . LEU A 1 40 ? -6.429  2.192   7.596   1.00 54.80  ? 307 LEU A CG  1 
ATOM   288 C CD1 . LEU A 1 40 ? -5.531  2.365   8.813   1.00 59.11  ? 307 LEU A CD1 1 
ATOM   289 C CD2 . LEU A 1 40 ? -5.966  3.084   6.455   1.00 51.52  ? 307 LEU A CD2 1 
ATOM   290 N N   . GLY A 1 41 ? -9.507  -0.255  7.531   1.00 58.61  ? 308 GLY A N   1 
ATOM   291 C CA  . GLY A 1 41 ? -10.918 -0.040  7.797   1.00 56.42  ? 308 GLY A CA  1 
ATOM   292 C C   . GLY A 1 41 ? -11.392 -0.816  9.011   1.00 66.63  ? 308 GLY A C   1 
ATOM   293 O O   . GLY A 1 41 ? -12.231 -0.338  9.778   1.00 66.31  ? 308 GLY A O   1 
ATOM   294 N N   . SER A 1 42 ? -10.860 -2.024  9.201   1.00 58.83  ? 309 SER A N   1 
ATOM   295 C CA  . SER A 1 42 ? -11.182 -2.777  10.407  1.00 57.83  ? 309 SER A CA  1 
ATOM   296 C C   . SER A 1 42 ? -10.623 -2.098  11.654  1.00 66.82  ? 309 SER A C   1 
ATOM   297 O O   . SER A 1 42 ? -11.303 -2.052  12.686  1.00 64.91  ? 309 SER A O   1 
ATOM   298 C CB  . SER A 1 42 ? -10.658 -4.208  10.288  1.00 61.00  ? 309 SER A CB  1 
ATOM   299 O OG  . SER A 1 42 ? -11.659 -5.061  9.762   1.00 81.76  ? 309 SER A OG  1 
ATOM   300 N N   . ALA A 1 43 ? -9.408  -1.548  11.574  1.00 55.14  ? 310 ALA A N   1 
ATOM   301 C CA  . ALA A 1 43 ? -8.789  -0.932  12.741  1.00 67.06  ? 310 ALA A CA  1 
ATOM   302 C C   . ALA A 1 43 ? -9.337  0.463   13.025  1.00 63.56  ? 310 ALA A C   1 
ATOM   303 O O   . ALA A 1 43 ? -9.377  0.880   14.187  1.00 70.48  ? 310 ALA A O   1 
ATOM   304 C CB  . ALA A 1 43 ? -7.274  -0.874  12.555  1.00 46.37  ? 310 ALA A CB  1 
ATOM   305 N N   . THR A 1 44 ? -9.740  1.203   11.987  1.00 62.85  ? 311 THR A N   1 
ATOM   306 C CA  . THR A 1 44 ? -10.336 2.518   12.209  1.00 61.38  ? 311 THR A CA  1 
ATOM   307 C C   . THR A 1 44 ? -11.686 2.397   12.906  1.00 62.85  ? 311 THR A C   1 
ATOM   308 O O   . THR A 1 44 ? -12.022 3.215   13.772  1.00 66.98  ? 311 THR A O   1 
ATOM   309 C CB  . THR A 1 44 ? -10.482 3.260   10.879  1.00 64.98  ? 311 THR A CB  1 
ATOM   310 O OG1 . THR A 1 44 ? -9.207  3.327   10.229  1.00 67.14  ? 311 THR A OG1 1 
ATOM   311 C CG2 . THR A 1 44 ? -11.005 4.674   11.098  1.00 60.86  ? 311 THR A CG2 1 
ATOM   312 N N   . ALA A 1 45 ? -12.468 1.377   12.548  1.00 66.83  ? 312 ALA A N   1 
ATOM   313 C CA  . ALA A 1 45 ? -13.750 1.158   13.209  1.00 75.79  ? 312 ALA A CA  1 
ATOM   314 C C   . ALA A 1 45 ? -13.556 0.740   14.662  1.00 81.07  ? 312 ALA A C   1 
ATOM   315 O O   . ALA A 1 45 ? -14.313 1.165   15.542  1.00 85.28  ? 312 ALA A O   1 
ATOM   316 C CB  . ALA A 1 45 ? -14.561 0.110   12.449  1.00 51.46  ? 312 ALA A CB  1 
ATOM   317 N N   . LYS A 1 46 ? -12.547 -0.094  14.930  1.00 78.70  ? 313 LYS A N   1 
ATOM   318 C CA  . LYS A 1 46 ? -12.269 -0.495  16.305  1.00 70.65  ? 313 LYS A CA  1 
ATOM   319 C C   . LYS A 1 46 ? -11.743 0.670   17.133  1.00 83.22  ? 313 LYS A C   1 
ATOM   320 O O   . LYS A 1 46 ? -12.027 0.753   18.333  1.00 84.32  ? 313 LYS A O   1 
ATOM   321 C CB  . LYS A 1 46 ? -11.272 -1.653  16.324  1.00 79.54  ? 313 LYS A CB  1 
ATOM   322 C CG  . LYS A 1 46 ? -11.873 -2.986  16.743  1.00 92.81  ? 313 LYS A CG  1 
ATOM   323 C CD  . LYS A 1 46 ? -13.082 -3.338  15.892  1.00 86.20  ? 313 LYS A CD  1 
ATOM   324 N N   . LEU A 1 47 ? -10.978 1.573   16.515  1.00 77.58  ? 314 LEU A N   1 
ATOM   325 C CA  . LEU A 1 47 ? -10.492 2.747   17.234  1.00 76.12  ? 314 LEU A CA  1 
ATOM   326 C C   . LEU A 1 47 ? -11.636 3.691   17.583  1.00 78.21  ? 314 LEU A C   1 
ATOM   327 O O   . LEU A 1 47 ? -11.623 4.326   18.644  1.00 81.28  ? 314 LEU A O   1 
ATOM   328 C CB  . LEU A 1 47 ? -9.430  3.466   16.402  1.00 70.04  ? 314 LEU A CB  1 
ATOM   329 C CG  . LEU A 1 47 ? -8.894  4.791   16.949  1.00 66.08  ? 314 LEU A CG  1 
ATOM   330 C CD1 . LEU A 1 47 ? -8.291  4.599   18.331  1.00 81.67  ? 314 LEU A CD1 1 
ATOM   331 C CD2 . LEU A 1 47 ? -7.875  5.392   15.994  1.00 73.84  ? 314 LEU A CD2 1 
ATOM   332 N N   . SER A 1 48 ? -12.637 3.793   16.704  1.00 72.38  ? 315 SER A N   1 
ATOM   333 C CA  . SER A 1 48 ? -13.779 4.660   16.978  1.00 84.65  ? 315 SER A CA  1 
ATOM   334 C C   . SER A 1 48 ? -14.652 4.091   18.089  1.00 87.02  ? 315 SER A C   1 
ATOM   335 O O   . SER A 1 48 ? -15.113 4.833   18.965  1.00 84.56  ? 315 SER A O   1 
ATOM   336 C CB  . SER A 1 48 ? -14.598 4.869   15.705  1.00 76.53  ? 315 SER A CB  1 
ATOM   337 O OG  . SER A 1 48 ? -14.207 6.053   15.034  1.00 93.95  ? 315 SER A OG  1 
ATOM   338 N N   . GLU A 1 49 ? -14.895 2.778   18.068  1.00 75.30  ? 316 GLU A N   1 
ATOM   339 C CA  . GLU A 1 49 ? -15.693 2.155   19.119  1.00 87.25  ? 316 GLU A CA  1 
ATOM   340 C C   . GLU A 1 49 ? -14.997 2.243   20.472  1.00 88.24  ? 316 GLU A C   1 
ATOM   341 O O   . GLU A 1 49 ? -15.654 2.406   21.507  1.00 85.96  ? 316 GLU A O   1 
ATOM   342 C CB  . GLU A 1 49 ? -15.988 0.697   18.765  1.00 81.37  ? 316 GLU A CB  1 
ATOM   343 C CG  . GLU A 1 49 ? -16.925 0.514   17.583  1.00 92.55  ? 316 GLU A CG  1 
ATOM   344 O OE1 . GLU A 1 49 ? -15.699 -2.623  17.968  1.00 95.75  ? 316 GLU A OE1 1 
ATOM   345 O OE2 . GLU A 1 49 ? -13.585 -2.120  19.987  1.00 82.69  ? 316 GLU A OE2 1 
ATOM   346 N N   . ALA A 1 50 ? -13.667 2.137   20.487  1.00 84.03  ? 317 ALA A N   1 
ATOM   347 C CA  . ALA A 1 50 ? -12.942 2.197   21.752  1.00 87.77  ? 317 ALA A CA  1 
ATOM   348 C C   . ALA A 1 50 ? -12.818 3.632   22.251  1.00 89.20  ? 317 ALA A C   1 
ATOM   349 O O   . ALA A 1 50 ? -12.832 3.877   23.463  1.00 99.06  ? 317 ALA A O   1 
ATOM   350 C CB  . ALA A 1 50 ? -11.567 1.550   21.595  1.00 87.67  ? 317 ALA A CB  1 
ATOM   351 N N   . SER A 1 51 ? -12.685 4.595   21.335  1.00 84.87  ? 318 SER A N   1 
ATOM   352 C CA  . SER A 1 51 ? -12.632 5.993   21.746  1.00 87.22  ? 318 SER A CA  1 
ATOM   353 C C   . SER A 1 51 ? -13.999 6.492   22.191  1.00 90.06  ? 318 SER A C   1 
ATOM   354 O O   . SER A 1 51 ? -14.085 7.372   23.054  1.00 83.80  ? 318 SER A O   1 
ATOM   355 C CB  . SER A 1 51 ? -12.093 6.863   20.613  1.00 85.90  ? 318 SER A CB  1 
ATOM   356 O OG  . SER A 1 51 ? -12.684 8.149   20.646  1.00 102.97 ? 318 SER A OG  1 
ATOM   357 N N   . GLN A 1 52 ? -15.073 5.950   21.613  1.00 85.47  ? 319 GLN A N   1 
ATOM   358 C CA  . GLN A 1 52 ? -16.412 6.310   22.066  1.00 93.34  ? 319 GLN A CA  1 
ATOM   359 C C   . GLN A 1 52 ? -16.699 5.719   23.438  1.00 100.01 ? 319 GLN A C   1 
ATOM   360 O O   . GLN A 1 52 ? -17.365 6.352   24.267  1.00 100.15 ? 319 GLN A O   1 
ATOM   361 C CB  . GLN A 1 52 ? -17.453 5.841   21.051  1.00 88.77  ? 319 GLN A CB  1 
ATOM   362 C CG  . GLN A 1 52 ? -17.999 6.944   20.161  1.00 100.46 ? 319 GLN A CG  1 
ATOM   363 C CD  . GLN A 1 52 ? -18.907 6.412   19.070  1.00 116.26 ? 319 GLN A CD  1 
ATOM   364 O OE1 . GLN A 1 52 ? -18.520 6.343   17.903  1.00 117.22 ? 319 GLN A OE1 1 
ATOM   365 N NE2 . GLN A 1 52 ? -20.122 6.028   19.445  1.00 114.21 ? 319 GLN A NE2 1 
ATOM   366 N N   . ALA A 1 53 ? -16.203 4.507   23.697  1.00 92.54  ? 320 ALA A N   1 
ATOM   367 C CA  . ALA A 1 53 ? -16.394 3.892   25.006  1.00 96.91  ? 320 ALA A CA  1 
ATOM   368 C C   . ALA A 1 53 ? -15.595 4.620   26.079  1.00 100.01 ? 320 ALA A C   1 
ATOM   369 O O   . ALA A 1 53 ? -16.084 4.819   27.197  1.00 101.32 ? 320 ALA A O   1 
ATOM   370 C CB  . ALA A 1 53 ? -16.005 2.415   24.954  1.00 92.65  ? 320 ALA A CB  1 
ATOM   371 N N   . ALA A 1 54 ? -14.364 5.026   25.758  1.00 90.89  ? 321 ALA A N   1 
ATOM   372 C CA  . ALA A 1 54 ? -13.564 5.778   26.718  1.00 92.31  ? 321 ALA A CA  1 
ATOM   373 C C   . ALA A 1 54 ? -14.135 7.169   26.957  1.00 94.16  ? 321 ALA A C   1 
ATOM   374 O O   . ALA A 1 54 ? -13.998 7.714   28.059  1.00 94.90  ? 321 ALA A O   1 
ATOM   375 C CB  . ALA A 1 54 ? -12.116 5.873   26.239  1.00 91.42  ? 321 ALA A CB  1 
ATOM   376 N N   . ASP A 1 55 ? -14.776 7.757   25.945  1.00 92.53  ? 322 ASP A N   1 
ATOM   377 C CA  . ASP A 1 55 ? -15.389 9.069   26.118  1.00 100.26 ? 322 ASP A CA  1 
ATOM   378 C C   . ASP A 1 55 ? -16.702 8.976   26.883  1.00 101.18 ? 322 ASP A C   1 
ATOM   379 O O   . ASP A 1 55 ? -16.974 9.809   27.753  1.00 103.46 ? 322 ASP A O   1 
ATOM   380 C CB  . ASP A 1 55 ? -15.610 9.730   24.757  1.00 97.11  ? 322 ASP A CB  1 
ATOM   381 C CG  . ASP A 1 55 ? -14.406 10.529  24.295  1.00 101.94 ? 322 ASP A CG  1 
ATOM   382 O OD1 . ASP A 1 55 ? -13.346 10.442  24.949  1.00 97.37  ? 322 ASP A OD1 1 
ATOM   383 O OD2 . ASP A 1 55 ? -14.521 11.245  23.278  1.00 99.12  ? 322 ASP A OD2 1 
ATOM   384 N N   . GLU A 1 56 ? -17.526 7.970   26.577  1.00 98.62  ? 323 GLU A N   1 
ATOM   385 C CA  . GLU A 1 56 ? -18.795 7.809   27.277  1.00 100.97 ? 323 GLU A CA  1 
ATOM   386 C C   . GLU A 1 56 ? -18.609 7.332   28.713  1.00 100.32 ? 323 GLU A C   1 
ATOM   387 O O   . GLU A 1 56 ? -19.510 7.524   29.536  1.00 109.48 ? 323 GLU A O   1 
ATOM   388 C CB  . GLU A 1 56 ? -19.698 6.833   26.517  1.00 105.41 ? 323 GLU A CB  1 
ATOM   389 C CG  . GLU A 1 56 ? -19.330 5.368   26.698  1.00 113.43 ? 323 GLU A CG  1 
ATOM   390 C CD  . GLU A 1 56 ? -20.339 4.430   26.064  1.00 113.46 ? 323 GLU A CD  1 
ATOM   391 O OE1 . GLU A 1 56 ? -20.177 3.199   26.204  1.00 113.74 ? 323 GLU A OE1 1 
ATOM   392 O OE2 . GLU A 1 56 ? -21.293 4.923   25.427  1.00 105.47 ? 323 GLU A OE2 1 
ATOM   393 N N   . SER A 1 57 ? -17.467 6.720   29.031  1.00 99.80  ? 324 SER A N   1 
ATOM   394 C CA  . SER A 1 57 ? -17.220 6.271   30.396  1.00 103.51 ? 324 SER A CA  1 
ATOM   395 C C   . SER A 1 57 ? -16.765 7.424   31.282  1.00 106.38 ? 324 SER A C   1 
ATOM   396 O O   . SER A 1 57 ? -17.307 7.631   32.372  1.00 106.90 ? 324 SER A O   1 
ATOM   397 C CB  . SER A 1 57 ? -16.181 5.147   30.402  1.00 92.33  ? 324 SER A CB  1 
ATOM   398 O OG  . SER A 1 57 ? -15.407 5.176   31.587  1.00 90.27  ? 324 SER A OG  1 
ATOM   399 N N   . GLU A 1 58 ? -15.769 8.189   30.826  1.00 104.69 ? 325 GLU A N   1 
ATOM   400 C CA  . GLU A 1 58 ? -15.283 9.313   31.616  1.00 106.14 ? 325 GLU A CA  1 
ATOM   401 C C   . GLU A 1 58 ? -16.311 10.435  31.690  1.00 107.06 ? 325 GLU A C   1 
ATOM   402 O O   . GLU A 1 58 ? -16.327 11.194  32.667  1.00 110.99 ? 325 GLU A O   1 
ATOM   403 C CB  . GLU A 1 58 ? -13.967 9.835   31.039  1.00 106.73 ? 325 GLU A CB  1 
ATOM   404 C CG  . GLU A 1 58 ? -12.971 10.297  32.091  1.00 106.26 ? 325 GLU A CG  1 
ATOM   405 C CD  . GLU A 1 58 ? -13.258 11.700  32.590  1.00 115.19 ? 325 GLU A CD  1 
ATOM   406 O OE1 . GLU A 1 58 ? -13.026 11.964  33.788  1.00 115.58 ? 325 GLU A OE1 1 
ATOM   407 O OE2 . GLU A 1 58 ? -13.715 12.537  31.785  1.00 119.02 ? 325 GLU A OE2 1 
ATOM   408 N N   . ARG A 1 59 ? -17.171 10.560  30.676  1.00 103.59 ? 326 ARG A N   1 
ATOM   409 C CA  . ARG A 1 59 ? -18.220 11.572  30.724  1.00 104.32 ? 326 ARG A CA  1 
ATOM   410 C C   . ARG A 1 59 ? -19.221 11.287  31.835  1.00 113.57 ? 326 ARG A C   1 
ATOM   411 O O   . ARG A 1 59 ? -19.804 12.221  32.394  1.00 107.58 ? 326 ARG A O   1 
ATOM   412 C CB  . ARG A 1 59 ? -18.937 11.659  29.376  1.00 96.46  ? 326 ARG A CB  1 
ATOM   413 C CG  . ARG A 1 59 ? -19.775 12.916  29.194  1.00 98.08  ? 326 ARG A CG  1 
ATOM   414 C CD  . ARG A 1 59 ? -21.258 12.621  29.352  1.00 107.11 ? 326 ARG A CD  1 
ATOM   415 N NE  . ARG A 1 59 ? -21.762 11.759  28.288  1.00 104.88 ? 326 ARG A NE  1 
ATOM   416 N N   . ALA A 1 60 ? -19.429 10.012  32.168  1.00 110.90 ? 327 ALA A N   1 
ATOM   417 C CA  . ALA A 1 60 ? -20.329 9.653   33.256  1.00 107.90 ? 327 ALA A CA  1 
ATOM   418 C C   . ALA A 1 60 ? -19.677 9.790   34.624  1.00 110.35 ? 327 ALA A C   1 
ATOM   419 O O   . ALA A 1 60 ? -20.391 9.881   35.628  1.00 110.40 ? 327 ALA A O   1 
ATOM   420 C CB  . ALA A 1 60 ? -20.839 8.221   33.069  1.00 101.28 ? 327 ALA A CB  1 
ATOM   421 N N   A ARG A 1 61 ? -18.345 9.811   34.687  0.50 109.35 ? 328 ARG A N   1 
ATOM   422 N N   B ARG A 1 61 ? -18.345 9.800   34.689  0.50 109.35 ? 328 ARG A N   1 
ATOM   423 C CA  A ARG A 1 61 ? -17.623 9.950   35.951  0.50 109.31 ? 328 ARG A CA  1 
ATOM   424 C CA  B ARG A 1 61 ? -17.627 9.914   35.958  0.50 109.31 ? 328 ARG A CA  1 
ATOM   425 C C   A ARG A 1 61 ? -17.635 11.422  36.357  0.50 109.65 ? 328 ARG A C   1 
ATOM   426 C C   B ARG A 1 61 ? -17.598 11.383  36.372  0.50 109.65 ? 328 ARG A C   1 
ATOM   427 O O   A ARG A 1 61 ? -16.684 12.175  36.137  0.50 110.37 ? 328 ARG A O   1 
ATOM   428 O O   B ARG A 1 61 ? -16.626 12.112  36.154  0.50 110.37 ? 328 ARG A O   1 
ATOM   429 C CB  A ARG A 1 61 ? -16.200 9.417   35.827  0.50 106.23 ? 328 ARG A CB  1 
ATOM   430 C CB  B ARG A 1 61 ? -16.224 9.332   35.837  0.50 106.23 ? 328 ARG A CB  1 
ATOM   431 C CG  A ARG A 1 61 ? -16.090 7.965   35.378  0.50 104.95 ? 328 ARG A CG  1 
ATOM   432 C CG  B ARG A 1 61 ? -15.863 8.349   36.939  0.50 103.79 ? 328 ARG A CG  1 
ATOM   433 C CD  A ARG A 1 61 ? -17.156 7.087   36.015  0.50 104.42 ? 328 ARG A CD  1 
ATOM   434 C CD  B ARG A 1 61 ? -14.419 8.520   37.392  0.50 102.09 ? 328 ARG A CD  1 
ATOM   435 N NE  A ARG A 1 61 ? -17.992 6.440   35.008  0.50 102.74 ? 328 ARG A NE  1 
ATOM   436 N NE  B ARG A 1 61 ? -13.700 9.511   36.598  0.50 100.28 ? 328 ARG A NE  1 
ATOM   437 C CZ  A ARG A 1 61 ? -17.671 5.312   34.384  0.50 105.82 ? 328 ARG A CZ  1 
ATOM   438 C CZ  B ARG A 1 61 ? -13.341 10.710  37.046  0.50 100.98 ? 328 ARG A CZ  1 
ATOM   439 N NH1 A ARG A 1 61 ? -16.527 4.700   34.660  0.50 105.95 ? 328 ARG A NH1 1 
ATOM   440 N NH1 B ARG A 1 61 ? -13.636 11.072  38.287  0.50 100.22 ? 328 ARG A NH1 1 
ATOM   441 N NH2 A ARG A 1 61 ? -18.493 4.794   33.482  0.50 104.45 ? 328 ARG A NH2 1 
ATOM   442 N NH2 B ARG A 1 61 ? -12.689 11.549  36.252  0.50 96.87  ? 328 ARG A NH2 1 
ATOM   443 N N   A LYS A 1 62 ? -18.742 11.833  36.963  0.50 111.77 ? 329 LYS A N   1 
ATOM   444 N N   B LYS A 1 62 ? -18.692 11.820  36.982  0.50 111.77 ? 329 LYS A N   1 
ATOM   445 C CA  A LYS A 1 62 ? -18.922 13.193  37.451  0.50 114.29 ? 329 LYS A CA  1 
ATOM   446 C CA  B LYS A 1 62 ? -18.851 13.186  37.463  0.50 114.30 ? 329 LYS A CA  1 
ATOM   447 C C   A LYS A 1 62 ? -19.073 13.176  38.970  0.50 118.83 ? 329 LYS A C   1 
ATOM   448 C C   B LYS A 1 62 ? -19.024 13.177  38.979  0.50 118.84 ? 329 LYS A C   1 
ATOM   449 O O   A LYS A 1 62 ? -19.075 12.120  39.608  0.50 116.90 ? 329 LYS A O   1 
ATOM   450 O O   B LYS A 1 62 ? -19.002 12.127  39.626  0.50 116.91 ? 329 LYS A O   1 
ATOM   451 C CB  A LYS A 1 62 ? -20.134 13.857  36.789  0.50 107.79 ? 329 LYS A CB  1 
ATOM   452 C CB  B LYS A 1 62 ? -20.037 13.870  36.777  0.50 107.79 ? 329 LYS A CB  1 
ATOM   453 C CG  A LYS A 1 62 ? -19.994 14.051  35.290  0.50 107.90 ? 329 LYS A CG  1 
ATOM   454 C CG  B LYS A 1 62 ? -19.961 13.871  35.259  0.50 107.87 ? 329 LYS A CG  1 
ATOM   455 C CD  A LYS A 1 62 ? -21.351 14.042  34.606  0.50 104.87 ? 329 LYS A CD  1 
ATOM   456 C CD  B LYS A 1 62 ? -19.140 15.044  34.748  0.50 107.39 ? 329 LYS A CD  1 
ATOM   457 C CE  A LYS A 1 62 ? -21.965 12.651  34.624  0.50 99.67  ? 329 LYS A CE  1 
ATOM   458 C CE  B LYS A 1 62 ? -17.984 14.575  33.879  0.50 98.29  ? 329 LYS A CE  1 
ATOM   459 N NZ  A LYS A 1 62 ? -23.393 12.659  34.209  0.50 100.38 ? 329 LYS A NZ  1 
ATOM   460 N NZ  B LYS A 1 62 ? -16.847 14.064  34.694  0.50 97.56  ? 329 LYS A NZ  1 
ATOM   461 N N   . ILE A 1 63 ? -19.199 14.368  39.545  1.00 123.19 ? 330 ILE A N   1 
ATOM   462 C CA  . ILE A 1 63 ? -19.357 14.514  40.986  1.00 121.73 ? 330 ILE A CA  1 
ATOM   463 C C   . ILE A 1 63 ? -20.713 13.977  41.430  1.00 118.92 ? 330 ILE A C   1 
ATOM   464 O O   . ILE A 1 63 ? -20.790 13.033  42.217  1.00 121.37 ? 330 ILE A O   1 
ATOM   465 C CB  . ILE A 1 63 ? -19.187 15.981  41.418  1.00 121.65 ? 330 ILE A CB  1 
ATOM   466 C CG1 . ILE A 1 63 ? -17.863 16.540  40.895  1.00 116.57 ? 330 ILE A CG1 1 
ATOM   467 C CG2 . ILE A 1 63 ? -19.264 16.103  42.932  1.00 103.57 ? 330 ILE A CG2 1 
ATOM   468 C CD1 . ILE A 1 63 ? -17.654 18.006  41.207  1.00 100.36 ? 330 ILE A CD1 1 
ATOM   469 N N   . THR B 1 10 ? -4.611  1.056   28.629  1.00 123.37 ? 277 THR B N   1 
ATOM   470 C CA  . THR B 1 10 ? -5.959  0.876   28.104  1.00 125.11 ? 277 THR B CA  1 
ATOM   471 C C   . THR B 1 10 ? -5.911  0.274   26.701  1.00 120.91 ? 277 THR B C   1 
ATOM   472 O O   . THR B 1 10 ? -4.853  0.230   26.070  1.00 115.03 ? 277 THR B O   1 
ATOM   473 C CB  . THR B 1 10 ? -6.733  2.211   28.070  1.00 121.98 ? 277 THR B CB  1 
ATOM   474 O OG1 . THR B 1 10 ? -6.349  3.017   29.191  1.00 110.67 ? 277 THR B OG1 1 
ATOM   475 C CG2 . THR B 1 10 ? -8.237  1.968   28.136  1.00 108.20 ? 277 THR B CG2 1 
ATOM   476 N N   . GLN B 1 11 ? -7.066  -0.193  26.222  1.00 118.65 ? 278 GLN B N   1 
ATOM   477 C CA  . GLN B 1 11 ? -7.181  -0.782  24.894  1.00 116.03 ? 278 GLN B CA  1 
ATOM   478 C C   . GLN B 1 11 ? -7.090  0.247   23.773  1.00 117.05 ? 278 GLN B C   1 
ATOM   479 O O   . GLN B 1 11 ? -7.017  -0.147  22.604  1.00 104.92 ? 278 GLN B O   1 
ATOM   480 C CB  . GLN B 1 11 ? -8.500  -1.546  24.784  1.00 109.47 ? 278 GLN B CB  1 
ATOM   481 C CG  . GLN B 1 11 ? -9.701  -0.646  24.557  1.00 122.00 ? 278 GLN B CG  1 
ATOM   482 C CD  . GLN B 1 11 ? -10.990 -1.419  24.368  1.00 131.90 ? 278 GLN B CD  1 
ATOM   483 O OE1 . GLN B 1 11 ? -11.008 -2.648  24.422  1.00 131.99 ? 278 GLN B OE1 1 
ATOM   484 N NE2 . GLN B 1 11 ? -12.081 -0.696  24.145  1.00 121.59 ? 278 GLN B NE2 1 
ATOM   485 N N   . LEU B 1 12 ? -7.098  1.542   24.094  1.00 116.78 ? 279 LEU B N   1 
ATOM   486 C CA  . LEU B 1 12 ? -7.006  2.573   23.067  1.00 102.24 ? 279 LEU B CA  1 
ATOM   487 C C   . LEU B 1 12 ? -5.583  2.769   22.566  1.00 99.93  ? 279 LEU B C   1 
ATOM   488 O O   . LEU B 1 12 ? -5.383  3.100   21.391  1.00 97.96  ? 279 LEU B O   1 
ATOM   489 C CB  . LEU B 1 12 ? -7.549  3.897   23.602  1.00 87.95  ? 279 LEU B CB  1 
ATOM   490 C CG  . LEU B 1 12 ? -8.112  4.784   22.496  1.00 98.41  ? 279 LEU B CG  1 
ATOM   491 C CD1 . LEU B 1 12 ? -9.489  4.289   22.127  1.00 96.63  ? 279 LEU B CD1 1 
ATOM   492 C CD2 . LEU B 1 12 ? -8.155  6.251   22.909  1.00 100.58 ? 279 LEU B CD2 1 
ATOM   493 N N   . LYS B 1 13 ? -4.589  2.583   23.435  1.00 104.21 ? 280 LYS B N   1 
ATOM   494 C CA  . LYS B 1 13 ? -3.202  2.708   23.005  1.00 100.59 ? 280 LYS B CA  1 
ATOM   495 C C   . LYS B 1 13 ? -2.839  1.641   21.982  1.00 99.29  ? 280 LYS B C   1 
ATOM   496 O O   . LYS B 1 13 ? -1.996  1.881   21.110  1.00 96.19  ? 280 LYS B O   1 
ATOM   497 C CB  . LYS B 1 13 ? -2.269  2.632   24.214  1.00 95.97  ? 280 LYS B CB  1 
ATOM   498 N N   . ARG B 1 14 ? -3.467  0.466   22.066  1.00 99.39  ? 281 ARG B N   1 
ATOM   499 C CA  . ARG B 1 14 ? -3.229  -0.581  21.081  1.00 93.37  ? 281 ARG B CA  1 
ATOM   500 C C   . ARG B 1 14 ? -3.964  -0.311  19.775  1.00 91.83  ? 281 ARG B C   1 
ATOM   501 O O   . ARG B 1 14 ? -3.490  -0.715  18.708  1.00 83.15  ? 281 ARG B O   1 
ATOM   502 C CB  . ARG B 1 14 ? -3.646  -1.939  21.647  1.00 85.70  ? 281 ARG B CB  1 
ATOM   503 N N   . ALA B 1 15 ? -5.113  0.367   19.835  1.00 96.97  ? 282 ALA B N   1 
ATOM   504 C CA  . ALA B 1 15 ? -5.848  0.681   18.614  1.00 85.95  ? 282 ALA B CA  1 
ATOM   505 C C   . ALA B 1 15 ? -5.175  1.807   17.839  1.00 82.80  ? 282 ALA B C   1 
ATOM   506 O O   . ALA B 1 15 ? -5.133  1.778   16.604  1.00 78.37  ? 282 ALA B O   1 
ATOM   507 C CB  . ALA B 1 15 ? -7.293  1.046   18.949  1.00 77.49  ? 282 ALA B CB  1 
ATOM   508 N N   . GLU B 1 16 ? -4.643  2.807   18.546  1.00 81.17  ? 283 GLU B N   1 
ATOM   509 C CA  . GLU B 1 16 ? -3.951  3.901   17.873  1.00 84.46  ? 283 GLU B CA  1 
ATOM   510 C C   . GLU B 1 16 ? -2.640  3.440   17.251  1.00 82.44  ? 283 GLU B C   1 
ATOM   511 O O   . GLU B 1 16 ? -2.232  3.966   16.209  1.00 74.06  ? 283 GLU B O   1 
ATOM   512 C CB  . GLU B 1 16 ? -3.694  5.047   18.852  1.00 82.00  ? 283 GLU B CB  1 
ATOM   513 C CG  . GLU B 1 16 ? -4.952  5.663   19.442  1.00 98.53  ? 283 GLU B CG  1 
ATOM   514 C CD  . GLU B 1 16 ? -4.650  6.674   20.530  1.00 108.47 ? 283 GLU B CD  1 
ATOM   515 O OE1 . GLU B 1 16 ? -5.312  7.734   20.559  1.00 102.98 ? 283 GLU B OE1 1 
ATOM   516 O OE2 . GLU B 1 16 ? -3.751  6.411   21.356  1.00 100.36 ? 283 GLU B OE2 1 
ATOM   517 N N   . SER B 1 17 ? -1.968  2.466   17.870  1.00 78.79  ? 284 SER B N   1 
ATOM   518 C CA  . SER B 1 17 ? -0.700  1.987   17.330  1.00 92.28  ? 284 SER B CA  1 
ATOM   519 C C   . SER B 1 17 ? -0.915  1.136   16.086  1.00 68.76  ? 284 SER B C   1 
ATOM   520 O O   . SER B 1 17 ? -0.123  1.200   15.139  1.00 64.91  ? 284 SER B O   1 
ATOM   521 C CB  . SER B 1 17 ? 0.061   1.200   18.397  1.00 80.18  ? 284 SER B CB  1 
ATOM   522 O OG  . SER B 1 17 ? -0.764  0.209   18.984  1.00 97.17  ? 284 SER B OG  1 
ATOM   523 N N   . GLU B 1 18 ? -1.978  0.328   16.069  1.00 61.13  ? 285 GLU B N   1 
ATOM   524 C CA  . GLU B 1 18 ? -2.265  -0.488  14.894  1.00 74.07  ? 285 GLU B CA  1 
ATOM   525 C C   . GLU B 1 18 ? -2.700  0.376   13.716  1.00 66.29  ? 285 GLU B C   1 
ATOM   526 O O   . GLU B 1 18 ? -2.333  0.101   12.568  1.00 69.22  ? 285 GLU B O   1 
ATOM   527 C CB  . GLU B 1 18 ? -3.336  -1.528  15.227  1.00 71.54  ? 285 GLU B CB  1 
ATOM   528 C CG  . GLU B 1 18 ? -3.839  -2.316  14.027  1.00 86.76  ? 285 GLU B CG  1 
ATOM   529 C CD  . GLU B 1 18 ? -3.099  -3.626  13.837  1.00 107.15 ? 285 GLU B CD  1 
ATOM   530 O OE1 . GLU B 1 18 ? -3.138  -4.175  12.715  1.00 96.41  ? 285 GLU B OE1 1 
ATOM   531 O OE2 . GLU B 1 18 ? -2.478  -4.106  14.808  1.00 118.72 ? 285 GLU B OE2 1 
ATOM   532 N N   . VAL B 1 19 ? -3.478  1.427   13.983  1.00 67.53  ? 286 VAL B N   1 
ATOM   533 C CA  . VAL B 1 19 ? -3.896  2.330   12.916  1.00 61.49  ? 286 VAL B CA  1 
ATOM   534 C C   . VAL B 1 19 ? -2.699  3.097   12.368  1.00 57.71  ? 286 VAL B C   1 
ATOM   535 O O   . VAL B 1 19 ? -2.540  3.240   11.149  1.00 58.57  ? 286 VAL B O   1 
ATOM   536 C CB  . VAL B 1 19 ? -4.999  3.277   13.424  1.00 60.68  ? 286 VAL B CB  1 
ATOM   537 C CG1 . VAL B 1 19 ? -5.087  4.523   12.554  1.00 58.13  ? 286 VAL B CG1 1 
ATOM   538 C CG2 . VAL B 1 19 ? -6.338  2.558   13.466  1.00 63.44  ? 286 VAL B CG2 1 
ATOM   539 N N   . ALA B 1 20 ? -1.833  3.594   13.255  1.00 52.09  ? 287 ALA B N   1 
ATOM   540 C CA  . ALA B 1 20 ? -0.657  4.332   12.809  1.00 60.32  ? 287 ALA B CA  1 
ATOM   541 C C   . ALA B 1 20 ? 0.307   3.433   12.046  1.00 60.44  ? 287 ALA B C   1 
ATOM   542 O O   . ALA B 1 20 ? 0.945   3.874   11.081  1.00 57.27  ? 287 ALA B O   1 
ATOM   543 C CB  . ALA B 1 20 ? 0.043   4.978   14.005  1.00 50.25  ? 287 ALA B CB  1 
ATOM   544 N N   . ALA B 1 21 ? 0.431   2.171   12.462  1.00 53.71  ? 288 ALA B N   1 
ATOM   545 C CA  . ALA B 1 21 ? 1.308   1.245   11.753  1.00 59.45  ? 288 ALA B CA  1 
ATOM   546 C C   . ALA B 1 21 ? 0.750   0.899   10.379  1.00 51.24  ? 288 ALA B C   1 
ATOM   547 O O   . ALA B 1 21 ? 1.510   0.730   9.418   1.00 51.89  ? 288 ALA B O   1 
ATOM   548 C CB  . ALA B 1 21 ? 1.519   -0.022  12.582  1.00 51.12  ? 288 ALA B CB  1 
ATOM   549 N N   . LEU B 1 22 ? -0.575  0.790   10.266  1.00 52.04  ? 289 LEU B N   1 
ATOM   550 C CA  . LEU B 1 22 ? -1.182  0.501   8.970   1.00 56.57  ? 289 LEU B CA  1 
ATOM   551 C C   . LEU B 1 22 ? -1.114  1.711   8.049   1.00 51.12  ? 289 LEU B C   1 
ATOM   552 O O   . LEU B 1 22 ? -0.944  1.565   6.834   1.00 51.08  ? 289 LEU B O   1 
ATOM   553 C CB  . LEU B 1 22 ? -2.629  0.045   9.160   1.00 47.83  ? 289 LEU B CB  1 
ATOM   554 C CG  . LEU B 1 22 ? -2.812  -1.407  9.607   1.00 51.44  ? 289 LEU B CG  1 
ATOM   555 C CD1 . LEU B 1 22 ? -4.231  -1.644  10.101  1.00 65.06  ? 289 LEU B CD1 1 
ATOM   556 C CD2 . LEU B 1 22 ? -2.465  -2.363  8.477   1.00 47.23  ? 289 LEU B CD2 1 
ATOM   557 N N   . ASN B 1 23 ? -1.246  2.917   8.610   1.00 51.03  ? 290 ASN B N   1 
ATOM   558 C CA  . ASN B 1 23 ? -1.118  4.125   7.803   1.00 55.65  ? 290 ASN B CA  1 
ATOM   559 C C   . ASN B 1 23 ? 0.304   4.304   7.289   1.00 52.82  ? 290 ASN B C   1 
ATOM   560 O O   . ASN B 1 23 ? 0.504   4.853   6.199   1.00 46.53  ? 290 ASN B O   1 
ATOM   561 C CB  . ASN B 1 23 ? -1.546  5.348   8.613   1.00 54.56  ? 290 ASN B CB  1 
ATOM   562 C CG  . ASN B 1 23 ? -3.046  5.566   8.591   1.00 58.81  ? 290 ASN B CG  1 
ATOM   563 O OD1 . ASN B 1 23 ? -3.672  5.556   7.531   1.00 59.12  ? 290 ASN B OD1 1 
ATOM   564 N ND2 . ASN B 1 23 ? -3.632  5.768   9.765   1.00 68.66  ? 290 ASN B ND2 1 
ATOM   565 N N   . ARG B 1 24 ? 1.300   3.854   8.055   1.00 39.59  ? 291 ARG B N   1 
ATOM   566 C CA  . ARG B 1 24 ? 2.683   3.957   7.606   1.00 55.22  ? 291 ARG B CA  1 
ATOM   567 C C   . ARG B 1 24 ? 2.993   2.919   6.535   1.00 47.91  ? 291 ARG B C   1 
ATOM   568 O O   . ARG B 1 24 ? 3.737   3.198   5.589   1.00 44.07  ? 291 ARG B O   1 
ATOM   569 C CB  . ARG B 1 24 ? 3.632   3.807   8.795   1.00 48.96  ? 291 ARG B CB  1 
ATOM   570 C CG  . ARG B 1 24 ? 5.105   3.948   8.444   1.00 58.13  ? 291 ARG B CG  1 
ATOM   571 C CD  . ARG B 1 24 ? 5.387   5.268   7.744   1.00 66.81  ? 291 ARG B CD  1 
ATOM   572 N NE  . ARG B 1 24 ? 6.816   5.471   7.521   1.00 65.93  ? 291 ARG B NE  1 
ATOM   573 C CZ  . ARG B 1 24 ? 7.331   6.503   6.860   1.00 74.10  ? 291 ARG B CZ  1 
ATOM   574 N NH1 . ARG B 1 24 ? 6.533   7.433   6.352   1.00 76.16  ? 291 ARG B NH1 1 
ATOM   575 N NH2 . ARG B 1 24 ? 8.643   6.605   6.706   1.00 71.19  ? 291 ARG B NH2 1 
ATOM   576 N N   . ARG B 1 25 ? 2.427   1.716   6.667   1.00 47.05  ? 292 ARG B N   1 
ATOM   577 C CA  . ARG B 1 25 ? 2.649   0.681   5.662   1.00 52.20  ? 292 ARG B CA  1 
ATOM   578 C C   . ARG B 1 25 ? 2.032   1.066   4.324   1.00 46.93  ? 292 ARG B C   1 
ATOM   579 O O   . ARG B 1 25 ? 2.648   0.866   3.270   1.00 43.74  ? 292 ARG B O   1 
ATOM   580 C CB  . ARG B 1 25 ? 2.083   -0.654  6.148   1.00 42.51  ? 292 ARG B CB  1 
ATOM   581 C CG  . ARG B 1 25 ? 2.196   -1.776  5.130   1.00 47.01  ? 292 ARG B CG  1 
ATOM   582 C CD  . ARG B 1 25 ? 1.629   -3.080  5.665   1.00 44.74  ? 292 ARG B CD  1 
ATOM   583 N NE  . ARG B 1 25 ? 2.062   -4.221  4.863   1.00 47.45  ? 292 ARG B NE  1 
ATOM   584 C CZ  . ARG B 1 25 ? 3.204   -4.874  5.049   1.00 50.61  ? 292 ARG B CZ  1 
ATOM   585 N NH1 . ARG B 1 25 ? 4.034   -4.504  6.016   1.00 47.66  ? 292 ARG B NH1 1 
ATOM   586 N NH2 . ARG B 1 25 ? 3.518   -5.900  4.269   1.00 45.46  ? 292 ARG B NH2 1 
ATOM   587 N N   . ILE B 1 26 ? 0.818   1.621   4.345   1.00 47.41  ? 293 ILE B N   1 
ATOM   588 C CA  . ILE B 1 26 ? 0.171   2.038   3.104   1.00 39.84  ? 293 ILE B CA  1 
ATOM   589 C C   . ILE B 1 26 ? 0.959   3.162   2.446   1.00 33.96  ? 293 ILE B C   1 
ATOM   590 O O   . ILE B 1 26 ? 1.120   3.193   1.219   1.00 44.33  ? 293 ILE B O   1 
ATOM   591 C CB  . ILE B 1 26 ? -1.290  2.444   3.379   1.00 50.83  ? 293 ILE B CB  1 
ATOM   592 C CG1 . ILE B 1 26 ? -2.143  1.201   3.642   1.00 43.80  ? 293 ILE B CG1 1 
ATOM   593 C CG2 . ILE B 1 26 ? -1.861  3.247   2.220   1.00 40.30  ? 293 ILE B CG2 1 
ATOM   594 C CD1 . ILE B 1 26 ? -3.452  1.493   4.336   1.00 51.35  ? 293 ILE B CD1 1 
ATOM   595 N N   . GLN B 1 27 ? 1.483   4.089   3.251   1.00 45.03  ? 294 GLN B N   1 
ATOM   596 C CA  . GLN B 1 27 ? 2.268   5.193   2.708   1.00 46.96  ? 294 GLN B CA  1 
ATOM   597 C C   . GLN B 1 27 ? 3.512   4.685   1.987   1.00 47.91  ? 294 GLN B C   1 
ATOM   598 O O   . GLN B 1 27 ? 3.823   5.123   0.873   1.00 45.60  ? 294 GLN B O   1 
ATOM   599 C CB  . GLN B 1 27 ? 2.652   6.160   3.827   1.00 60.92  ? 294 GLN B CB  1 
ATOM   600 C CG  . GLN B 1 27 ? 3.529   7.316   3.376   1.00 72.43  ? 294 GLN B CG  1 
ATOM   601 C CD  . GLN B 1 27 ? 2.759   8.617   3.257   1.00 70.95  ? 294 GLN B CD  1 
ATOM   602 O OE1 . GLN B 1 27 ? 1.833   8.876   4.024   1.00 69.89  ? 294 GLN B OE1 1 
ATOM   603 N NE2 . GLN B 1 27 ? 3.141   9.444   2.291   1.00 72.45  ? 294 GLN B NE2 1 
ATOM   604 N N   . LEU B 1 28 ? 4.237   3.753   2.610   1.00 50.01  ? 295 LEU B N   1 
ATOM   605 C CA  . LEU B 1 28 ? 5.440   3.216   1.982   1.00 45.25  ? 295 LEU B CA  1 
ATOM   606 C C   . LEU B 1 28 ? 5.105   2.337   0.784   1.00 40.37  ? 295 LEU B C   1 
ATOM   607 O O   . LEU B 1 28 ? 5.855   2.318   -0.198  1.00 46.30  ? 295 LEU B O   1 
ATOM   608 C CB  . LEU B 1 28 ? 6.261   2.432   3.004   1.00 45.29  ? 295 LEU B CB  1 
ATOM   609 C CG  . LEU B 1 28 ? 6.886   3.257   4.129   1.00 48.84  ? 295 LEU B CG  1 
ATOM   610 C CD1 . LEU B 1 28 ? 7.287   2.357   5.282   1.00 64.47  ? 295 LEU B CD1 1 
ATOM   611 C CD2 . LEU B 1 28 ? 8.082   4.046   3.620   1.00 46.79  ? 295 LEU B CD2 1 
ATOM   612 N N   . LEU B 1 29 ? 3.992   1.602   0.846   1.00 41.91  ? 296 LEU B N   1 
ATOM   613 C CA  . LEU B 1 29 ? 3.588   0.784   -0.293  1.00 41.44  ? 296 LEU B CA  1 
ATOM   614 C C   . LEU B 1 29 ? 3.175   1.651   -1.475  1.00 49.11  ? 296 LEU B C   1 
ATOM   615 O O   . LEU B 1 29 ? 3.475   1.322   -2.629  1.00 48.51  ? 296 LEU B O   1 
ATOM   616 C CB  . LEU B 1 29 ? 2.450   -0.152  0.110   1.00 46.66  ? 296 LEU B CB  1 
ATOM   617 C CG  . LEU B 1 29 ? 2.824   -1.387  0.930   1.00 51.42  ? 296 LEU B CG  1 
ATOM   618 C CD1 . LEU B 1 29 ? 1.572   -2.089  1.432   1.00 55.64  ? 296 LEU B CD1 1 
ATOM   619 C CD2 . LEU B 1 29 ? 3.684   -2.336  0.114   1.00 52.16  ? 296 LEU B CD2 1 
ATOM   620 N N   . GLU B 1 30 ? 2.484   2.763   -1.210  1.00 48.70  ? 297 GLU B N   1 
ATOM   621 C CA  . GLU B 1 30 ? 2.081   3.655   -2.292  1.00 43.30  ? 297 GLU B CA  1 
ATOM   622 C C   . GLU B 1 30 ? 3.278   4.364   -2.910  1.00 46.35  ? 297 GLU B C   1 
ATOM   623 O O   . GLU B 1 30 ? 3.253   4.694   -4.101  1.00 43.66  ? 297 GLU B O   1 
ATOM   624 C CB  . GLU B 1 30 ? 1.062   4.677   -1.785  1.00 38.25  ? 297 GLU B CB  1 
ATOM   625 C CG  . GLU B 1 30 ? -0.304  4.090   -1.464  1.00 45.47  ? 297 GLU B CG  1 
ATOM   626 C CD  . GLU B 1 30 ? -1.144  3.840   -2.701  1.00 54.42  ? 297 GLU B CD  1 
ATOM   627 O OE1 . GLU B 1 30 ? -0.724  4.247   -3.804  1.00 55.76  ? 297 GLU B OE1 1 
ATOM   628 O OE2 . GLU B 1 30 ? -2.229  3.236   -2.568  1.00 54.52  ? 297 GLU B OE2 1 
ATOM   629 N N   . GLU B 1 31 ? 4.327   4.614   -2.121  1.00 43.03  ? 298 GLU B N   1 
ATOM   630 C CA  . GLU B 1 31 ? 5.537   5.209   -2.677  1.00 41.55  ? 298 GLU B CA  1 
ATOM   631 C C   . GLU B 1 31 ? 6.259   4.229   -3.592  1.00 44.58  ? 298 GLU B C   1 
ATOM   632 O O   . GLU B 1 31 ? 6.757   4.615   -4.656  1.00 45.27  ? 298 GLU B O   1 
ATOM   633 C CB  . GLU B 1 31 ? 6.460   5.674   -1.551  1.00 47.10  ? 298 GLU B CB  1 
ATOM   634 C CG  . GLU B 1 31 ? 6.118   7.045   -0.993  1.00 52.30  ? 298 GLU B CG  1 
ATOM   635 C CD  . GLU B 1 31 ? 6.797   7.319   0.334   1.00 87.86  ? 298 GLU B CD  1 
ATOM   636 O OE1 . GLU B 1 31 ? 6.514   8.373   0.944   1.00 80.97  ? 298 GLU B OE1 1 
ATOM   637 O OE2 . GLU B 1 31 ? 7.616   6.481   0.770   1.00 86.95  ? 298 GLU B OE2 1 
ATOM   638 N N   . ASP B 1 32 ? 6.326   2.956   -3.194  1.00 50.14  ? 299 ASP B N   1 
ATOM   639 C CA  . ASP B 1 32 ? 6.894   1.937   -4.070  1.00 43.09  ? 299 ASP B CA  1 
ATOM   640 C C   . ASP B 1 32 ? 6.045   1.760   -5.321  1.00 42.52  ? 299 ASP B C   1 
ATOM   641 O O   . ASP B 1 32 ? 6.576   1.590   -6.424  1.00 48.58  ? 299 ASP B O   1 
ATOM   642 C CB  . ASP B 1 32 ? 7.027   0.612   -3.318  1.00 43.29  ? 299 ASP B CB  1 
ATOM   643 C CG  . ASP B 1 32 ? 8.012   -0.342  -3.975  1.00 53.18  ? 299 ASP B CG  1 
ATOM   644 O OD1 . ASP B 1 32 ? 8.402   -0.101  -5.137  1.00 63.65  ? 299 ASP B OD1 1 
ATOM   645 O OD2 . ASP B 1 32 ? 8.396   -1.339  -3.328  1.00 48.25  ? 299 ASP B OD2 1 
ATOM   646 N N   . LEU B 1 33 ? 4.718   1.806   -5.169  1.00 45.37  ? 300 LEU B N   1 
ATOM   647 C CA  . LEU B 1 33 ? 3.837   1.666   -6.322  1.00 52.92  ? 300 LEU B CA  1 
ATOM   648 C C   . LEU B 1 33 ? 4.022   2.817   -7.305  1.00 51.15  ? 300 LEU B C   1 
ATOM   649 O O   . LEU B 1 33 ? 4.066   2.602   -8.522  1.00 48.68  ? 300 LEU B O   1 
ATOM   650 C CB  . LEU B 1 33 ? 2.381   1.580   -5.863  1.00 45.75  ? 300 LEU B CB  1 
ATOM   651 C CG  . LEU B 1 33 ? 1.326   1.378   -6.953  1.00 53.84  ? 300 LEU B CG  1 
ATOM   652 C CD1 . LEU B 1 33 ? 1.671   0.179   -7.825  1.00 48.53  ? 300 LEU B CD1 1 
ATOM   653 C CD2 . LEU B 1 33 ? -0.057  1.219   -6.341  1.00 58.26  ? 300 LEU B CD2 1 
ATOM   654 N N   . GLU B 1 34 ? 4.142   4.046   -6.796  1.00 46.05  ? 301 GLU B N   1 
ATOM   655 C CA  . GLU B 1 34 ? 4.311   5.196   -7.679  1.00 56.08  ? 301 GLU B CA  1 
ATOM   656 C C   . GLU B 1 34 ? 5.645   5.143   -8.413  1.00 60.79  ? 301 GLU B C   1 
ATOM   657 O O   . GLU B 1 34 ? 5.706   5.405   -9.621  1.00 56.60  ? 301 GLU B O   1 
ATOM   658 C CB  . GLU B 1 34 ? 4.191   6.497   -6.884  1.00 48.48  ? 301 GLU B CB  1 
ATOM   659 C CG  . GLU B 1 34 ? 4.496   7.747   -7.697  1.00 47.90  ? 301 GLU B CG  1 
ATOM   660 C CD  . GLU B 1 34 ? 4.818   8.951   -6.830  1.00 69.14  ? 301 GLU B CD  1 
ATOM   661 O OE1 . GLU B 1 34 ? 3.898   9.746   -6.547  1.00 69.07  ? 301 GLU B OE1 1 
ATOM   662 O OE2 . GLU B 1 34 ? 5.993   9.102   -6.432  1.00 72.84  ? 301 GLU B OE2 1 
ATOM   663 N N   . ARG B 1 35 ? 6.726   4.808   -7.703  1.00 47.18  ? 302 ARG B N   1 
ATOM   664 C CA  . ARG B 1 35 ? 8.032   4.722   -8.347  1.00 59.88  ? 302 ARG B CA  1 
ATOM   665 C C   . ARG B 1 35 ? 8.099   3.561   -9.329  1.00 55.00  ? 302 ARG B C   1 
ATOM   666 O O   . ARG B 1 35 ? 8.823   3.637   -10.328 1.00 65.44  ? 302 ARG B O   1 
ATOM   667 C CB  . ARG B 1 35 ? 9.133   4.587   -7.295  1.00 57.70  ? 302 ARG B CB  1 
ATOM   668 C CG  . ARG B 1 35 ? 9.298   5.806   -6.402  1.00 63.06  ? 302 ARG B CG  1 
ATOM   669 C CD  . ARG B 1 35 ? 10.510  5.660   -5.496  1.00 79.12  ? 302 ARG B CD  1 
ATOM   670 N NE  . ARG B 1 35 ? 10.485  4.404   -4.753  1.00 76.96  ? 302 ARG B NE  1 
ATOM   671 C CZ  . ARG B 1 35 ? 10.244  4.311   -3.448  1.00 68.45  ? 302 ARG B CZ  1 
ATOM   672 N NH1 . ARG B 1 35 ? 10.006  5.405   -2.737  1.00 67.03  ? 302 ARG B NH1 1 
ATOM   673 N NH2 . ARG B 1 35 ? 10.239  3.126   -2.855  1.00 57.54  ? 302 ARG B NH2 1 
ATOM   674 N N   . SER B 1 36 ? 7.359   2.483   -9.064  1.00 46.16  ? 303 SER B N   1 
ATOM   675 C CA  . SER B 1 36 ? 7.337   1.354   -9.986  1.00 38.76  ? 303 SER B CA  1 
ATOM   676 C C   . SER B 1 36 ? 6.512   1.652   -11.230 1.00 59.33  ? 303 SER B C   1 
ATOM   677 O O   . SER B 1 36 ? 6.803   1.116   -12.305 1.00 52.60  ? 303 SER B O   1 
ATOM   678 C CB  . SER B 1 36 ? 6.794   0.109   -9.283  1.00 48.64  ? 303 SER B CB  1 
ATOM   679 O OG  . SER B 1 36 ? 7.576   -0.217  -8.147  1.00 50.36  ? 303 SER B OG  1 
ATOM   680 N N   . GLU B 1 37 ? 5.487   2.499   -11.106 1.00 50.22  ? 304 GLU B N   1 
ATOM   681 C CA  . GLU B 1 37 ? 4.657   2.824   -12.261 1.00 52.08  ? 304 GLU B CA  1 
ATOM   682 C C   . GLU B 1 37 ? 5.396   3.732   -13.236 1.00 47.61  ? 304 GLU B C   1 
ATOM   683 O O   . GLU B 1 37 ? 5.301   3.550   -14.454 1.00 65.51  ? 304 GLU B O   1 
ATOM   684 C CB  . GLU B 1 37 ? 3.351   3.472   -11.805 1.00 50.21  ? 304 GLU B CB  1 
ATOM   685 C CG  . GLU B 1 37 ? 2.365   2.502   -11.177 1.00 43.28  ? 304 GLU B CG  1 
ATOM   686 C CD  . GLU B 1 37 ? 1.625   1.667   -12.203 1.00 52.76  ? 304 GLU B CD  1 
ATOM   687 O OE1 . GLU B 1 37 ? 1.775   1.934   -13.414 1.00 60.05  ? 304 GLU B OE1 1 
ATOM   688 O OE2 . GLU B 1 37 ? 0.890   0.742   -11.798 1.00 55.52  ? 304 GLU B OE2 1 
ATOM   689 N N   . GLU B 1 38 ? 6.133   4.720   -12.721 1.00 44.13  ? 305 GLU B N   1 
ATOM   690 C CA  . GLU B 1 38 ? 6.906   5.587   -13.603 1.00 59.63  ? 305 GLU B CA  1 
ATOM   691 C C   . GLU B 1 38 ? 8.079   4.843   -14.226 1.00 64.94  ? 305 GLU B C   1 
ATOM   692 O O   . GLU B 1 38 ? 8.486   5.161   -15.350 1.00 68.02  ? 305 GLU B O   1 
ATOM   693 C CB  . GLU B 1 38 ? 7.390   6.824   -12.845 1.00 57.70  ? 305 GLU B CB  1 
ATOM   694 C CG  . GLU B 1 38 ? 8.319   6.531   -11.678 1.00 74.01  ? 305 GLU B CG  1 
ATOM   695 C CD  . GLU B 1 38 ? 9.089   7.756   -11.228 1.00 102.81 ? 305 GLU B CD  1 
ATOM   696 O OE1 . GLU B 1 38 ? 9.712   8.418   -12.085 1.00 100.85 ? 305 GLU B OE1 1 
ATOM   697 O OE2 . GLU B 1 38 ? 9.071   8.060   -10.016 1.00 102.99 ? 305 GLU B OE2 1 
ATOM   698 N N   . ARG B 1 39 ? 8.635   3.856   -13.519 1.00 58.30  ? 306 ARG B N   1 
ATOM   699 C CA  . ARG B 1 39 ? 9.653   3.004   -14.122 1.00 62.11  ? 306 ARG B CA  1 
ATOM   700 C C   . ARG B 1 39 ? 9.053   2.090   -15.180 1.00 66.43  ? 306 ARG B C   1 
ATOM   701 O O   . ARG B 1 39 ? 9.708   1.791   -16.185 1.00 75.20  ? 306 ARG B O   1 
ATOM   702 C CB  . ARG B 1 39 ? 10.359  2.178   -13.046 1.00 57.53  ? 306 ARG B CB  1 
ATOM   703 C CG  . ARG B 1 39 ? 11.502  2.900   -12.352 1.00 71.45  ? 306 ARG B CG  1 
ATOM   704 C CD  . ARG B 1 39 ? 11.927  2.171   -11.086 1.00 86.63  ? 306 ARG B CD  1 
ATOM   705 N NE  . ARG B 1 39 ? 12.479  0.850   -11.374 1.00 73.93  ? 306 ARG B NE  1 
ATOM   706 C CZ  . ARG B 1 39 ? 12.228  -0.238  -10.653 1.00 84.33  ? 306 ARG B CZ  1 
ATOM   707 N NH1 . ARG B 1 39 ? 11.431  -0.167  -9.595  1.00 84.43  ? 306 ARG B NH1 1 
ATOM   708 N NH2 . ARG B 1 39 ? 12.774  -1.399  -10.990 1.00 83.48  ? 306 ARG B NH2 1 
ATOM   709 N N   . LEU B 1 40 ? 7.814   1.639   -14.972 1.00 65.45  ? 307 LEU B N   1 
ATOM   710 C CA  . LEU B 1 40 ? 7.154   0.795   -15.963 1.00 69.54  ? 307 LEU B CA  1 
ATOM   711 C C   . LEU B 1 40 ? 6.765   1.601   -17.196 1.00 66.61  ? 307 LEU B C   1 
ATOM   712 O O   . LEU B 1 40 ? 6.992   1.168   -18.330 1.00 71.22  ? 307 LEU B O   1 
ATOM   713 C CB  . LEU B 1 40 ? 5.926   0.124   -15.348 1.00 44.20  ? 307 LEU B CB  1 
ATOM   714 C CG  . LEU B 1 40 ? 5.004   -0.597  -16.335 1.00 60.81  ? 307 LEU B CG  1 
ATOM   715 C CD1 . LEU B 1 40 ? 5.590   -1.944  -16.735 1.00 53.55  ? 307 LEU B CD1 1 
ATOM   716 C CD2 . LEU B 1 40 ? 3.608   -0.762  -15.757 1.00 48.05  ? 307 LEU B CD2 1 
ATOM   717 N N   . GLY B 1 41 ? 6.175   2.782   -16.989 1.00 60.13  ? 308 GLY B N   1 
ATOM   718 C CA  . GLY B 1 41 ? 5.761   3.602   -18.115 1.00 68.62  ? 308 GLY B CA  1 
ATOM   719 C C   . GLY B 1 41 ? 6.909   4.000   -19.019 1.00 70.93  ? 308 GLY B C   1 
ATOM   720 O O   . GLY B 1 41 ? 6.739   4.101   -20.237 1.00 77.16  ? 308 GLY B O   1 
ATOM   721 N N   . SER B 1 42 ? 8.091   4.229   -18.445 1.00 68.48  ? 309 SER B N   1 
ATOM   722 C CA  . SER B 1 42 ? 9.258   4.562   -19.253 1.00 73.78  ? 309 SER B CA  1 
ATOM   723 C C   . SER B 1 42 ? 9.854   3.331   -19.923 1.00 86.34  ? 309 SER B C   1 
ATOM   724 O O   . SER B 1 42 ? 10.463  3.447   -20.992 1.00 84.09  ? 309 SER B O   1 
ATOM   725 C CB  . SER B 1 42 ? 10.315  5.256   -18.393 1.00 61.59  ? 309 SER B CB  1 
ATOM   726 O OG  . SER B 1 42 ? 11.194  4.314   -17.803 1.00 89.17  ? 309 SER B OG  1 
ATOM   727 N N   . ALA B 1 43 ? 9.692   2.153   -19.317 1.00 82.06  ? 310 ALA B N   1 
ATOM   728 C CA  . ALA B 1 43 ? 10.220  0.931   -19.913 1.00 74.49  ? 310 ALA B CA  1 
ATOM   729 C C   . ALA B 1 43 ? 9.379   0.476   -21.100 1.00 76.89  ? 310 ALA B C   1 
ATOM   730 O O   . ALA B 1 43 ? 9.922   -0.018  -22.093 1.00 84.66  ? 310 ALA B O   1 
ATOM   731 C CB  . ALA B 1 43 ? 10.303  -0.175  -18.862 1.00 60.66  ? 310 ALA B CB  1 
ATOM   732 N N   . THR B 1 44 ? 8.056   0.635   -21.016 1.00 78.81  ? 311 THR B N   1 
ATOM   733 C CA  . THR B 1 44 ? 7.192   0.241   -22.124 1.00 83.48  ? 311 THR B CA  1 
ATOM   734 C C   . THR B 1 44 ? 7.238   1.257   -23.259 1.00 85.49  ? 311 THR B C   1 
ATOM   735 O O   . THR B 1 44 ? 7.218   0.876   -24.435 1.00 92.09  ? 311 THR B O   1 
ATOM   736 C CB  . THR B 1 44 ? 5.753   0.059   -21.639 1.00 73.51  ? 311 THR B CB  1 
ATOM   737 O OG1 . THR B 1 44 ? 5.194   1.335   -21.302 1.00 83.42  ? 311 THR B OG1 1 
ATOM   738 C CG2 . THR B 1 44 ? 5.708   -0.855  -20.423 1.00 79.66  ? 311 THR B CG2 1 
ATOM   739 N N   . ALA B 1 45 ? 7.295   2.550   -22.928 1.00 80.23  ? 312 ALA B N   1 
ATOM   740 C CA  . ALA B 1 45 ? 7.378   3.573   -23.964 1.00 91.61  ? 312 ALA B CA  1 
ATOM   741 C C   . ALA B 1 45 ? 8.685   3.481   -24.741 1.00 92.49  ? 312 ALA B C   1 
ATOM   742 O O   . ALA B 1 45 ? 8.717   3.786   -25.938 1.00 94.83  ? 312 ALA B O   1 
ATOM   743 C CB  . ALA B 1 45 ? 7.222   4.964   -23.350 1.00 69.40  ? 312 ALA B CB  1 
ATOM   744 N N   . LYS B 1 46 ? 9.767   3.063   -24.081 1.00 89.65  ? 313 LYS B N   1 
ATOM   745 C CA  . LYS B 1 46 ? 11.035  2.883   -24.776 1.00 86.38  ? 313 LYS B CA  1 
ATOM   746 C C   . LYS B 1 46 ? 11.104  1.539   -25.491 1.00 98.97  ? 313 LYS B C   1 
ATOM   747 O O   . LYS B 1 46 ? 11.820  1.411   -26.491 1.00 111.15 ? 313 LYS B O   1 
ATOM   748 C CB  . LYS B 1 46 ? 12.197  3.017   -23.791 1.00 84.25  ? 313 LYS B CB  1 
ATOM   749 C CG  . LYS B 1 46 ? 13.516  3.394   -24.441 1.00 113.71 ? 313 LYS B CG  1 
ATOM   750 C CD  . LYS B 1 46 ? 14.505  2.244   -24.377 1.00 118.97 ? 313 LYS B CD  1 
ATOM   751 C CE  . LYS B 1 46 ? 15.604  2.409   -25.408 1.00 106.59 ? 313 LYS B CE  1 
ATOM   752 N NZ  . LYS B 1 46 ? 16.819  1.620   -25.065 1.00 95.68  ? 313 LYS B NZ  1 
ATOM   753 N N   . LEU B 1 47 ? 10.373  0.535   -25.000 1.00 85.67  ? 314 LEU B N   1 
ATOM   754 C CA  . LEU B 1 47 ? 10.331  -0.752  -25.687 1.00 89.51  ? 314 LEU B CA  1 
ATOM   755 C C   . LEU B 1 47 ? 9.497   -0.667  -26.959 1.00 101.38 ? 314 LEU B C   1 
ATOM   756 O O   . LEU B 1 47 ? 9.836   -1.287  -27.974 1.00 109.09 ? 314 LEU B O   1 
ATOM   757 C CB  . LEU B 1 47 ? 9.780   -1.829  -24.753 1.00 87.50  ? 314 LEU B CB  1 
ATOM   758 C CG  . LEU B 1 47 ? 9.539   -3.215  -25.353 1.00 95.22  ? 314 LEU B CG  1 
ATOM   759 C CD1 . LEU B 1 47 ? 10.245  -4.284  -24.534 1.00 93.30  ? 314 LEU B CD1 1 
ATOM   760 C CD2 . LEU B 1 47 ? 8.049   -3.508  -25.451 1.00 95.48  ? 314 LEU B CD2 1 
ATOM   761 N N   . SER B 1 48 ? 8.399   0.092   -26.922 1.00 97.85  ? 315 SER B N   1 
ATOM   762 C CA  . SER B 1 48 ? 7.587   0.278   -28.119 1.00 108.24 ? 315 SER B CA  1 
ATOM   763 C C   . SER B 1 48 ? 8.313   1.130   -29.151 1.00 119.32 ? 315 SER B C   1 
ATOM   764 O O   . SER B 1 48 ? 8.116   0.946   -30.357 1.00 124.33 ? 315 SER B O   1 
ATOM   765 C CB  . SER B 1 48 ? 6.244   0.911   -27.749 1.00 99.61  ? 315 SER B CB  1 
ATOM   766 O OG  . SER B 1 48 ? 5.675   1.590   -28.855 1.00 105.64 ? 315 SER B OG  1 
ATOM   767 N N   . GLU B 1 49 ? 9.150   2.063   -28.698 1.00 117.38 ? 316 GLU B N   1 
ATOM   768 C CA  . GLU B 1 49 ? 10.001  2.832   -29.595 1.00 114.37 ? 316 GLU B CA  1 
ATOM   769 C C   . GLU B 1 49 ? 11.057  1.968   -30.273 1.00 117.40 ? 316 GLU B C   1 
ATOM   770 O O   . GLU B 1 49 ? 11.448  2.266   -31.407 1.00 121.89 ? 316 GLU B O   1 
ATOM   771 C CB  . GLU B 1 49 ? 10.673  3.970   -28.821 1.00 112.00 ? 316 GLU B CB  1 
ATOM   772 C CG  . GLU B 1 49 ? 11.526  4.901   -29.671 1.00 124.38 ? 316 GLU B CG  1 
ATOM   773 C CD  . GLU B 1 49 ? 11.527  6.322   -29.146 1.00 124.62 ? 316 GLU B CD  1 
ATOM   774 O OE1 . GLU B 1 49 ? 10.581  7.079   -29.448 1.00 127.79 ? 316 GLU B OE1 1 
ATOM   775 O OE2 . GLU B 1 49 ? 12.470  6.680   -28.411 1.00 119.19 ? 316 GLU B OE2 1 
ATOM   776 N N   . ALA B 1 50 ? 11.517  0.906   -29.612 1.00 116.49 ? 317 ALA B N   1 
ATOM   777 C CA  . ALA B 1 50 ? 12.492  -0.008  -30.186 1.00 108.78 ? 317 ALA B CA  1 
ATOM   778 C C   . ALA B 1 50 ? 11.839  -1.171  -30.927 1.00 121.52 ? 317 ALA B C   1 
ATOM   779 O O   . ALA B 1 50 ? 12.451  -2.239  -31.054 1.00 126.43 ? 317 ALA B O   1 
ATOM   780 C CB  . ALA B 1 50 ? 13.428  -0.536  -29.097 1.00 90.23  ? 317 ALA B CB  1 
ATOM   781 N N   . SER B 1 51 ? 10.609  -0.993  -31.406 1.00 124.44 ? 318 SER B N   1 
ATOM   782 C CA  . SER B 1 51 ? 9.895   -2.033  -32.130 1.00 127.91 ? 318 SER B CA  1 
ATOM   783 C C   . SER B 1 51 ? 9.230   -1.420  -33.355 1.00 133.43 ? 318 SER B C   1 
ATOM   784 O O   . SER B 1 51 ? 9.101   -0.199  -33.475 1.00 126.91 ? 318 SER B O   1 
ATOM   785 C CB  . SER B 1 51 ? 8.856   -2.728  -31.239 1.00 120.49 ? 318 SER B CB  1 
ATOM   786 O OG  . SER B 1 51 ? 9.360   -2.926  -29.930 1.00 115.19 ? 318 SER B OG  1 
ATOM   787 N N   . GLN B 1 52 ? 8.805   -2.285  -34.270 1.00 140.34 ? 319 GLN B N   1 
ATOM   788 C CA  . GLN B 1 52 ? 8.158   -1.838  -35.498 1.00 142.21 ? 319 GLN B CA  1 
ATOM   789 C C   . GLN B 1 52 ? 6.698   -2.276  -35.540 1.00 136.79 ? 319 GLN B C   1 
ATOM   790 O O   . GLN B 1 52 ? 5.951   -2.068  -34.584 1.00 139.72 ? 319 GLN B O   1 
ATOM   791 C CB  . GLN B 1 52 ? 8.905   -2.373  -36.723 1.00 141.57 ? 319 GLN B CB  1 
ATOM   792 C CG  . GLN B 1 52 ? 9.186   -3.866  -36.676 1.00 131.95 ? 319 GLN B CG  1 
ATOM   793 C CD  . GLN B 1 52 ? 10.555  -4.184  -36.105 1.00 129.35 ? 319 GLN B CD  1 
ATOM   794 O OE1 . GLN B 1 52 ? 11.266  -3.297  -35.633 1.00 132.66 ? 319 GLN B OE1 1 
ATOM   795 N NE2 . GLN B 1 52 ? 10.929  -5.458  -36.143 1.00 112.95 ? 319 GLN B NE2 1 
HETATM 796 O O   . HOH C 2 .  ? -10.492 -6.565  -0.623  1.00 61.95  ? 401 HOH A O   1 
HETATM 797 O O   . HOH C 2 .  ? -1.658  -5.854  5.469   1.00 53.58  ? 402 HOH A O   1 
HETATM 798 O O   . HOH C 2 .  ? -0.496  -7.784  3.317   1.00 60.54  ? 403 HOH A O   1 
HETATM 799 O O   . HOH C 2 .  ? -0.515  -10.624 -1.456  1.00 69.91  ? 404 HOH A O   1 
HETATM 800 O O   . HOH C 2 .  ? 4.392   -10.221 -15.065 1.00 60.12  ? 405 HOH A O   1 
HETATM 801 O O   . HOH C 2 .  ? -9.554  2.056   3.941   1.00 56.68  ? 406 HOH A O   1 
HETATM 802 O O   . HOH C 2 .  ? 0.452   -5.544  -12.877 1.00 57.39  ? 407 HOH A O   1 
HETATM 803 O O   . HOH C 2 .  ? 0.790   -3.202  -14.260 1.00 50.68  ? 408 HOH A O   1 
HETATM 804 O O   . HOH C 2 .  ? -1.734  -5.333  -11.304 1.00 55.15  ? 409 HOH A O   1 
HETATM 805 O O   . HOH C 2 .  ? -8.512  -8.001  0.226   1.00 61.24  ? 410 HOH A O   1 
HETATM 806 O O   . HOH D 2 .  ? 5.567   10.055  2.651   1.00 93.85  ? 401 HOH B O   1 
HETATM 807 O O   . HOH D 2 .  ? 0.531   5.774   -5.663  1.00 45.23  ? 402 HOH B O   1 
HETATM 808 O O   . HOH D 2 .  ? 2.811   3.083   -15.766 1.00 60.56  ? 403 HOH B O   1 
HETATM 809 O O   . HOH D 2 .  ? 10.740  0.593   -6.926  1.00 81.98  ? 404 HOH B O   1 
# 
